data_2G35
#
_entry.id   2G35
#
loop_
_entity.id
_entity.type
_entity.pdbx_description
1 polymer Talin-1
2 polymer peptide
#
loop_
_entity_poly.entity_id
_entity_poly.type
_entity_poly.pdbx_seq_one_letter_code
_entity_poly.pdbx_strand_id
1 'polypeptide(L)'
;LKTYGVSFFLVKEKMKGKNKLVPRLLGITKECVMRVDEKTKEVIQEWSLTNIKRWAASPKSFTLDFGDYQDGYYSVQTTE
GEQIAQLIAGYIDIILKKKK
;
A
2 'polypeptide(L)' SWV(PTR)SPLH B
#
# COMPACT_ATOMS: atom_id res chain seq x y z
N LEU A 1 -13.94 -9.32 -9.75
CA LEU A 1 -12.46 -9.42 -9.97
C LEU A 1 -11.74 -8.90 -8.72
N LYS A 2 -12.12 -9.38 -7.58
CA LYS A 2 -11.47 -8.94 -6.32
C LYS A 2 -10.04 -9.48 -6.27
N THR A 3 -9.56 -10.00 -7.36
CA THR A 3 -8.18 -10.55 -7.38
C THR A 3 -7.78 -10.89 -8.82
N TYR A 4 -7.73 -9.88 -9.66
CA TYR A 4 -7.33 -10.11 -11.09
C TYR A 4 -6.28 -9.08 -11.51
N GLY A 5 -5.08 -9.50 -11.72
CA GLY A 5 -4.00 -8.54 -12.12
C GLY A 5 -3.53 -7.75 -10.89
N VAL A 6 -4.11 -8.01 -9.75
CA VAL A 6 -3.69 -7.28 -8.52
C VAL A 6 -2.55 -8.04 -7.84
N SER A 7 -1.49 -7.36 -7.53
CA SER A 7 -0.33 -8.03 -6.87
C SER A 7 -0.50 -7.97 -5.35
N PHE A 8 -0.57 -9.11 -4.71
CA PHE A 8 -0.73 -9.16 -3.23
C PHE A 8 0.65 -9.26 -2.57
N PHE A 9 0.85 -8.58 -1.46
CA PHE A 9 2.16 -8.63 -0.75
C PHE A 9 1.92 -9.05 0.71
N LEU A 10 2.64 -10.02 1.18
CA LEU A 10 2.45 -10.47 2.59
C LEU A 10 3.10 -9.48 3.53
N VAL A 11 2.31 -8.67 4.16
CA VAL A 11 2.84 -7.66 5.13
C VAL A 11 2.31 -8.02 6.51
N LYS A 12 3.01 -7.68 7.55
CA LYS A 12 2.54 -8.01 8.92
C LYS A 12 2.07 -6.72 9.60
N GLU A 13 1.05 -6.83 10.41
CA GLU A 13 0.50 -5.62 11.11
C GLU A 13 0.73 -5.75 12.62
N LYS A 14 0.67 -4.66 13.32
CA LYS A 14 0.88 -4.68 14.80
C LYS A 14 -0.46 -4.44 15.49
N MET A 15 -1.04 -5.46 16.05
CA MET A 15 -2.35 -5.29 16.74
C MET A 15 -2.16 -4.46 18.00
N LYS A 16 -3.20 -3.75 18.41
CA LYS A 16 -3.17 -2.85 19.62
C LYS A 16 -1.79 -2.75 20.26
N GLY A 17 -1.35 -3.79 20.91
CA GLY A 17 -0.01 -3.77 21.55
C GLY A 17 0.56 -5.18 21.60
N LYS A 18 -0.13 -6.14 21.03
CA LYS A 18 0.40 -7.53 21.06
C LYS A 18 1.86 -7.52 20.61
N ASN A 19 2.75 -8.04 21.41
CA ASN A 19 4.16 -8.10 20.98
C ASN A 19 4.19 -8.95 19.72
N LYS A 20 3.07 -9.54 19.43
CA LYS A 20 2.94 -10.41 18.24
C LYS A 20 2.74 -9.55 16.99
N LEU A 21 2.51 -10.19 15.88
CA LEU A 21 2.29 -9.48 14.58
C LEU A 21 1.13 -10.19 13.86
N VAL A 22 0.47 -9.53 12.95
CA VAL A 22 -0.66 -10.19 12.22
C VAL A 22 -0.39 -10.15 10.69
N PRO A 23 -0.19 -11.31 10.06
CA PRO A 23 0.04 -11.35 8.59
C PRO A 23 -1.13 -10.70 7.84
N ARG A 24 -0.85 -10.08 6.74
CA ARG A 24 -1.92 -9.43 5.93
C ARG A 24 -1.46 -9.37 4.47
N LEU A 25 -2.38 -9.47 3.54
CA LEU A 25 -2.01 -9.42 2.10
C LEU A 25 -2.39 -8.02 1.59
N LEU A 26 -1.58 -7.42 0.76
CA LEU A 26 -1.88 -6.04 0.25
C LEU A 26 -1.92 -6.05 -1.28
N GLY A 27 -3.10 -5.91 -1.83
CA GLY A 27 -3.28 -5.91 -3.31
C GLY A 27 -2.99 -4.53 -3.89
N ILE A 28 -2.06 -4.45 -4.80
CA ILE A 28 -1.73 -3.14 -5.45
C ILE A 28 -2.33 -3.15 -6.86
N THR A 29 -3.33 -2.34 -7.09
CA THR A 29 -3.97 -2.31 -8.45
C THR A 29 -3.34 -1.20 -9.28
N LYS A 30 -3.66 -1.16 -10.54
CA LYS A 30 -3.08 -0.12 -11.43
C LYS A 30 -3.69 1.25 -11.09
N GLU A 31 -4.82 1.25 -10.43
CA GLU A 31 -5.48 2.54 -10.08
C GLU A 31 -5.98 2.51 -8.63
N CYS A 32 -5.56 1.56 -7.84
CA CYS A 32 -6.04 1.50 -6.44
C CYS A 32 -5.24 0.47 -5.63
N VAL A 33 -5.28 0.58 -4.33
CA VAL A 33 -4.58 -0.40 -3.44
C VAL A 33 -5.64 -1.03 -2.54
N MET A 34 -5.52 -2.30 -2.22
CA MET A 34 -6.58 -2.94 -1.39
C MET A 34 -5.97 -3.67 -0.19
N ARG A 35 -6.70 -3.71 0.90
CA ARG A 35 -6.19 -4.44 2.09
C ARG A 35 -6.76 -5.84 2.04
N VAL A 36 -5.92 -6.83 1.82
CA VAL A 36 -6.40 -8.23 1.72
C VAL A 36 -5.91 -9.02 2.94
N ASP A 37 -6.81 -9.65 3.64
CA ASP A 37 -6.41 -10.43 4.83
C ASP A 37 -5.61 -11.66 4.39
N GLU A 38 -4.68 -12.07 5.20
CA GLU A 38 -3.86 -13.27 4.86
C GLU A 38 -4.59 -14.48 5.41
N LYS A 39 -5.44 -14.22 6.34
CA LYS A 39 -6.24 -15.28 6.99
C LYS A 39 -7.35 -15.73 6.05
N THR A 40 -8.13 -14.81 5.57
CA THR A 40 -9.26 -15.15 4.66
C THR A 40 -8.87 -14.86 3.20
N LYS A 41 -7.71 -14.30 2.95
CA LYS A 41 -7.33 -14.02 1.54
C LYS A 41 -8.46 -13.23 0.86
N GLU A 42 -9.27 -12.55 1.64
CA GLU A 42 -10.40 -11.75 1.06
C GLU A 42 -10.01 -10.26 1.06
N VAL A 43 -10.69 -9.46 0.29
CA VAL A 43 -10.37 -8.00 0.26
C VAL A 43 -11.04 -7.32 1.46
N ILE A 44 -10.26 -6.69 2.30
CA ILE A 44 -10.83 -6.02 3.49
C ILE A 44 -11.04 -4.53 3.21
N GLN A 45 -10.23 -3.94 2.36
CA GLN A 45 -10.41 -2.48 2.06
C GLN A 45 -9.97 -2.17 0.63
N GLU A 46 -10.32 -1.02 0.16
CA GLU A 46 -9.96 -0.56 -1.22
C GLU A 46 -9.50 0.91 -1.15
N TRP A 47 -8.50 1.27 -1.91
CA TRP A 47 -8.00 2.68 -1.88
C TRP A 47 -7.67 3.14 -3.29
N SER A 48 -7.73 4.42 -3.55
CA SER A 48 -7.41 4.93 -4.91
C SER A 48 -5.92 5.32 -4.96
N LEU A 49 -5.28 5.05 -6.06
CA LEU A 49 -3.83 5.41 -6.17
C LEU A 49 -3.70 6.94 -6.15
N THR A 50 -4.74 7.64 -6.50
CA THR A 50 -4.68 9.12 -6.50
C THR A 50 -4.89 9.65 -5.07
N ASN A 51 -5.19 8.77 -4.15
CA ASN A 51 -5.41 9.22 -2.74
C ASN A 51 -4.09 9.20 -1.98
N ILE A 52 -3.22 8.28 -2.29
CA ILE A 52 -1.92 8.21 -1.57
C ILE A 52 -1.18 9.54 -1.72
N LYS A 53 -0.86 10.19 -0.63
CA LYS A 53 -0.14 11.48 -0.71
C LYS A 53 1.37 11.22 -0.72
N ARG A 54 1.85 10.41 0.18
CA ARG A 54 3.32 10.12 0.24
C ARG A 54 3.54 8.75 0.86
N TRP A 55 4.77 8.33 0.93
CA TRP A 55 5.07 7.01 1.55
C TRP A 55 6.52 6.99 2.02
N ALA A 56 6.90 5.97 2.74
CA ALA A 56 8.31 5.88 3.21
C ALA A 56 8.69 4.40 3.28
N ALA A 57 9.57 3.95 2.42
CA ALA A 57 9.97 2.51 2.42
C ALA A 57 11.29 2.33 3.17
N SER A 58 11.31 1.43 4.12
CA SER A 58 12.55 1.16 4.90
C SER A 58 12.84 -0.35 4.84
N PRO A 59 14.08 -0.74 5.04
CA PRO A 59 14.45 -2.18 5.00
C PRO A 59 13.69 -2.97 6.08
N LYS A 60 12.57 -2.47 6.55
CA LYS A 60 11.82 -3.22 7.62
C LYS A 60 10.33 -3.04 7.44
N SER A 61 9.88 -1.86 7.09
CA SER A 61 8.41 -1.63 6.94
C SER A 61 8.09 -0.63 5.83
N PHE A 62 6.84 -0.54 5.46
CA PHE A 62 6.38 0.40 4.40
C PHE A 62 5.29 1.31 4.99
N THR A 63 5.29 2.57 4.66
CA THR A 63 4.25 3.50 5.23
C THR A 63 3.61 4.30 4.10
N LEU A 64 2.33 4.58 4.22
CA LEU A 64 1.61 5.38 3.17
C LEU A 64 0.70 6.40 3.87
N ASP A 65 0.41 7.49 3.22
CA ASP A 65 -0.47 8.54 3.83
C ASP A 65 -1.56 8.92 2.82
N PHE A 66 -2.80 8.86 3.24
CA PHE A 66 -3.91 9.23 2.33
C PHE A 66 -4.12 10.74 2.39
N GLY A 67 -3.32 11.41 3.17
CA GLY A 67 -3.46 12.89 3.29
C GLY A 67 -4.52 13.20 4.35
N ASP A 68 -5.24 12.20 4.79
CA ASP A 68 -6.29 12.43 5.81
C ASP A 68 -5.72 12.18 7.21
N TYR A 69 -5.13 13.18 7.81
CA TYR A 69 -4.57 12.99 9.18
C TYR A 69 -5.58 12.27 10.05
N GLN A 70 -6.81 12.70 10.01
CA GLN A 70 -7.86 12.05 10.84
C GLN A 70 -7.80 10.54 10.65
N ASP A 71 -7.78 10.08 9.42
CA ASP A 71 -7.71 8.62 9.18
C ASP A 71 -6.41 8.08 9.76
N GLY A 72 -5.38 8.89 9.75
CA GLY A 72 -4.07 8.44 10.31
C GLY A 72 -3.29 7.69 9.22
N TYR A 73 -2.00 7.55 9.39
CA TYR A 73 -1.19 6.84 8.38
C TYR A 73 -1.41 5.33 8.49
N TYR A 74 -0.95 4.59 7.52
CA TYR A 74 -1.11 3.10 7.54
C TYR A 74 0.24 2.48 7.23
N SER A 75 0.88 1.90 8.20
CA SER A 75 2.22 1.27 8.00
C SER A 75 2.18 -0.20 8.40
N VAL A 76 3.02 -0.99 7.79
CA VAL A 76 3.05 -2.45 8.13
C VAL A 76 4.47 -2.98 7.88
N GLN A 77 4.77 -4.16 8.34
CA GLN A 77 6.13 -4.72 8.13
C GLN A 77 6.26 -5.25 6.69
N THR A 78 7.32 -4.90 6.02
CA THR A 78 7.53 -5.38 4.63
C THR A 78 9.03 -5.48 4.35
N THR A 79 9.50 -6.67 4.11
CA THR A 79 10.95 -6.82 3.82
C THR A 79 11.24 -6.18 2.46
N GLU A 80 10.22 -6.01 1.65
CA GLU A 80 10.40 -5.40 0.31
C GLU A 80 9.62 -4.09 0.24
N GLY A 81 9.49 -3.41 1.34
CA GLY A 81 8.75 -2.11 1.35
C GLY A 81 9.25 -1.25 0.19
N GLU A 82 10.38 -1.58 -0.35
CA GLU A 82 10.92 -0.78 -1.49
C GLU A 82 10.16 -1.16 -2.77
N GLN A 83 10.18 -2.41 -3.11
CA GLN A 83 9.46 -2.86 -4.33
C GLN A 83 8.02 -2.38 -4.24
N ILE A 84 7.41 -2.58 -3.11
CA ILE A 84 6.01 -2.13 -2.94
C ILE A 84 5.95 -0.64 -3.30
N ALA A 85 7.03 0.06 -3.05
CA ALA A 85 7.07 1.51 -3.39
C ALA A 85 7.46 1.66 -4.86
N GLN A 86 8.23 0.74 -5.38
CA GLN A 86 8.62 0.81 -6.80
C GLN A 86 7.46 0.35 -7.66
N LEU A 87 6.76 -0.65 -7.19
CA LEU A 87 5.59 -1.16 -7.96
C LEU A 87 4.52 -0.09 -7.90
N ILE A 88 4.37 0.52 -6.77
CA ILE A 88 3.36 1.60 -6.61
C ILE A 88 3.87 2.84 -7.33
N ALA A 89 5.05 3.27 -7.01
CA ALA A 89 5.61 4.48 -7.68
C ALA A 89 5.62 4.24 -9.19
N GLY A 90 5.49 3.01 -9.60
CA GLY A 90 5.51 2.69 -11.06
C GLY A 90 4.10 2.83 -11.65
N TYR A 91 3.08 2.44 -10.91
CA TYR A 91 1.70 2.56 -11.47
C TYR A 91 1.31 4.04 -11.53
N ILE A 92 1.79 4.82 -10.61
CA ILE A 92 1.44 6.26 -10.60
C ILE A 92 1.98 6.93 -11.88
N ASP A 93 3.00 6.38 -12.46
CA ASP A 93 3.58 6.98 -13.70
C ASP A 93 2.81 6.48 -14.93
N ILE A 94 2.17 5.34 -14.82
CA ILE A 94 1.42 4.79 -15.99
C ILE A 94 0.01 5.37 -16.04
N ILE A 95 -0.53 5.77 -14.93
CA ILE A 95 -1.90 6.35 -14.94
C ILE A 95 -1.82 7.81 -15.33
N LEU A 96 -0.78 8.46 -14.92
CA LEU A 96 -0.60 9.90 -15.24
C LEU A 96 -0.08 10.04 -16.68
N LYS A 97 0.55 9.03 -17.18
CA LYS A 97 1.08 9.09 -18.58
C LYS A 97 -0.07 9.02 -19.57
N LYS A 98 -1.07 8.22 -19.28
CA LYS A 98 -2.23 8.11 -20.21
C LYS A 98 -3.17 9.29 -19.99
N LYS A 99 -3.00 10.02 -18.91
CA LYS A 99 -3.89 11.17 -18.63
C LYS A 99 -3.40 12.41 -19.40
N LYS A 100 -2.19 12.39 -19.89
CA LYS A 100 -1.68 13.57 -20.63
C LYS A 100 -2.53 13.80 -21.89
N SER B 1 13.44 13.41 4.94
CA SER B 1 13.57 13.08 3.49
C SER B 1 12.21 12.67 2.94
N TRP B 2 11.68 11.55 3.36
CA TRP B 2 10.36 11.10 2.86
C TRP B 2 10.36 11.09 1.33
N VAL B 3 9.26 10.74 0.74
CA VAL B 3 9.16 10.71 -0.75
C VAL B 3 7.71 11.04 -1.13
N PTR B 4 7.51 11.78 -2.19
CA PTR B 4 6.12 12.16 -2.61
C PTR B 4 5.79 11.52 -3.95
O PTR B 4 6.46 10.61 -4.41
CB PTR B 4 6.07 13.70 -2.75
CG PTR B 4 6.01 14.35 -1.38
CD1 PTR B 4 7.09 14.20 -0.49
CD2 PTR B 4 4.89 15.11 -1.01
CE1 PTR B 4 7.04 14.82 0.77
CE2 PTR B 4 4.85 15.73 0.24
CZ PTR B 4 5.92 15.58 1.13
OH PTR B 4 5.87 16.24 2.46
P PTR B 4 5.41 15.27 3.47
O1P PTR B 4 4.14 14.64 3.00
O2P PTR B 4 5.17 15.97 4.75
O3P PTR B 4 6.43 14.22 3.66
H PTR B 4 8.28 12.09 -2.70
HA PTR B 4 5.40 11.85 -1.87
HB2 PTR B 4 5.19 13.98 -3.32
HB3 PTR B 4 6.95 14.03 -3.27
HD1 PTR B 4 7.95 13.62 -0.76
HD2 PTR B 4 4.06 15.21 -1.70
HE1 PTR B 4 7.87 14.71 1.45
HE2 PTR B 4 3.98 16.31 0.53
N SER B 5 4.74 11.98 -4.60
CA SER B 5 4.34 11.43 -5.92
C SER B 5 3.93 12.59 -6.85
N PRO B 6 4.04 12.41 -8.15
CA PRO B 6 3.67 13.50 -9.10
C PRO B 6 2.18 13.84 -8.93
N LEU B 7 1.38 12.91 -8.49
CA LEU B 7 -0.08 13.19 -8.31
C LEU B 7 -0.25 14.53 -7.58
N HIS B 8 -0.42 15.59 -8.32
CA HIS B 8 -0.62 16.93 -7.68
C HIS B 8 -2.09 17.10 -7.30
N LEU A 1 -11.31 -13.84 -4.34
CA LEU A 1 -11.35 -13.61 -5.82
C LEU A 1 -12.25 -12.42 -6.11
N LYS A 2 -12.42 -11.56 -5.16
CA LYS A 2 -13.29 -10.38 -5.36
C LYS A 2 -12.67 -9.49 -6.45
N THR A 3 -11.44 -9.72 -6.80
CA THR A 3 -10.79 -8.89 -7.85
C THR A 3 -9.48 -9.54 -8.27
N TYR A 4 -9.55 -10.74 -8.76
CA TYR A 4 -8.30 -11.43 -9.20
C TYR A 4 -7.55 -10.56 -10.20
N GLY A 5 -6.34 -10.93 -10.54
CA GLY A 5 -5.56 -10.12 -11.53
C GLY A 5 -4.86 -8.98 -10.79
N VAL A 6 -4.98 -8.95 -9.49
CA VAL A 6 -4.32 -7.87 -8.69
C VAL A 6 -3.11 -8.45 -7.97
N SER A 7 -2.03 -7.72 -7.91
CA SER A 7 -0.80 -8.24 -7.25
C SER A 7 -0.92 -8.09 -5.73
N PHE A 8 -1.01 -9.19 -5.04
CA PHE A 8 -1.11 -9.15 -3.54
C PHE A 8 0.29 -9.27 -2.93
N PHE A 9 0.52 -8.60 -1.83
CA PHE A 9 1.86 -8.66 -1.16
C PHE A 9 1.65 -9.03 0.31
N LEU A 10 2.35 -10.02 0.81
CA LEU A 10 2.18 -10.41 2.24
C LEU A 10 2.91 -9.42 3.12
N VAL A 11 2.19 -8.77 3.98
CA VAL A 11 2.80 -7.78 4.92
C VAL A 11 2.26 -8.10 6.31
N LYS A 12 2.99 -7.76 7.34
CA LYS A 12 2.51 -8.06 8.72
C LYS A 12 2.09 -6.76 9.39
N GLU A 13 0.96 -6.78 10.03
CA GLU A 13 0.43 -5.55 10.71
C GLU A 13 0.61 -5.69 12.22
N LYS A 14 0.57 -4.60 12.92
CA LYS A 14 0.75 -4.65 14.40
C LYS A 14 -0.64 -4.59 15.05
N MET A 15 -0.94 -5.56 15.84
CA MET A 15 -2.26 -5.62 16.52
C MET A 15 -2.35 -4.52 17.59
N LYS A 16 -3.56 -4.10 17.87
CA LYS A 16 -3.84 -3.02 18.87
C LYS A 16 -2.72 -2.94 19.93
N GLY A 17 -2.73 -3.84 20.88
CA GLY A 17 -1.71 -3.82 21.98
C GLY A 17 -0.86 -5.10 21.94
N LYS A 18 -1.29 -6.11 21.24
CA LYS A 18 -0.46 -7.35 21.22
C LYS A 18 0.87 -7.04 20.54
N ASN A 19 1.95 -7.31 21.20
CA ASN A 19 3.27 -7.07 20.57
C ASN A 19 3.37 -8.01 19.38
N LYS A 20 2.35 -8.81 19.20
CA LYS A 20 2.32 -9.78 18.08
C LYS A 20 2.22 -9.04 16.75
N LEU A 21 2.06 -9.78 15.70
CA LEU A 21 1.94 -9.17 14.33
C LEU A 21 0.79 -9.88 13.61
N VAL A 22 0.23 -9.27 12.59
CA VAL A 22 -0.90 -9.92 11.85
C VAL A 22 -0.59 -9.94 10.33
N PRO A 23 -0.42 -11.12 9.73
CA PRO A 23 -0.16 -11.21 8.28
C PRO A 23 -1.30 -10.54 7.51
N ARG A 24 -1.01 -9.94 6.39
CA ARG A 24 -2.07 -9.26 5.59
C ARG A 24 -1.64 -9.25 4.12
N LEU A 25 -2.58 -9.34 3.21
CA LEU A 25 -2.23 -9.30 1.76
C LEU A 25 -2.62 -7.93 1.23
N LEU A 26 -1.81 -7.34 0.38
CA LEU A 26 -2.12 -5.97 -0.15
C LEU A 26 -2.18 -5.99 -1.68
N GLY A 27 -3.37 -5.87 -2.21
CA GLY A 27 -3.57 -5.87 -3.68
C GLY A 27 -3.24 -4.50 -4.27
N ILE A 28 -2.33 -4.45 -5.21
CA ILE A 28 -1.96 -3.15 -5.85
C ILE A 28 -2.63 -3.08 -7.23
N THR A 29 -3.59 -2.21 -7.40
CA THR A 29 -4.28 -2.10 -8.72
C THR A 29 -3.62 -0.98 -9.52
N LYS A 30 -3.96 -0.86 -10.77
CA LYS A 30 -3.36 0.22 -11.61
C LYS A 30 -4.03 1.55 -11.28
N GLU A 31 -4.99 1.53 -10.40
CA GLU A 31 -5.70 2.80 -10.03
C GLU A 31 -6.11 2.78 -8.57
N CYS A 32 -5.69 1.78 -7.82
CA CYS A 32 -6.08 1.74 -6.39
C CYS A 32 -5.35 0.60 -5.66
N VAL A 33 -5.29 0.68 -4.35
CA VAL A 33 -4.63 -0.38 -3.54
C VAL A 33 -5.74 -1.16 -2.83
N MET A 34 -5.70 -2.46 -2.84
CA MET A 34 -6.79 -3.25 -2.17
C MET A 34 -6.33 -3.77 -0.81
N ARG A 35 -7.17 -3.67 0.19
CA ARG A 35 -6.79 -4.21 1.52
C ARG A 35 -7.34 -5.62 1.58
N VAL A 36 -6.50 -6.60 1.78
CA VAL A 36 -6.99 -8.01 1.80
C VAL A 36 -6.36 -8.79 2.96
N ASP A 37 -7.19 -9.36 3.78
CA ASP A 37 -6.67 -10.15 4.94
C ASP A 37 -5.95 -11.39 4.42
N GLU A 38 -4.95 -11.83 5.13
CA GLU A 38 -4.20 -13.04 4.70
C GLU A 38 -4.89 -14.26 5.30
N LYS A 39 -5.57 -14.02 6.37
CA LYS A 39 -6.30 -15.10 7.07
C LYS A 39 -7.50 -15.53 6.22
N THR A 40 -8.31 -14.59 5.83
CA THR A 40 -9.52 -14.92 5.02
C THR A 40 -9.25 -14.66 3.54
N LYS A 41 -8.11 -14.11 3.20
CA LYS A 41 -7.84 -13.84 1.76
C LYS A 41 -9.03 -13.07 1.17
N GLU A 42 -9.78 -12.39 2.00
CA GLU A 42 -10.96 -11.61 1.52
C GLU A 42 -10.57 -10.13 1.41
N VAL A 43 -11.35 -9.35 0.69
CA VAL A 43 -11.03 -7.89 0.55
C VAL A 43 -11.66 -7.12 1.71
N ILE A 44 -10.87 -6.33 2.40
CA ILE A 44 -11.40 -5.54 3.55
C ILE A 44 -11.63 -4.08 3.15
N GLN A 45 -10.83 -3.56 2.25
CA GLN A 45 -11.01 -2.14 1.84
C GLN A 45 -10.16 -1.83 0.61
N GLU A 46 -10.44 -0.71 -0.01
CA GLU A 46 -9.67 -0.29 -1.22
C GLU A 46 -9.31 1.20 -1.09
N TRP A 47 -8.33 1.64 -1.84
CA TRP A 47 -7.90 3.07 -1.78
C TRP A 47 -7.59 3.56 -3.19
N SER A 48 -7.73 4.83 -3.43
CA SER A 48 -7.44 5.37 -4.80
C SER A 48 -5.94 5.66 -4.91
N LEU A 49 -5.36 5.40 -6.04
CA LEU A 49 -3.90 5.65 -6.20
C LEU A 49 -3.66 7.17 -6.17
N THR A 50 -4.66 7.95 -6.51
CA THR A 50 -4.49 9.42 -6.49
C THR A 50 -4.63 9.95 -5.07
N ASN A 51 -4.99 9.09 -4.15
CA ASN A 51 -5.15 9.54 -2.72
C ASN A 51 -3.80 9.42 -2.00
N ILE A 52 -2.98 8.49 -2.39
CA ILE A 52 -1.67 8.32 -1.71
C ILE A 52 -0.87 9.63 -1.85
N LYS A 53 -0.52 10.24 -0.75
CA LYS A 53 0.26 11.51 -0.81
C LYS A 53 1.75 11.19 -0.91
N ARG A 54 2.25 10.35 -0.03
CA ARG A 54 3.70 9.99 -0.07
C ARG A 54 3.89 8.61 0.54
N TRP A 55 5.10 8.14 0.56
CA TRP A 55 5.37 6.81 1.17
C TRP A 55 6.83 6.71 1.59
N ALA A 56 7.18 5.69 2.31
CA ALA A 56 8.60 5.53 2.75
C ALA A 56 8.89 4.03 2.84
N ALA A 57 9.63 3.51 1.90
CA ALA A 57 9.94 2.05 1.90
C ALA A 57 11.32 1.79 2.48
N SER A 58 11.45 0.71 3.22
CA SER A 58 12.76 0.35 3.82
C SER A 58 12.86 -1.18 3.83
N PRO A 59 14.07 -1.71 3.92
CA PRO A 59 14.28 -3.17 3.93
C PRO A 59 13.58 -3.82 5.14
N LYS A 60 12.51 -3.25 5.63
CA LYS A 60 11.83 -3.86 6.81
C LYS A 60 10.33 -3.57 6.79
N SER A 61 9.96 -2.36 6.44
CA SER A 61 8.50 -2.02 6.43
C SER A 61 8.17 -1.03 5.31
N PHE A 62 6.90 -0.84 5.06
CA PHE A 62 6.43 0.10 3.99
C PHE A 62 5.42 1.07 4.61
N THR A 63 5.44 2.32 4.23
CA THR A 63 4.49 3.31 4.83
C THR A 63 3.86 4.15 3.72
N LEU A 64 2.60 4.51 3.87
CA LEU A 64 1.90 5.34 2.84
C LEU A 64 1.09 6.42 3.57
N ASP A 65 0.80 7.51 2.90
CA ASP A 65 0.01 8.61 3.53
C ASP A 65 -1.14 9.01 2.61
N PHE A 66 -2.35 8.98 3.11
CA PHE A 66 -3.52 9.37 2.27
C PHE A 66 -3.81 10.85 2.48
N GLY A 67 -3.06 11.48 3.34
CA GLY A 67 -3.28 12.93 3.61
C GLY A 67 -4.37 13.08 4.67
N ASP A 68 -5.00 12.00 5.05
CA ASP A 68 -6.07 12.09 6.08
C ASP A 68 -5.46 11.97 7.48
N TYR A 69 -5.00 13.05 8.04
CA TYR A 69 -4.40 12.99 9.40
C TYR A 69 -5.34 12.20 10.32
N GLN A 70 -6.61 12.45 10.24
CA GLN A 70 -7.57 11.73 11.10
C GLN A 70 -7.30 10.22 10.99
N ASP A 71 -7.42 9.66 9.82
CA ASP A 71 -7.17 8.22 9.65
C ASP A 71 -5.73 7.92 10.07
N GLY A 72 -4.86 8.87 9.88
CA GLY A 72 -3.43 8.67 10.26
C GLY A 72 -2.72 7.90 9.15
N TYR A 73 -1.43 7.75 9.26
CA TYR A 73 -0.68 7.01 8.20
C TYR A 73 -1.00 5.52 8.30
N TYR A 74 -0.61 4.77 7.29
CA TYR A 74 -0.86 3.30 7.30
C TYR A 74 0.44 2.60 6.94
N SER A 75 1.07 1.97 7.89
CA SER A 75 2.36 1.27 7.65
C SER A 75 2.26 -0.19 8.07
N VAL A 76 3.08 -1.02 7.49
CA VAL A 76 3.07 -2.46 7.83
C VAL A 76 4.48 -3.03 7.64
N GLN A 77 4.73 -4.21 8.12
CA GLN A 77 6.08 -4.80 7.96
C GLN A 77 6.22 -5.37 6.55
N THR A 78 7.37 -5.22 5.95
CA THR A 78 7.59 -5.74 4.58
C THR A 78 9.06 -6.09 4.42
N THR A 79 9.35 -7.28 4.02
CA THR A 79 10.77 -7.69 3.83
C THR A 79 11.34 -6.85 2.69
N GLU A 80 10.51 -6.47 1.76
CA GLU A 80 10.97 -5.66 0.60
C GLU A 80 10.50 -4.22 0.78
N GLY A 81 9.23 -4.01 0.64
CA GLY A 81 8.68 -2.63 0.79
C GLY A 81 9.09 -1.79 -0.43
N GLU A 82 10.23 -2.07 -0.99
CA GLU A 82 10.68 -1.29 -2.17
C GLU A 82 9.83 -1.68 -3.38
N GLN A 83 9.81 -2.94 -3.71
CA GLN A 83 9.01 -3.40 -4.87
C GLN A 83 7.60 -2.85 -4.73
N ILE A 84 7.03 -3.00 -3.57
CA ILE A 84 5.66 -2.47 -3.34
C ILE A 84 5.68 -0.99 -3.72
N ALA A 85 6.80 -0.35 -3.52
CA ALA A 85 6.92 1.09 -3.88
C ALA A 85 7.25 1.22 -5.37
N GLN A 86 7.93 0.25 -5.91
CA GLN A 86 8.29 0.31 -7.35
C GLN A 86 7.06 -0.06 -8.16
N LEU A 87 6.31 -1.01 -7.70
CA LEU A 87 5.08 -1.42 -8.43
C LEU A 87 4.08 -0.29 -8.30
N ILE A 88 4.05 0.32 -7.15
CA ILE A 88 3.11 1.46 -6.93
C ILE A 88 3.67 2.70 -7.64
N ALA A 89 4.91 3.01 -7.39
CA ALA A 89 5.53 4.19 -8.05
C ALA A 89 5.49 3.99 -9.56
N GLY A 90 5.29 2.77 -9.99
CA GLY A 90 5.25 2.49 -11.46
C GLY A 90 3.85 2.75 -12.01
N TYR A 91 2.82 2.57 -11.23
CA TYR A 91 1.44 2.82 -11.75
C TYR A 91 1.15 4.32 -11.73
N ILE A 92 1.71 5.02 -10.79
CA ILE A 92 1.45 6.48 -10.69
C ILE A 92 2.08 7.22 -11.87
N ASP A 93 3.11 6.68 -12.43
CA ASP A 93 3.78 7.34 -13.59
C ASP A 93 3.06 6.95 -14.89
N ILE A 94 2.34 5.87 -14.88
CA ILE A 94 1.63 5.43 -16.12
C ILE A 94 0.27 6.11 -16.22
N ILE A 95 -0.28 6.54 -15.13
CA ILE A 95 -1.61 7.22 -15.18
C ILE A 95 -1.41 8.69 -15.50
N LEU A 96 -0.33 9.24 -15.02
CA LEU A 96 -0.04 10.68 -15.26
C LEU A 96 0.66 10.85 -16.62
N LYS A 97 1.28 9.81 -17.11
CA LYS A 97 1.99 9.91 -18.41
C LYS A 97 0.98 10.02 -19.56
N LYS A 98 -0.11 9.32 -19.46
CA LYS A 98 -1.13 9.39 -20.54
C LYS A 98 -1.73 10.79 -20.59
N LYS A 99 -2.00 11.37 -19.45
CA LYS A 99 -2.59 12.73 -19.43
C LYS A 99 -1.60 13.72 -20.05
N LYS A 100 -0.34 13.64 -19.67
CA LYS A 100 0.69 14.57 -20.25
C LYS A 100 1.52 13.83 -21.29
N SER B 1 14.72 11.40 3.78
CA SER B 1 14.09 10.33 4.60
C SER B 1 12.65 10.13 4.16
N TRP B 2 12.34 10.47 2.93
CA TRP B 2 10.95 10.29 2.44
C TRP B 2 10.94 10.33 0.91
N VAL B 3 9.78 10.18 0.32
CA VAL B 3 9.67 10.21 -1.16
C VAL B 3 8.23 10.64 -1.50
N PTR B 4 8.07 11.47 -2.49
CA PTR B 4 6.70 11.96 -2.87
C PTR B 4 6.39 11.57 -4.32
O PTR B 4 7.27 11.33 -5.11
CB PTR B 4 6.66 13.49 -2.73
CG PTR B 4 6.61 13.87 -1.26
CD1 PTR B 4 7.70 13.60 -0.43
CD2 PTR B 4 5.47 14.49 -0.74
CE1 PTR B 4 7.65 13.95 0.92
CE2 PTR B 4 5.42 14.85 0.62
CZ PTR B 4 6.51 14.58 1.44
OH PTR B 4 6.46 14.96 2.87
P PTR B 4 6.95 16.34 3.02
O1P PTR B 4 8.34 16.44 2.52
O2P PTR B 4 6.93 16.73 4.46
O3P PTR B 4 6.07 17.26 2.25
H PTR B 4 8.86 11.79 -2.99
HA PTR B 4 5.96 11.52 -2.22
HB2 PTR B 4 5.79 13.87 -3.24
HB3 PTR B 4 7.56 13.91 -3.18
HD1 PTR B 4 8.58 13.13 -0.83
HD2 PTR B 4 4.62 14.70 -1.39
HE1 PTR B 4 8.49 13.75 1.56
HE2 PTR B 4 4.55 15.33 1.02
N SER B 5 5.13 11.51 -4.66
CA SER B 5 4.73 11.15 -6.05
C SER B 5 4.44 12.44 -6.84
N PRO B 6 4.48 12.37 -8.16
CA PRO B 6 4.20 13.55 -8.99
C PRO B 6 2.76 14.02 -8.76
N LEU B 7 1.89 13.14 -8.32
CA LEU B 7 0.47 13.54 -8.09
C LEU B 7 0.44 14.85 -7.28
N HIS B 8 0.32 15.97 -7.94
CA HIS B 8 0.29 17.26 -7.21
C HIS B 8 -1.02 17.38 -6.43
N LEU A 1 -10.27 -14.03 -9.64
CA LEU A 1 -11.11 -13.67 -8.47
C LEU A 1 -10.91 -12.21 -8.12
N LYS A 2 -11.37 -11.79 -6.98
CA LYS A 2 -11.19 -10.37 -6.57
C LYS A 2 -9.70 -10.04 -6.48
N THR A 3 -8.86 -10.88 -7.03
CA THR A 3 -7.38 -10.63 -6.97
C THR A 3 -6.76 -11.00 -8.31
N TYR A 4 -7.34 -10.56 -9.39
CA TYR A 4 -6.81 -10.88 -10.74
C TYR A 4 -5.86 -9.76 -11.19
N GLY A 5 -4.65 -10.10 -11.56
CA GLY A 5 -3.69 -9.05 -12.00
C GLY A 5 -3.39 -8.10 -10.84
N VAL A 6 -3.31 -8.63 -9.64
CA VAL A 6 -3.02 -7.77 -8.45
C VAL A 6 -1.84 -8.38 -7.67
N SER A 7 -0.94 -7.55 -7.21
CA SER A 7 0.24 -8.09 -6.46
C SER A 7 -0.03 -8.02 -4.95
N PHE A 8 -0.41 -9.13 -4.39
CA PHE A 8 -0.69 -9.18 -2.92
C PHE A 8 0.63 -9.34 -2.16
N PHE A 9 0.96 -8.40 -1.30
CA PHE A 9 2.23 -8.50 -0.52
C PHE A 9 1.90 -8.94 0.91
N LEU A 10 2.59 -9.92 1.43
CA LEU A 10 2.32 -10.37 2.81
C LEU A 10 2.95 -9.39 3.79
N VAL A 11 2.14 -8.55 4.38
CA VAL A 11 2.66 -7.57 5.37
C VAL A 11 2.05 -7.91 6.73
N LYS A 12 2.72 -7.56 7.80
CA LYS A 12 2.18 -7.88 9.15
C LYS A 12 1.73 -6.60 9.82
N GLU A 13 0.75 -6.69 10.67
CA GLU A 13 0.23 -5.49 11.38
C GLU A 13 0.41 -5.70 12.88
N LYS A 14 0.38 -4.63 13.64
CA LYS A 14 0.56 -4.74 15.11
C LYS A 14 -0.79 -4.47 15.79
N MET A 15 -1.40 -5.49 16.31
CA MET A 15 -2.71 -5.30 16.99
C MET A 15 -2.50 -4.53 18.30
N LYS A 16 -3.52 -3.81 18.72
CA LYS A 16 -3.48 -2.96 19.97
C LYS A 16 -2.15 -3.09 20.73
N GLY A 17 -1.92 -4.20 21.36
CA GLY A 17 -0.65 -4.37 22.14
C GLY A 17 -0.18 -5.82 22.09
N LYS A 18 -0.90 -6.68 21.41
CA LYS A 18 -0.44 -8.11 21.36
C LYS A 18 1.04 -8.14 20.97
N ASN A 19 1.86 -8.76 21.76
CA ASN A 19 3.29 -8.85 21.40
C ASN A 19 3.36 -9.61 20.09
N LYS A 20 2.23 -10.11 19.66
CA LYS A 20 2.16 -10.88 18.40
C LYS A 20 2.06 -9.92 17.21
N LEU A 21 1.86 -10.48 16.05
CA LEU A 21 1.72 -9.65 14.80
C LEU A 21 0.56 -10.24 14.01
N VAL A 22 -0.04 -9.48 13.14
CA VAL A 22 -1.19 -10.02 12.34
C VAL A 22 -0.83 -9.97 10.83
N PRO A 23 -0.66 -11.13 10.18
CA PRO A 23 -0.36 -11.16 8.74
C PRO A 23 -1.47 -10.46 7.95
N ARG A 24 -1.13 -9.86 6.85
CA ARG A 24 -2.15 -9.16 6.01
C ARG A 24 -1.65 -9.15 4.56
N LEU A 25 -2.55 -9.14 3.61
CA LEU A 25 -2.13 -9.12 2.18
C LEU A 25 -2.46 -7.74 1.60
N LEU A 26 -1.59 -7.21 0.78
CA LEU A 26 -1.82 -5.85 0.18
C LEU A 26 -1.72 -5.93 -1.34
N GLY A 27 -2.85 -5.80 -2.00
CA GLY A 27 -2.87 -5.86 -3.49
C GLY A 27 -2.65 -4.47 -4.09
N ILE A 28 -1.66 -4.34 -4.94
CA ILE A 28 -1.38 -3.02 -5.59
C ILE A 28 -1.94 -3.05 -7.00
N THR A 29 -2.97 -2.29 -7.29
CA THR A 29 -3.56 -2.28 -8.65
C THR A 29 -2.95 -1.12 -9.45
N LYS A 30 -3.17 -1.10 -10.74
CA LYS A 30 -2.61 0.00 -11.57
C LYS A 30 -3.36 1.30 -11.31
N GLU A 31 -4.52 1.21 -10.70
CA GLU A 31 -5.34 2.43 -10.44
C GLU A 31 -5.76 2.49 -8.96
N CYS A 32 -5.33 1.56 -8.15
CA CYS A 32 -5.74 1.61 -6.72
C CYS A 32 -4.99 0.54 -5.91
N VAL A 33 -4.94 0.71 -4.61
CA VAL A 33 -4.28 -0.30 -3.73
C VAL A 33 -5.40 -1.07 -3.04
N MET A 34 -5.32 -2.39 -3.00
CA MET A 34 -6.42 -3.19 -2.38
C MET A 34 -6.03 -3.68 -0.98
N ARG A 35 -6.95 -3.66 -0.06
CA ARG A 35 -6.64 -4.19 1.31
C ARG A 35 -7.06 -5.64 1.28
N VAL A 36 -6.20 -6.56 1.65
CA VAL A 36 -6.57 -7.99 1.59
C VAL A 36 -6.10 -8.71 2.87
N ASP A 37 -7.01 -9.38 3.52
CA ASP A 37 -6.64 -10.13 4.74
C ASP A 37 -5.85 -11.36 4.35
N GLU A 38 -4.94 -11.79 5.17
CA GLU A 38 -4.13 -12.99 4.84
C GLU A 38 -4.90 -14.20 5.35
N LYS A 39 -5.79 -13.93 6.24
CA LYS A 39 -6.62 -14.99 6.84
C LYS A 39 -7.69 -15.42 5.84
N THR A 40 -8.45 -14.47 5.35
CA THR A 40 -9.53 -14.80 4.37
C THR A 40 -9.06 -14.53 2.94
N LYS A 41 -7.88 -13.97 2.76
CA LYS A 41 -7.42 -13.71 1.36
C LYS A 41 -8.51 -12.95 0.61
N GLU A 42 -9.41 -12.31 1.32
CA GLU A 42 -10.51 -11.55 0.67
C GLU A 42 -10.16 -10.06 0.65
N VAL A 43 -10.85 -9.29 -0.16
CA VAL A 43 -10.58 -7.82 -0.22
C VAL A 43 -11.39 -7.12 0.87
N ILE A 44 -10.73 -6.36 1.72
CA ILE A 44 -11.45 -5.65 2.81
C ILE A 44 -11.64 -4.17 2.45
N GLN A 45 -10.80 -3.64 1.60
CA GLN A 45 -10.95 -2.20 1.23
C GLN A 45 -10.02 -1.86 0.07
N GLU A 46 -10.24 -0.73 -0.55
CA GLU A 46 -9.41 -0.30 -1.70
C GLU A 46 -9.12 1.21 -1.60
N TRP A 47 -8.11 1.66 -2.31
CA TRP A 47 -7.77 3.12 -2.27
C TRP A 47 -7.41 3.58 -3.69
N SER A 48 -7.61 4.83 -4.00
CA SER A 48 -7.27 5.32 -5.36
C SER A 48 -5.78 5.66 -5.41
N LEU A 49 -5.10 5.29 -6.47
CA LEU A 49 -3.65 5.61 -6.57
C LEU A 49 -3.48 7.13 -6.62
N THR A 50 -4.47 7.83 -7.08
CA THR A 50 -4.38 9.31 -7.16
C THR A 50 -4.64 9.92 -5.78
N ASN A 51 -5.04 9.12 -4.83
CA ASN A 51 -5.32 9.66 -3.46
C ASN A 51 -4.05 9.61 -2.62
N ILE A 52 -3.22 8.63 -2.83
CA ILE A 52 -1.97 8.53 -2.03
C ILE A 52 -1.17 9.83 -2.19
N LYS A 53 -0.81 10.46 -1.09
CA LYS A 53 -0.04 11.73 -1.16
C LYS A 53 1.46 11.43 -1.12
N ARG A 54 1.90 10.63 -0.19
CA ARG A 54 3.36 10.30 -0.09
C ARG A 54 3.53 8.94 0.56
N TRP A 55 4.76 8.48 0.65
CA TRP A 55 4.99 7.17 1.31
C TRP A 55 6.44 7.09 1.78
N ALA A 56 6.76 6.10 2.55
CA ALA A 56 8.16 5.95 3.05
C ALA A 56 8.47 4.46 3.20
N ALA A 57 9.46 3.97 2.51
CA ALA A 57 9.80 2.51 2.60
C ALA A 57 10.97 2.30 3.55
N SER A 58 10.72 1.66 4.67
CA SER A 58 11.81 1.38 5.63
C SER A 58 12.37 -0.02 5.32
N PRO A 59 13.55 -0.31 5.80
CA PRO A 59 14.17 -1.63 5.57
C PRO A 59 13.28 -2.74 6.15
N LYS A 60 12.12 -2.40 6.68
CA LYS A 60 11.26 -3.46 7.28
C LYS A 60 9.78 -3.05 7.23
N SER A 61 9.49 -1.78 7.10
CA SER A 61 8.06 -1.32 7.09
C SER A 61 7.77 -0.43 5.87
N PHE A 62 6.50 -0.23 5.58
CA PHE A 62 6.07 0.63 4.43
C PHE A 62 4.98 1.57 4.93
N THR A 63 4.99 2.81 4.51
CA THR A 63 3.94 3.78 4.98
C THR A 63 3.37 4.55 3.79
N LEU A 64 2.11 4.87 3.83
CA LEU A 64 1.47 5.65 2.71
C LEU A 64 0.55 6.71 3.33
N ASP A 65 0.29 7.78 2.61
CA ASP A 65 -0.60 8.87 3.16
C ASP A 65 -1.69 9.24 2.15
N PHE A 66 -2.91 9.37 2.61
CA PHE A 66 -4.02 9.77 1.68
C PHE A 66 -4.32 11.25 1.89
N GLY A 67 -3.71 11.83 2.88
CA GLY A 67 -3.96 13.28 3.18
C GLY A 67 -4.94 13.39 4.34
N ASP A 68 -5.61 12.31 4.66
CA ASP A 68 -6.58 12.35 5.80
C ASP A 68 -5.81 12.35 7.12
N TYR A 69 -5.66 13.50 7.72
CA TYR A 69 -4.91 13.60 9.00
C TYR A 69 -5.29 12.44 9.94
N GLN A 70 -6.45 11.88 9.79
CA GLN A 70 -6.88 10.77 10.70
C GLN A 70 -6.42 9.41 10.17
N ASP A 71 -6.95 8.98 9.05
CA ASP A 71 -6.57 7.64 8.49
C ASP A 71 -5.50 7.82 7.42
N GLY A 72 -5.17 9.04 7.11
CA GLY A 72 -4.15 9.32 6.07
C GLY A 72 -2.98 8.35 6.18
N TYR A 73 -2.20 8.46 7.22
CA TYR A 73 -1.02 7.58 7.37
C TYR A 73 -1.45 6.15 7.68
N TYR A 74 -1.10 5.24 6.81
CA TYR A 74 -1.42 3.80 7.00
C TYR A 74 -0.14 3.01 6.74
N SER A 75 0.48 2.48 7.76
CA SER A 75 1.75 1.71 7.58
C SER A 75 1.64 0.31 8.17
N VAL A 76 2.48 -0.57 7.71
CA VAL A 76 2.49 -1.98 8.23
C VAL A 76 3.90 -2.54 8.08
N GLN A 77 4.14 -3.71 8.61
CA GLN A 77 5.50 -4.29 8.50
C GLN A 77 5.69 -4.90 7.10
N THR A 78 6.78 -4.57 6.45
CA THR A 78 7.04 -5.11 5.08
C THR A 78 8.53 -5.34 4.90
N THR A 79 8.92 -6.53 4.57
CA THR A 79 10.37 -6.82 4.37
C THR A 79 10.81 -6.19 3.05
N GLU A 80 9.87 -5.92 2.17
CA GLU A 80 10.20 -5.32 0.85
C GLU A 80 9.40 -4.03 0.67
N GLY A 81 9.22 -3.29 1.73
CA GLY A 81 8.46 -2.01 1.62
C GLY A 81 9.03 -1.17 0.48
N GLU A 82 10.17 -1.54 -0.03
CA GLU A 82 10.78 -0.77 -1.14
C GLU A 82 10.07 -1.14 -2.45
N GLN A 83 10.08 -2.39 -2.79
CA GLN A 83 9.41 -2.82 -4.05
C GLN A 83 7.97 -2.32 -4.02
N ILE A 84 7.31 -2.49 -2.91
CA ILE A 84 5.93 -2.00 -2.81
C ILE A 84 5.92 -0.52 -3.18
N ALA A 85 6.99 0.16 -2.88
CA ALA A 85 7.09 1.61 -3.23
C ALA A 85 7.54 1.75 -4.68
N GLN A 86 8.29 0.81 -5.16
CA GLN A 86 8.77 0.89 -6.57
C GLN A 86 7.64 0.42 -7.49
N LEU A 87 6.93 -0.59 -7.07
CA LEU A 87 5.80 -1.09 -7.88
C LEU A 87 4.72 -0.02 -7.88
N ILE A 88 4.55 0.60 -6.75
CA ILE A 88 3.54 1.68 -6.63
C ILE A 88 4.03 2.89 -7.42
N ALA A 89 5.23 3.34 -7.15
CA ALA A 89 5.80 4.51 -7.87
C ALA A 89 5.81 4.21 -9.37
N GLY A 90 5.68 2.96 -9.73
CA GLY A 90 5.69 2.59 -11.18
C GLY A 90 4.29 2.72 -11.79
N TYR A 91 3.26 2.53 -11.00
CA TYR A 91 1.87 2.63 -11.57
C TYR A 91 1.42 4.09 -11.57
N ILE A 92 2.08 4.93 -10.84
CA ILE A 92 1.66 6.37 -10.79
C ILE A 92 2.24 7.14 -11.98
N ASP A 93 3.36 6.72 -12.48
CA ASP A 93 3.98 7.43 -13.63
C ASP A 93 3.38 6.94 -14.94
N ILE A 94 2.78 5.79 -14.94
CA ILE A 94 2.18 5.23 -16.19
C ILE A 94 0.76 5.76 -16.37
N ILE A 95 0.12 6.17 -15.32
CA ILE A 95 -1.26 6.70 -15.45
C ILE A 95 -1.20 8.16 -15.84
N LEU A 96 -0.19 8.85 -15.37
CA LEU A 96 -0.05 10.30 -15.69
C LEU A 96 0.50 10.44 -17.12
N LYS A 97 1.12 9.42 -17.63
CA LYS A 97 1.67 9.50 -19.01
C LYS A 97 0.53 9.48 -20.03
N LYS A 98 -0.30 8.48 -19.97
CA LYS A 98 -1.43 8.39 -20.93
C LYS A 98 -2.18 9.73 -20.97
N LYS A 99 -2.32 10.37 -19.84
CA LYS A 99 -3.03 11.68 -19.82
C LYS A 99 -2.34 12.66 -20.75
N LYS A 100 -1.05 12.55 -20.90
CA LYS A 100 -0.31 13.49 -21.79
C LYS A 100 -0.63 13.16 -23.25
N SER B 1 13.49 12.83 5.14
CA SER B 1 13.32 11.35 4.94
C SER B 1 11.90 11.07 4.44
N TRP B 2 11.66 11.25 3.17
CA TRP B 2 10.30 10.99 2.63
C TRP B 2 10.36 10.97 1.09
N VAL B 3 9.25 10.75 0.46
CA VAL B 3 9.20 10.73 -1.03
C VAL B 3 7.78 11.11 -1.47
N PTR B 4 7.66 11.92 -2.48
CA PTR B 4 6.30 12.36 -2.95
C PTR B 4 6.02 11.78 -4.34
O PTR B 4 6.87 11.19 -4.96
CB PTR B 4 6.28 13.90 -3.03
CG PTR B 4 6.08 14.48 -1.64
CD1 PTR B 4 7.02 14.24 -0.64
CD2 PTR B 4 4.95 15.27 -1.36
CE1 PTR B 4 6.84 14.78 0.65
CE2 PTR B 4 4.77 15.81 -0.09
CZ PTR B 4 5.71 15.57 0.91
OH PTR B 4 5.52 16.14 2.26
P PTR B 4 6.10 17.50 2.30
O1P PTR B 4 5.62 18.21 3.52
O2P PTR B 4 5.66 18.25 1.10
O3P PTR B 4 7.57 17.42 2.33
H PTR B 4 8.46 12.25 -2.93
HA PTR B 4 5.54 12.03 -2.26
HB2 PTR B 4 5.47 14.22 -3.67
HB3 PTR B 4 7.22 14.25 -3.42
HD1 PTR B 4 7.90 13.63 -0.83
HD2 PTR B 4 4.22 15.47 -2.14
HE1 PTR B 4 7.57 14.59 1.42
HE2 PTR B 4 3.91 16.42 0.13
N SER B 5 4.81 11.96 -4.82
CA SER B 5 4.43 11.42 -6.16
C SER B 5 4.24 12.61 -7.14
N PRO B 6 4.47 12.40 -8.42
CA PRO B 6 4.28 13.48 -9.41
C PRO B 6 2.83 13.96 -9.40
N LEU B 7 1.94 13.19 -8.81
CA LEU B 7 0.51 13.61 -8.76
C LEU B 7 0.40 15.02 -8.19
N HIS B 8 -0.79 15.50 -8.00
CA HIS B 8 -0.97 16.88 -7.45
C HIS B 8 -0.06 17.07 -6.24
N LEU A 1 -12.07 -12.88 -8.75
CA LEU A 1 -12.57 -11.48 -8.89
C LEU A 1 -11.87 -10.61 -7.85
N LYS A 2 -11.85 -9.31 -8.05
CA LYS A 2 -11.18 -8.41 -7.08
C LYS A 2 -9.80 -8.99 -6.74
N THR A 3 -9.31 -9.89 -7.55
CA THR A 3 -7.97 -10.50 -7.30
C THR A 3 -7.45 -11.11 -8.59
N TYR A 4 -7.31 -10.32 -9.62
CA TYR A 4 -6.80 -10.83 -10.93
C TYR A 4 -5.69 -9.92 -11.45
N GLY A 5 -4.47 -10.41 -11.46
CA GLY A 5 -3.34 -9.57 -11.95
C GLY A 5 -2.96 -8.55 -10.87
N VAL A 6 -2.89 -8.99 -9.64
CA VAL A 6 -2.52 -8.06 -8.51
C VAL A 6 -1.38 -8.68 -7.71
N SER A 7 -0.44 -7.88 -7.28
CA SER A 7 0.72 -8.43 -6.49
C SER A 7 0.44 -8.25 -4.99
N PHE A 8 0.16 -9.33 -4.33
CA PHE A 8 -0.11 -9.27 -2.86
C PHE A 8 1.23 -9.36 -2.10
N PHE A 9 1.55 -8.36 -1.31
CA PHE A 9 2.82 -8.39 -0.53
C PHE A 9 2.49 -8.75 0.92
N LEU A 10 3.21 -9.68 1.49
CA LEU A 10 2.90 -10.07 2.89
C LEU A 10 3.45 -9.02 3.85
N VAL A 11 2.57 -8.23 4.39
CA VAL A 11 2.97 -7.18 5.37
C VAL A 11 2.39 -7.59 6.72
N LYS A 12 2.94 -7.12 7.81
CA LYS A 12 2.40 -7.52 9.15
C LYS A 12 1.80 -6.30 9.85
N GLU A 13 0.90 -6.55 10.75
CA GLU A 13 0.24 -5.45 11.52
C GLU A 13 0.43 -5.73 13.00
N LYS A 14 0.28 -4.73 13.82
CA LYS A 14 0.46 -4.92 15.28
C LYS A 14 -0.89 -5.24 15.97
N MET A 15 -0.91 -6.30 16.71
CA MET A 15 -2.16 -6.69 17.41
C MET A 15 -2.43 -5.71 18.56
N LYS A 16 -3.68 -5.61 18.94
CA LYS A 16 -4.11 -4.67 20.04
C LYS A 16 -2.98 -4.48 21.07
N GLY A 17 -2.67 -5.50 21.81
CA GLY A 17 -1.59 -5.39 22.85
C GLY A 17 -0.65 -6.59 22.77
N LYS A 18 -1.02 -7.61 22.03
CA LYS A 18 -0.12 -8.80 21.94
C LYS A 18 1.19 -8.37 21.30
N ASN A 19 2.29 -8.67 21.92
CA ASN A 19 3.60 -8.29 21.31
C ASN A 19 3.65 -8.95 19.93
N LYS A 20 2.68 -9.78 19.66
CA LYS A 20 2.62 -10.49 18.36
C LYS A 20 2.36 -9.50 17.22
N LEU A 21 2.19 -10.02 16.05
CA LEU A 21 1.92 -9.18 14.83
C LEU A 21 0.85 -9.88 14.01
N VAL A 22 0.12 -9.17 13.17
CA VAL A 22 -0.93 -9.85 12.34
C VAL A 22 -0.50 -9.83 10.84
N PRO A 23 -0.23 -10.99 10.25
CA PRO A 23 0.15 -11.03 8.82
C PRO A 23 -0.99 -10.45 7.96
N ARG A 24 -0.65 -9.84 6.87
CA ARG A 24 -1.68 -9.25 5.97
C ARG A 24 -1.12 -9.20 4.55
N LEU A 25 -1.94 -9.33 3.53
CA LEU A 25 -1.44 -9.27 2.13
C LEU A 25 -1.90 -7.94 1.52
N LEU A 26 -1.05 -7.30 0.74
CA LEU A 26 -1.42 -5.98 0.12
C LEU A 26 -1.32 -6.06 -1.40
N GLY A 27 -2.45 -6.05 -2.06
CA GLY A 27 -2.47 -6.12 -3.55
C GLY A 27 -2.27 -4.73 -4.16
N ILE A 28 -1.27 -4.58 -4.99
CA ILE A 28 -1.01 -3.27 -5.64
C ILE A 28 -1.55 -3.33 -7.07
N THR A 29 -2.59 -2.60 -7.38
CA THR A 29 -3.17 -2.63 -8.76
C THR A 29 -2.58 -1.46 -9.56
N LYS A 30 -2.89 -1.38 -10.82
CA LYS A 30 -2.35 -0.27 -11.66
C LYS A 30 -3.19 0.99 -11.43
N GLU A 31 -4.27 0.88 -10.70
CA GLU A 31 -5.14 2.06 -10.45
C GLU A 31 -5.62 2.06 -9.00
N CYS A 32 -5.16 1.13 -8.21
CA CYS A 32 -5.62 1.10 -6.79
C CYS A 32 -4.85 0.06 -5.98
N VAL A 33 -4.85 0.20 -4.68
CA VAL A 33 -4.17 -0.79 -3.79
C VAL A 33 -5.26 -1.64 -3.14
N MET A 34 -5.11 -2.93 -3.13
CA MET A 34 -6.18 -3.80 -2.53
C MET A 34 -5.77 -4.27 -1.14
N ARG A 35 -6.67 -4.22 -0.20
CA ARG A 35 -6.34 -4.71 1.17
C ARG A 35 -6.76 -6.17 1.21
N VAL A 36 -5.84 -7.05 1.52
CA VAL A 36 -6.18 -8.51 1.54
C VAL A 36 -5.65 -9.16 2.82
N ASP A 37 -6.50 -9.88 3.49
CA ASP A 37 -6.08 -10.55 4.75
C ASP A 37 -5.22 -11.77 4.41
N GLU A 38 -4.30 -12.10 5.25
CA GLU A 38 -3.42 -13.28 5.00
C GLU A 38 -4.11 -14.48 5.61
N LYS A 39 -4.97 -14.20 6.54
CA LYS A 39 -5.72 -15.25 7.23
C LYS A 39 -6.79 -15.83 6.30
N THR A 40 -7.59 -14.96 5.73
CA THR A 40 -8.67 -15.41 4.81
C THR A 40 -8.25 -15.23 3.35
N LYS A 41 -7.12 -14.62 3.11
CA LYS A 41 -6.70 -14.42 1.68
C LYS A 41 -7.84 -13.77 0.91
N GLU A 42 -8.71 -13.07 1.61
CA GLU A 42 -9.87 -12.39 0.94
C GLU A 42 -9.59 -10.88 0.86
N VAL A 43 -10.30 -10.18 0.03
CA VAL A 43 -10.09 -8.70 -0.08
C VAL A 43 -10.90 -7.98 1.00
N ILE A 44 -10.25 -7.16 1.78
CA ILE A 44 -10.96 -6.44 2.87
C ILE A 44 -11.26 -4.99 2.45
N GLN A 45 -10.46 -4.42 1.59
CA GLN A 45 -10.73 -3.02 1.16
C GLN A 45 -9.83 -2.63 -0.02
N GLU A 46 -10.15 -1.55 -0.67
CA GLU A 46 -9.36 -1.07 -1.84
C GLU A 46 -9.12 0.44 -1.72
N TRP A 47 -8.12 0.94 -2.40
CA TRP A 47 -7.80 2.39 -2.36
C TRP A 47 -7.41 2.87 -3.75
N SER A 48 -7.61 4.12 -4.05
CA SER A 48 -7.23 4.64 -5.40
C SER A 48 -5.75 5.07 -5.38
N LEU A 49 -5.01 4.72 -6.40
CA LEU A 49 -3.57 5.09 -6.44
C LEU A 49 -3.45 6.62 -6.53
N THR A 50 -4.31 7.24 -7.27
CA THR A 50 -4.26 8.72 -7.39
C THR A 50 -4.58 9.36 -6.04
N ASN A 51 -4.95 8.56 -5.08
CA ASN A 51 -5.29 9.13 -3.73
C ASN A 51 -4.01 9.22 -2.88
N ILE A 52 -3.14 8.25 -2.99
CA ILE A 52 -1.89 8.30 -2.17
C ILE A 52 -1.18 9.63 -2.40
N LYS A 53 -1.04 10.43 -1.37
CA LYS A 53 -0.35 11.73 -1.51
C LYS A 53 1.16 11.51 -1.43
N ARG A 54 1.61 10.76 -0.46
CA ARG A 54 3.08 10.50 -0.32
C ARG A 54 3.28 9.18 0.41
N TRP A 55 4.50 8.78 0.59
CA TRP A 55 4.76 7.51 1.33
C TRP A 55 6.17 7.51 1.89
N ALA A 56 6.49 6.56 2.70
CA ALA A 56 7.86 6.48 3.29
C ALA A 56 8.21 5.01 3.48
N ALA A 57 9.20 4.51 2.77
CA ALA A 57 9.56 3.08 2.89
C ALA A 57 10.77 2.92 3.82
N SER A 58 10.57 2.27 4.93
CA SER A 58 11.69 2.05 5.89
C SER A 58 12.22 0.62 5.68
N PRO A 59 13.44 0.36 6.09
CA PRO A 59 14.03 -0.99 5.93
C PRO A 59 13.18 -2.05 6.66
N LYS A 60 12.04 -1.69 7.18
CA LYS A 60 11.21 -2.70 7.91
C LYS A 60 9.71 -2.44 7.73
N SER A 61 9.33 -1.22 7.43
CA SER A 61 7.87 -0.91 7.29
C SER A 61 7.60 0.02 6.10
N PHE A 62 6.35 0.09 5.71
CA PHE A 62 5.94 0.98 4.58
C PHE A 62 4.82 1.90 5.06
N THR A 63 4.81 3.15 4.66
CA THR A 63 3.76 4.10 5.14
C THR A 63 3.20 4.88 3.94
N LEU A 64 1.90 5.08 3.90
CA LEU A 64 1.27 5.85 2.77
C LEU A 64 0.34 6.90 3.38
N ASP A 65 0.07 7.96 2.63
CA ASP A 65 -0.82 9.04 3.16
C ASP A 65 -1.89 9.37 2.11
N PHE A 66 -3.13 9.23 2.46
CA PHE A 66 -4.22 9.54 1.49
C PHE A 66 -4.60 11.01 1.63
N GLY A 67 -3.96 11.69 2.55
CA GLY A 67 -4.27 13.14 2.76
C GLY A 67 -5.51 13.27 3.64
N ASP A 68 -6.11 12.17 4.01
CA ASP A 68 -7.33 12.23 4.88
C ASP A 68 -6.91 12.36 6.35
N TYR A 69 -6.81 13.57 6.84
CA TYR A 69 -6.41 13.76 8.26
C TYR A 69 -7.26 12.83 9.13
N GLN A 70 -8.51 12.70 8.78
CA GLN A 70 -9.42 11.82 9.56
C GLN A 70 -8.83 10.41 9.63
N ASP A 71 -8.88 9.69 8.54
CA ASP A 71 -8.35 8.31 8.53
C ASP A 71 -6.89 8.33 8.99
N GLY A 72 -6.20 9.40 8.72
CA GLY A 72 -4.78 9.47 9.15
C GLY A 72 -3.91 8.64 8.21
N TYR A 73 -2.66 8.47 8.55
CA TYR A 73 -1.75 7.66 7.67
C TYR A 73 -2.04 6.17 7.85
N TYR A 74 -1.56 5.37 6.93
CA TYR A 74 -1.77 3.90 7.01
C TYR A 74 -0.42 3.23 6.79
N SER A 75 0.16 2.67 7.81
CA SER A 75 1.49 2.00 7.67
C SER A 75 1.45 0.61 8.29
N VAL A 76 2.34 -0.24 7.86
CA VAL A 76 2.40 -1.63 8.39
C VAL A 76 3.83 -2.13 8.29
N GLN A 77 4.12 -3.28 8.84
CA GLN A 77 5.50 -3.80 8.77
C GLN A 77 5.75 -4.40 7.38
N THR A 78 6.92 -4.16 6.83
CA THR A 78 7.24 -4.69 5.49
C THR A 78 8.74 -4.94 5.38
N THR A 79 9.12 -6.15 5.18
CA THR A 79 10.57 -6.46 5.05
C THR A 79 11.09 -5.83 3.76
N GLU A 80 10.20 -5.51 2.87
CA GLU A 80 10.60 -4.89 1.57
C GLU A 80 9.71 -3.67 1.27
N GLY A 81 9.39 -2.91 2.28
CA GLY A 81 8.53 -1.71 2.05
C GLY A 81 9.11 -0.90 0.88
N GLU A 82 10.32 -1.18 0.50
CA GLU A 82 10.94 -0.44 -0.62
C GLU A 82 10.34 -0.93 -1.94
N GLN A 83 10.44 -2.20 -2.20
CA GLN A 83 9.87 -2.76 -3.46
C GLN A 83 8.41 -2.33 -3.55
N ILE A 84 7.70 -2.46 -2.47
CA ILE A 84 6.28 -2.04 -2.47
C ILE A 84 6.23 -0.58 -2.93
N ALA A 85 7.27 0.16 -2.65
CA ALA A 85 7.32 1.59 -3.06
C ALA A 85 7.82 1.67 -4.51
N GLN A 86 8.58 0.70 -4.92
CA GLN A 86 9.10 0.71 -6.32
C GLN A 86 8.03 0.19 -7.26
N LEU A 87 7.31 -0.80 -6.84
CA LEU A 87 6.24 -1.36 -7.70
C LEU A 87 5.13 -0.32 -7.78
N ILE A 88 4.84 0.30 -6.68
CA ILE A 88 3.78 1.34 -6.65
C ILE A 88 4.30 2.58 -7.38
N ALA A 89 5.45 3.07 -7.00
CA ALA A 89 6.01 4.27 -7.66
C ALA A 89 6.08 4.02 -9.17
N GLY A 90 5.98 2.77 -9.56
CA GLY A 90 6.04 2.44 -11.02
C GLY A 90 4.64 2.46 -11.64
N TYR A 91 3.62 2.18 -10.87
CA TYR A 91 2.25 2.21 -11.44
C TYR A 91 1.75 3.65 -11.52
N ILE A 92 2.11 4.46 -10.56
CA ILE A 92 1.66 5.87 -10.57
C ILE A 92 2.12 6.56 -11.85
N ASP A 93 3.15 6.04 -12.47
CA ASP A 93 3.66 6.64 -13.73
C ASP A 93 2.87 6.12 -14.93
N ILE A 94 2.25 4.98 -14.79
CA ILE A 94 1.48 4.40 -15.92
C ILE A 94 0.06 4.95 -15.94
N ILE A 95 -0.43 5.43 -14.82
CA ILE A 95 -1.81 5.99 -14.79
C ILE A 95 -1.76 7.43 -15.26
N LEU A 96 -0.64 8.05 -15.11
CA LEU A 96 -0.49 9.47 -15.53
C LEU A 96 -0.23 9.56 -17.04
N LYS A 97 0.31 8.52 -17.63
CA LYS A 97 0.60 8.55 -19.09
C LYS A 97 -0.70 8.70 -19.86
N LYS A 98 -1.79 8.23 -19.31
CA LYS A 98 -3.09 8.34 -20.03
C LYS A 98 -3.34 9.79 -20.43
N LYS A 99 -2.85 10.72 -19.64
CA LYS A 99 -3.05 12.15 -19.98
C LYS A 99 -2.49 12.43 -21.37
N LYS A 100 -1.84 11.46 -21.97
CA LYS A 100 -1.26 11.66 -23.32
C LYS A 100 -1.06 10.29 -23.99
N SER B 1 13.83 11.57 5.17
CA SER B 1 13.76 11.78 3.70
C SER B 1 12.45 11.23 3.15
N TRP B 2 11.40 12.02 3.19
CA TRP B 2 10.09 11.53 2.68
C TRP B 2 10.18 11.39 1.15
N VAL B 3 9.09 11.03 0.53
CA VAL B 3 9.07 10.86 -0.95
C VAL B 3 7.64 11.10 -1.44
N PTR B 4 7.49 11.75 -2.56
CA PTR B 4 6.13 12.06 -3.10
C PTR B 4 5.95 11.37 -4.45
O PTR B 4 6.77 10.55 -4.85
CB PTR B 4 5.99 13.58 -3.28
CG PTR B 4 5.83 14.24 -1.92
CD1 PTR B 4 6.88 14.20 -0.99
CD2 PTR B 4 4.63 14.89 -1.60
CE1 PTR B 4 6.73 14.81 0.26
CE2 PTR B 4 4.49 15.51 -0.35
CZ PTR B 4 5.53 15.47 0.58
OH PTR B 4 5.38 16.12 1.90
P PTR B 4 5.81 17.54 1.79
O1P PTR B 4 5.90 18.12 3.15
O2P PTR B 4 4.82 18.29 0.99
O3P PTR B 4 7.13 17.59 1.13
H PTR B 4 8.29 12.06 -3.05
HA PTR B 4 5.37 11.70 -2.42
HB2 PTR B 4 5.13 13.78 -3.89
HB3 PTR B 4 6.88 13.96 -3.76
HD1 PTR B 4 7.80 13.69 -1.22
HD2 PTR B 4 3.83 14.92 -2.31
HE1 PTR B 4 7.54 14.79 0.97
HE2 PTR B 4 3.56 16.01 -0.10
N SER B 5 4.91 11.71 -5.17
CA SER B 5 4.66 11.09 -6.50
C SER B 5 4.44 12.22 -7.54
N PRO B 6 4.59 11.92 -8.82
CA PRO B 6 4.41 12.93 -9.87
C PRO B 6 2.94 13.38 -9.91
N LEU B 7 2.06 12.64 -9.26
CA LEU B 7 0.61 13.01 -9.25
C LEU B 7 0.44 14.52 -9.05
N HIS B 8 1.15 15.09 -8.12
CA HIS B 8 1.02 16.55 -7.88
C HIS B 8 1.79 17.32 -8.95
N LEU A 1 -14.15 -12.42 -6.35
CA LEU A 1 -13.22 -11.89 -7.38
C LEU A 1 -12.99 -10.41 -7.11
N LYS A 2 -13.13 -10.00 -5.88
CA LYS A 2 -12.91 -8.57 -5.55
C LYS A 2 -11.42 -8.25 -5.61
N THR A 3 -10.64 -9.10 -6.22
CA THR A 3 -9.18 -8.85 -6.31
C THR A 3 -8.54 -9.85 -7.28
N TYR A 4 -8.97 -9.86 -8.51
CA TYR A 4 -8.39 -10.82 -9.51
C TYR A 4 -7.33 -10.10 -10.34
N GLY A 5 -6.16 -10.67 -10.45
CA GLY A 5 -5.08 -10.03 -11.27
C GLY A 5 -4.41 -8.93 -10.44
N VAL A 6 -4.68 -8.88 -9.17
CA VAL A 6 -4.06 -7.84 -8.29
C VAL A 6 -2.81 -8.42 -7.62
N SER A 7 -1.76 -7.64 -7.51
CA SER A 7 -0.52 -8.17 -6.86
C SER A 7 -0.62 -8.04 -5.34
N PHE A 8 -0.72 -9.14 -4.66
CA PHE A 8 -0.81 -9.11 -3.17
C PHE A 8 0.62 -9.16 -2.58
N PHE A 9 0.84 -8.48 -1.47
CA PHE A 9 2.20 -8.49 -0.83
C PHE A 9 2.03 -8.88 0.64
N LEU A 10 2.86 -9.76 1.13
CA LEU A 10 2.74 -10.20 2.55
C LEU A 10 3.33 -9.13 3.47
N VAL A 11 2.47 -8.43 4.17
CA VAL A 11 2.92 -7.40 5.14
C VAL A 11 2.38 -7.81 6.50
N LYS A 12 3.05 -7.48 7.57
CA LYS A 12 2.56 -7.89 8.93
C LYS A 12 2.01 -6.66 9.65
N GLU A 13 0.93 -6.85 10.37
CA GLU A 13 0.31 -5.72 11.13
C GLU A 13 0.48 -6.00 12.62
N LYS A 14 0.36 -4.98 13.44
CA LYS A 14 0.53 -5.18 14.91
C LYS A 14 -0.84 -5.15 15.58
N MET A 15 -1.18 -6.22 16.23
CA MET A 15 -2.49 -6.32 16.92
C MET A 15 -2.51 -5.39 18.14
N LYS A 16 -3.69 -4.94 18.51
CA LYS A 16 -3.90 -4.00 19.67
C LYS A 16 -2.64 -3.85 20.54
N GLY A 17 -2.31 -4.86 21.32
CA GLY A 17 -1.11 -4.78 22.19
C GLY A 17 -0.33 -6.08 22.12
N LYS A 18 -0.87 -7.09 21.49
CA LYS A 18 -0.11 -8.38 21.40
C LYS A 18 1.27 -8.08 20.82
N ASN A 19 2.31 -8.48 21.51
CA ASN A 19 3.67 -8.25 20.97
C ASN A 19 3.76 -9.05 19.68
N LYS A 20 2.74 -9.80 19.40
CA LYS A 20 2.70 -10.64 18.18
C LYS A 20 2.50 -9.75 16.95
N LEU A 21 2.35 -10.37 15.81
CA LEU A 21 2.13 -9.63 14.53
C LEU A 21 1.03 -10.36 13.75
N VAL A 22 0.37 -9.68 12.86
CA VAL A 22 -0.72 -10.34 12.06
C VAL A 22 -0.39 -10.23 10.55
N PRO A 23 -0.14 -11.35 9.87
CA PRO A 23 0.15 -11.30 8.43
C PRO A 23 -1.02 -10.65 7.69
N ARG A 24 -0.74 -10.01 6.58
CA ARG A 24 -1.82 -9.35 5.80
C ARG A 24 -1.38 -9.28 4.35
N LEU A 25 -2.30 -9.39 3.43
CA LEU A 25 -1.93 -9.32 1.98
C LEU A 25 -2.36 -7.95 1.45
N LEU A 26 -1.50 -7.29 0.71
CA LEU A 26 -1.82 -5.92 0.18
C LEU A 26 -1.90 -5.95 -1.34
N GLY A 27 -3.09 -5.84 -1.87
CA GLY A 27 -3.29 -5.85 -3.35
C GLY A 27 -2.98 -4.47 -3.93
N ILE A 28 -2.03 -4.40 -4.84
CA ILE A 28 -1.69 -3.09 -5.48
C ILE A 28 -2.30 -3.09 -6.89
N THR A 29 -3.29 -2.27 -7.13
CA THR A 29 -3.92 -2.22 -8.48
C THR A 29 -3.31 -1.09 -9.29
N LYS A 30 -3.61 -1.02 -10.55
CA LYS A 30 -3.04 0.06 -11.41
C LYS A 30 -3.76 1.37 -11.09
N GLU A 31 -4.81 1.31 -10.32
CA GLU A 31 -5.58 2.55 -9.97
C GLU A 31 -6.01 2.52 -8.51
N CYS A 32 -5.56 1.56 -7.74
CA CYS A 32 -5.98 1.53 -6.31
C CYS A 32 -5.20 0.45 -5.54
N VAL A 33 -5.22 0.53 -4.23
CA VAL A 33 -4.53 -0.48 -3.38
C VAL A 33 -5.63 -1.23 -2.62
N MET A 34 -5.58 -2.55 -2.62
CA MET A 34 -6.66 -3.32 -1.91
C MET A 34 -6.17 -3.88 -0.58
N ARG A 35 -7.00 -3.86 0.43
CA ARG A 35 -6.58 -4.45 1.73
C ARG A 35 -7.06 -5.89 1.71
N VAL A 36 -6.19 -6.83 1.96
CA VAL A 36 -6.61 -8.26 1.92
C VAL A 36 -6.03 -9.03 3.10
N ASP A 37 -6.88 -9.69 3.84
CA ASP A 37 -6.40 -10.46 5.01
C ASP A 37 -5.60 -11.67 4.50
N GLU A 38 -4.63 -12.09 5.24
CA GLU A 38 -3.82 -13.26 4.81
C GLU A 38 -4.49 -14.50 5.36
N LYS A 39 -5.29 -14.29 6.34
CA LYS A 39 -6.03 -15.41 6.98
C LYS A 39 -7.20 -15.81 6.10
N THR A 40 -8.02 -14.87 5.72
CA THR A 40 -9.21 -15.18 4.87
C THR A 40 -8.96 -14.79 3.42
N LYS A 41 -7.81 -14.23 3.10
CA LYS A 41 -7.57 -13.85 1.68
C LYS A 41 -8.77 -13.04 1.16
N GLU A 42 -9.56 -12.50 2.04
CA GLU A 42 -10.76 -11.69 1.61
C GLU A 42 -10.35 -10.22 1.53
N VAL A 43 -11.12 -9.43 0.84
CA VAL A 43 -10.80 -7.97 0.73
C VAL A 43 -11.47 -7.21 1.87
N ILE A 44 -10.70 -6.48 2.64
CA ILE A 44 -11.27 -5.71 3.79
C ILE A 44 -11.43 -4.23 3.42
N GLN A 45 -10.67 -3.76 2.47
CA GLN A 45 -10.80 -2.31 2.10
C GLN A 45 -10.01 -2.01 0.82
N GLU A 46 -10.27 -0.87 0.25
CA GLU A 46 -9.56 -0.44 -1.01
C GLU A 46 -9.25 1.05 -0.95
N TRP A 47 -8.29 1.49 -1.74
CA TRP A 47 -7.90 2.93 -1.75
C TRP A 47 -7.62 3.36 -3.18
N SER A 48 -7.77 4.62 -3.48
CA SER A 48 -7.49 5.12 -4.86
C SER A 48 -6.00 5.45 -4.99
N LEU A 49 -5.41 5.17 -6.11
CA LEU A 49 -3.96 5.47 -6.29
C LEU A 49 -3.77 7.00 -6.37
N THR A 50 -4.75 7.71 -6.86
CA THR A 50 -4.61 9.18 -6.96
C THR A 50 -4.73 9.81 -5.57
N ASN A 51 -5.02 9.03 -4.57
CA ASN A 51 -5.14 9.58 -3.19
C ASN A 51 -3.80 9.47 -2.47
N ILE A 52 -3.02 8.46 -2.76
CA ILE A 52 -1.70 8.32 -2.09
C ILE A 52 -0.87 9.58 -2.34
N LYS A 53 -0.58 10.33 -1.32
CA LYS A 53 0.23 11.57 -1.50
C LYS A 53 1.72 11.20 -1.46
N ARG A 54 2.14 10.48 -0.45
CA ARG A 54 3.59 10.11 -0.36
C ARG A 54 3.73 8.76 0.34
N TRP A 55 4.93 8.27 0.45
CA TRP A 55 5.15 6.97 1.13
C TRP A 55 6.60 6.89 1.61
N ALA A 56 6.90 5.89 2.39
CA ALA A 56 8.30 5.73 2.89
C ALA A 56 8.56 4.23 3.06
N ALA A 57 9.52 3.69 2.35
CA ALA A 57 9.81 2.23 2.45
C ALA A 57 10.99 2.01 3.39
N SER A 58 10.73 1.56 4.59
CA SER A 58 11.84 1.31 5.55
C SER A 58 12.35 -0.12 5.32
N PRO A 59 13.55 -0.40 5.78
CA PRO A 59 14.13 -1.75 5.62
C PRO A 59 13.26 -2.79 6.33
N LYS A 60 12.15 -2.38 6.90
CA LYS A 60 11.28 -3.36 7.63
C LYS A 60 9.81 -2.98 7.55
N SER A 61 9.47 -1.80 7.07
CA SER A 61 8.03 -1.41 7.01
C SER A 61 7.76 -0.48 5.81
N PHE A 62 6.50 -0.36 5.46
CA PHE A 62 6.08 0.52 4.33
C PHE A 62 5.02 1.50 4.84
N THR A 63 5.06 2.74 4.41
CA THR A 63 4.06 3.75 4.90
C THR A 63 3.47 4.52 3.71
N LEU A 64 2.24 4.94 3.83
CA LEU A 64 1.59 5.73 2.73
C LEU A 64 0.70 6.82 3.34
N ASP A 65 0.43 7.86 2.59
CA ASP A 65 -0.43 8.98 3.10
C ASP A 65 -1.50 9.29 2.06
N PHE A 66 -2.73 9.42 2.49
CA PHE A 66 -3.84 9.74 1.53
C PHE A 66 -4.12 11.24 1.61
N GLY A 67 -3.40 11.94 2.45
CA GLY A 67 -3.63 13.40 2.58
C GLY A 67 -4.87 13.62 3.47
N ASP A 68 -5.57 12.57 3.78
CA ASP A 68 -6.78 12.70 4.64
C ASP A 68 -6.35 12.71 6.10
N TYR A 69 -6.08 13.87 6.63
CA TYR A 69 -5.67 13.97 8.06
C TYR A 69 -6.57 13.09 8.93
N GLN A 70 -7.85 13.19 8.73
CA GLN A 70 -8.80 12.37 9.54
C GLN A 70 -8.37 10.90 9.51
N ASP A 71 -8.06 10.38 8.36
CA ASP A 71 -7.65 8.96 8.26
C ASP A 71 -6.25 8.79 8.86
N GLY A 72 -5.36 9.67 8.53
CA GLY A 72 -3.97 9.56 9.07
C GLY A 72 -3.13 8.66 8.16
N TYR A 73 -1.91 8.40 8.53
CA TYR A 73 -1.04 7.53 7.69
C TYR A 73 -1.39 6.06 7.94
N TYR A 74 -1.04 5.19 7.02
CA TYR A 74 -1.31 3.74 7.18
C TYR A 74 -0.03 2.98 6.85
N SER A 75 0.63 2.45 7.84
CA SER A 75 1.90 1.70 7.61
C SER A 75 1.80 0.28 8.16
N VAL A 76 2.67 -0.58 7.72
CA VAL A 76 2.67 -2.00 8.20
C VAL A 76 4.09 -2.55 8.11
N GLN A 77 4.33 -3.72 8.63
CA GLN A 77 5.70 -4.29 8.57
C GLN A 77 5.94 -4.87 7.18
N THR A 78 7.12 -4.67 6.65
CA THR A 78 7.45 -5.19 5.30
C THR A 78 8.94 -5.47 5.22
N THR A 79 9.30 -6.70 4.95
CA THR A 79 10.75 -7.04 4.86
C THR A 79 11.35 -6.37 3.62
N GLU A 80 10.51 -5.97 2.70
CA GLU A 80 11.00 -5.31 1.46
C GLU A 80 9.96 -4.32 0.96
N GLY A 81 9.51 -3.45 1.82
CA GLY A 81 8.49 -2.44 1.41
C GLY A 81 8.99 -1.67 0.19
N GLU A 82 10.23 -1.85 -0.16
CA GLU A 82 10.78 -1.13 -1.33
C GLU A 82 9.98 -1.52 -2.58
N GLN A 83 9.93 -2.78 -2.86
CA GLN A 83 9.17 -3.26 -4.06
C GLN A 83 7.78 -2.67 -4.00
N ILE A 84 7.14 -2.78 -2.87
CA ILE A 84 5.78 -2.22 -2.72
C ILE A 84 5.81 -0.76 -3.16
N ALA A 85 6.93 -0.11 -2.96
CA ALA A 85 7.06 1.32 -3.37
C ALA A 85 7.46 1.37 -4.84
N GLN A 86 8.15 0.38 -5.33
CA GLN A 86 8.55 0.38 -6.75
C GLN A 86 7.37 -0.05 -7.61
N LEU A 87 6.60 -0.98 -7.13
CA LEU A 87 5.42 -1.45 -7.89
C LEU A 87 4.39 -0.32 -7.89
N ILE A 88 4.25 0.32 -6.77
CA ILE A 88 3.28 1.43 -6.65
C ILE A 88 3.83 2.65 -7.39
N ALA A 89 5.06 2.99 -7.13
CA ALA A 89 5.67 4.16 -7.82
C ALA A 89 5.70 3.89 -9.32
N GLY A 90 5.54 2.65 -9.71
CA GLY A 90 5.56 2.30 -11.16
C GLY A 90 4.16 2.45 -11.76
N TYR A 91 3.13 2.30 -10.98
CA TYR A 91 1.74 2.43 -11.53
C TYR A 91 1.38 3.92 -11.60
N ILE A 92 2.09 4.75 -10.91
CA ILE A 92 1.76 6.21 -10.91
C ILE A 92 2.42 6.90 -12.10
N ASP A 93 3.53 6.39 -12.56
CA ASP A 93 4.23 7.02 -13.71
C ASP A 93 3.64 6.52 -15.03
N ILE A 94 2.99 5.40 -15.01
CA ILE A 94 2.41 4.84 -16.27
C ILE A 94 1.03 5.43 -16.51
N ILE A 95 0.36 5.87 -15.49
CA ILE A 95 -1.00 6.46 -15.68
C ILE A 95 -0.86 7.92 -16.07
N LEU A 96 0.14 8.57 -15.56
CA LEU A 96 0.35 10.01 -15.86
C LEU A 96 1.11 10.17 -17.19
N LYS A 97 1.91 9.20 -17.54
CA LYS A 97 2.68 9.30 -18.81
C LYS A 97 1.72 9.24 -20.00
N LYS A 98 0.73 8.40 -19.94
CA LYS A 98 -0.24 8.30 -21.07
C LYS A 98 -1.06 9.58 -21.16
N LYS A 99 -1.36 10.19 -20.04
CA LYS A 99 -2.15 11.43 -20.06
C LYS A 99 -1.36 12.55 -20.74
N LYS A 100 -0.12 12.70 -20.39
CA LYS A 100 0.72 13.77 -21.02
C LYS A 100 1.05 13.37 -22.46
N SER B 1 14.99 11.58 2.49
CA SER B 1 14.06 12.72 2.65
C SER B 1 12.66 12.31 2.17
N TRP B 2 12.13 11.24 2.69
CA TRP B 2 10.77 10.78 2.27
C TRP B 2 10.71 10.72 0.73
N VAL B 3 9.54 10.49 0.20
CA VAL B 3 9.36 10.43 -1.27
C VAL B 3 7.92 10.81 -1.60
N PTR B 4 7.71 11.63 -2.58
CA PTR B 4 6.34 12.09 -2.95
C PTR B 4 5.95 11.48 -4.30
O PTR B 4 6.59 10.57 -4.79
CB PTR B 4 6.32 13.61 -3.06
CG PTR B 4 6.31 14.25 -1.68
CD1 PTR B 4 7.39 14.05 -0.80
CD2 PTR B 4 5.24 15.08 -1.29
CE1 PTR B 4 7.39 14.65 0.46
CE2 PTR B 4 5.24 15.68 -0.03
CZ PTR B 4 6.32 15.47 0.84
OH PTR B 4 6.33 16.12 2.17
P PTR B 4 5.87 15.16 3.20
O1P PTR B 4 6.85 14.07 3.33
O2P PTR B 4 4.55 14.60 2.79
O3P PTR B 4 5.72 15.86 4.49
H PTR B 4 8.49 11.99 -3.08
HA PTR B 4 5.62 11.77 -2.20
HB2 PTR B 4 5.44 13.93 -3.60
HB3 PTR B 4 7.19 13.94 -3.60
HD1 PTR B 4 8.21 13.41 -1.10
HD2 PTR B 4 4.42 15.24 -1.96
HE1 PTR B 4 8.21 14.48 1.13
HE2 PTR B 4 4.42 16.31 0.26
N SER B 5 4.91 11.99 -4.91
CA SER B 5 4.48 11.47 -6.25
C SER B 5 3.98 12.67 -7.10
N PRO B 6 4.12 12.60 -8.41
CA PRO B 6 3.67 13.70 -9.28
C PRO B 6 2.15 13.93 -9.11
N LEU B 7 1.42 12.94 -8.68
CA LEU B 7 -0.05 13.12 -8.52
C LEU B 7 -0.33 14.42 -7.75
N HIS B 8 -0.98 15.36 -8.38
CA HIS B 8 -1.29 16.65 -7.70
C HIS B 8 -2.45 16.44 -6.72
N LEU A 1 -13.54 -13.93 -5.69
CA LEU A 1 -12.18 -13.66 -6.26
C LEU A 1 -12.07 -12.17 -6.58
N LYS A 2 -12.32 -11.33 -5.61
CA LYS A 2 -12.23 -9.87 -5.86
C LYS A 2 -10.76 -9.48 -6.06
N THR A 3 -9.90 -10.47 -6.20
CA THR A 3 -8.45 -10.19 -6.40
C THR A 3 -7.95 -10.97 -7.62
N TYR A 4 -8.71 -10.93 -8.68
CA TYR A 4 -8.31 -11.67 -9.92
C TYR A 4 -7.31 -10.84 -10.71
N GLY A 5 -6.06 -11.24 -10.73
CA GLY A 5 -5.03 -10.47 -11.48
C GLY A 5 -4.56 -9.28 -10.65
N VAL A 6 -4.31 -9.50 -9.39
CA VAL A 6 -3.85 -8.40 -8.48
C VAL A 6 -2.59 -8.86 -7.74
N SER A 7 -1.63 -7.99 -7.59
CA SER A 7 -0.37 -8.38 -6.89
C SER A 7 -0.56 -8.27 -5.38
N PHE A 8 -0.81 -9.37 -4.74
CA PHE A 8 -1.01 -9.38 -3.26
C PHE A 8 0.34 -9.53 -2.55
N PHE A 9 0.71 -8.58 -1.72
CA PHE A 9 2.00 -8.66 -0.99
C PHE A 9 1.73 -9.06 0.47
N LEU A 10 2.49 -9.99 1.00
CA LEU A 10 2.28 -10.40 2.42
C LEU A 10 2.98 -9.42 3.34
N VAL A 11 2.22 -8.61 4.02
CA VAL A 11 2.81 -7.64 4.98
C VAL A 11 2.26 -7.98 6.36
N LYS A 12 2.98 -7.66 7.40
CA LYS A 12 2.49 -7.97 8.78
C LYS A 12 2.08 -6.66 9.45
N GLU A 13 1.02 -6.70 10.20
CA GLU A 13 0.52 -5.47 10.90
C GLU A 13 0.58 -5.69 12.40
N LYS A 14 0.56 -4.62 13.16
CA LYS A 14 0.60 -4.73 14.64
C LYS A 14 -0.79 -4.40 15.20
N MET A 15 -1.56 -5.40 15.51
CA MET A 15 -2.92 -5.12 16.06
C MET A 15 -2.79 -4.59 17.49
N LYS A 16 -3.74 -3.82 17.90
CA LYS A 16 -3.74 -3.22 19.27
C LYS A 16 -3.59 -4.29 20.37
N GLY A 17 -4.71 -4.78 20.85
CA GLY A 17 -4.72 -5.80 21.96
C GLY A 17 -3.51 -6.72 21.90
N LYS A 18 -2.97 -6.98 20.74
CA LYS A 18 -1.79 -7.90 20.64
C LYS A 18 -0.54 -7.12 20.22
N ASN A 19 0.49 -7.18 21.01
CA ASN A 19 1.75 -6.49 20.62
C ASN A 19 2.36 -7.35 19.53
N LYS A 20 1.69 -8.43 19.26
CA LYS A 20 2.14 -9.40 18.23
C LYS A 20 2.00 -8.77 16.84
N LEU A 21 2.24 -9.56 15.82
CA LEU A 21 2.12 -9.07 14.42
C LEU A 21 0.92 -9.77 13.77
N VAL A 22 0.37 -9.19 12.74
CA VAL A 22 -0.80 -9.82 12.06
C VAL A 22 -0.55 -9.87 10.53
N PRO A 23 -0.41 -11.07 9.96
CA PRO A 23 -0.18 -11.19 8.50
C PRO A 23 -1.33 -10.52 7.73
N ARG A 24 -1.02 -9.96 6.59
CA ARG A 24 -2.07 -9.29 5.77
C ARG A 24 -1.62 -9.30 4.30
N LEU A 25 -2.55 -9.44 3.39
CA LEU A 25 -2.19 -9.44 1.94
C LEU A 25 -2.56 -8.06 1.38
N LEU A 26 -1.74 -7.51 0.52
CA LEU A 26 -2.02 -6.14 -0.04
C LEU A 26 -2.01 -6.17 -1.57
N GLY A 27 -3.17 -6.04 -2.16
CA GLY A 27 -3.29 -6.06 -3.64
C GLY A 27 -2.90 -4.71 -4.24
N ILE A 28 -1.99 -4.71 -5.18
CA ILE A 28 -1.56 -3.43 -5.84
C ILE A 28 -2.07 -3.44 -7.29
N THR A 29 -2.76 -2.40 -7.69
CA THR A 29 -3.29 -2.33 -9.10
C THR A 29 -2.92 -0.96 -9.67
N LYS A 30 -3.04 -0.79 -10.96
CA LYS A 30 -2.71 0.52 -11.58
C LYS A 30 -3.80 1.54 -11.26
N GLU A 31 -4.94 1.07 -10.82
CA GLU A 31 -6.06 2.00 -10.50
C GLU A 31 -6.22 2.20 -8.99
N CYS A 32 -5.74 1.28 -8.19
CA CYS A 32 -5.91 1.46 -6.71
C CYS A 32 -5.15 0.38 -5.94
N VAL A 33 -5.01 0.57 -4.65
CA VAL A 33 -4.34 -0.44 -3.78
C VAL A 33 -5.43 -1.20 -3.05
N MET A 34 -5.40 -2.52 -3.05
CA MET A 34 -6.50 -3.29 -2.37
C MET A 34 -6.04 -3.81 -1.01
N ARG A 35 -6.90 -3.78 -0.03
CA ARG A 35 -6.54 -4.35 1.30
C ARG A 35 -7.02 -5.78 1.29
N VAL A 36 -6.18 -6.72 1.62
CA VAL A 36 -6.60 -8.14 1.58
C VAL A 36 -6.10 -8.88 2.83
N ASP A 37 -7.01 -9.49 3.55
CA ASP A 37 -6.61 -10.25 4.77
C ASP A 37 -5.84 -11.50 4.36
N GLU A 38 -4.92 -11.92 5.17
CA GLU A 38 -4.14 -13.15 4.83
C GLU A 38 -4.88 -14.34 5.39
N LYS A 39 -5.70 -14.07 6.34
CA LYS A 39 -6.50 -15.12 7.00
C LYS A 39 -7.67 -15.50 6.09
N THR A 40 -8.39 -14.53 5.62
CA THR A 40 -9.57 -14.81 4.74
C THR A 40 -9.20 -14.58 3.27
N LYS A 41 -8.03 -14.06 2.99
CA LYS A 41 -7.66 -13.84 1.56
C LYS A 41 -8.79 -13.07 0.86
N GLU A 42 -9.60 -12.35 1.61
CA GLU A 42 -10.72 -11.57 1.01
C GLU A 42 -10.33 -10.09 0.95
N VAL A 43 -11.03 -9.31 0.17
CA VAL A 43 -10.72 -7.85 0.07
C VAL A 43 -11.41 -7.11 1.21
N ILE A 44 -10.66 -6.37 1.99
CA ILE A 44 -11.27 -5.61 3.13
C ILE A 44 -11.43 -4.13 2.75
N GLN A 45 -10.62 -3.63 1.86
CA GLN A 45 -10.75 -2.19 1.48
C GLN A 45 -9.89 -1.87 0.27
N GLU A 46 -10.12 -0.73 -0.34
CA GLU A 46 -9.35 -0.30 -1.54
C GLU A 46 -9.02 1.20 -1.42
N TRP A 47 -8.01 1.64 -2.15
CA TRP A 47 -7.62 3.09 -2.10
C TRP A 47 -7.26 3.56 -3.50
N SER A 48 -7.50 4.80 -3.80
CA SER A 48 -7.15 5.34 -5.15
C SER A 48 -5.67 5.72 -5.17
N LEU A 49 -4.99 5.42 -6.25
CA LEU A 49 -3.54 5.76 -6.33
C LEU A 49 -3.39 7.29 -6.31
N THR A 50 -4.34 8.00 -6.85
CA THR A 50 -4.23 9.48 -6.88
C THR A 50 -4.52 10.05 -5.49
N ASN A 51 -4.97 9.24 -4.57
CA ASN A 51 -5.28 9.74 -3.20
C ASN A 51 -4.04 9.63 -2.31
N ILE A 52 -3.01 8.99 -2.79
CA ILE A 52 -1.78 8.84 -1.97
C ILE A 52 -1.02 10.17 -1.91
N LYS A 53 -0.74 10.65 -0.72
CA LYS A 53 -0.01 11.94 -0.58
C LYS A 53 1.50 11.65 -0.71
N ARG A 54 1.99 10.70 0.03
CA ARG A 54 3.44 10.35 -0.06
C ARG A 54 3.69 9.07 0.74
N TRP A 55 4.88 8.53 0.67
CA TRP A 55 5.16 7.27 1.43
C TRP A 55 6.62 7.23 1.87
N ALA A 56 6.96 6.25 2.66
CA ALA A 56 8.37 6.12 3.15
C ALA A 56 8.68 4.63 3.26
N ALA A 57 9.46 4.11 2.35
CA ALA A 57 9.78 2.65 2.38
C ALA A 57 11.16 2.41 2.99
N SER A 58 11.29 1.35 3.76
CA SER A 58 12.60 1.03 4.39
C SER A 58 12.75 -0.50 4.38
N PRO A 59 13.97 -0.99 4.49
CA PRO A 59 14.22 -2.43 4.50
C PRO A 59 13.45 -3.08 5.67
N LYS A 60 12.75 -2.27 6.44
CA LYS A 60 12.00 -2.80 7.61
C LYS A 60 10.50 -2.79 7.34
N SER A 61 9.95 -1.63 7.12
CA SER A 61 8.47 -1.53 6.89
C SER A 61 8.14 -0.54 5.77
N PHE A 62 6.88 -0.50 5.39
CA PHE A 62 6.42 0.43 4.30
C PHE A 62 5.36 1.36 4.90
N THR A 63 5.37 2.63 4.55
CA THR A 63 4.36 3.58 5.13
C THR A 63 3.81 4.47 4.02
N LEU A 64 2.50 4.50 3.85
CA LEU A 64 1.89 5.38 2.81
C LEU A 64 1.05 6.45 3.51
N ASP A 65 0.84 7.56 2.85
CA ASP A 65 0.05 8.68 3.47
C ASP A 65 -1.02 9.15 2.49
N PHE A 66 -2.23 9.31 2.96
CA PHE A 66 -3.33 9.79 2.07
C PHE A 66 -3.59 11.26 2.37
N GLY A 67 -2.86 11.81 3.30
CA GLY A 67 -3.05 13.24 3.67
C GLY A 67 -4.15 13.36 4.72
N ASP A 68 -4.77 12.26 5.08
CA ASP A 68 -5.85 12.31 6.10
C ASP A 68 -5.24 12.28 7.50
N TYR A 69 -4.73 13.38 7.98
CA TYR A 69 -4.13 13.40 9.34
C TYR A 69 -5.11 12.75 10.33
N GLN A 70 -6.35 13.12 10.25
CA GLN A 70 -7.37 12.54 11.17
C GLN A 70 -7.35 11.01 11.09
N ASP A 71 -7.52 10.47 9.90
CA ASP A 71 -7.51 9.00 9.76
C ASP A 71 -6.15 8.46 10.17
N GLY A 72 -5.11 9.22 9.93
CA GLY A 72 -3.73 8.78 10.31
C GLY A 72 -3.08 8.07 9.12
N TYR A 73 -1.81 7.79 9.22
CA TYR A 73 -1.09 7.11 8.11
C TYR A 73 -1.40 5.61 8.14
N TYR A 74 -0.96 4.89 7.15
CA TYR A 74 -1.19 3.41 7.09
C TYR A 74 0.15 2.74 6.77
N SER A 75 0.73 2.09 7.73
CA SER A 75 2.04 1.41 7.51
C SER A 75 1.97 -0.02 8.01
N VAL A 76 2.84 -0.86 7.51
CA VAL A 76 2.85 -2.28 7.94
C VAL A 76 4.27 -2.82 7.82
N GLN A 77 4.53 -4.00 8.31
CA GLN A 77 5.91 -4.56 8.21
C GLN A 77 6.13 -5.09 6.80
N THR A 78 7.28 -4.81 6.23
CA THR A 78 7.59 -5.29 4.86
C THR A 78 9.08 -5.51 4.73
N THR A 79 9.49 -6.73 4.55
CA THR A 79 10.94 -7.02 4.39
C THR A 79 11.42 -6.41 3.09
N GLU A 80 10.50 -6.10 2.20
CA GLU A 80 10.89 -5.49 0.89
C GLU A 80 9.93 -4.33 0.57
N GLY A 81 9.66 -3.51 1.54
CA GLY A 81 8.74 -2.36 1.29
C GLY A 81 9.27 -1.55 0.11
N GLU A 82 10.45 -1.86 -0.35
CA GLU A 82 11.02 -1.11 -1.50
C GLU A 82 10.26 -1.48 -2.77
N GLN A 83 10.24 -2.73 -3.10
CA GLN A 83 9.51 -3.18 -4.32
C GLN A 83 8.09 -2.64 -4.25
N ILE A 84 7.47 -2.81 -3.12
CA ILE A 84 6.09 -2.30 -2.96
C ILE A 84 6.10 -0.82 -3.31
N ALA A 85 7.21 -0.17 -3.09
CA ALA A 85 7.31 1.27 -3.42
C ALA A 85 7.67 1.42 -4.90
N GLN A 86 8.37 0.46 -5.44
CA GLN A 86 8.74 0.52 -6.87
C GLN A 86 7.54 0.11 -7.70
N LEU A 87 6.82 -0.88 -7.24
CA LEU A 87 5.62 -1.33 -7.98
C LEU A 87 4.59 -0.21 -7.91
N ILE A 88 4.52 0.42 -6.77
CA ILE A 88 3.57 1.54 -6.58
C ILE A 88 4.09 2.75 -7.34
N ALA A 89 5.32 3.12 -7.09
CA ALA A 89 5.92 4.29 -7.78
C ALA A 89 5.92 4.03 -9.29
N GLY A 90 5.77 2.77 -9.66
CA GLY A 90 5.77 2.43 -11.12
C GLY A 90 4.35 2.54 -11.68
N TYR A 91 3.35 2.40 -10.86
CA TYR A 91 1.94 2.50 -11.37
C TYR A 91 1.54 3.97 -11.44
N ILE A 92 2.12 4.79 -10.61
CA ILE A 92 1.75 6.23 -10.61
C ILE A 92 2.34 6.94 -11.83
N ASP A 93 3.37 6.39 -12.39
CA ASP A 93 3.99 7.03 -13.59
C ASP A 93 3.25 6.60 -14.86
N ILE A 94 2.54 5.51 -14.80
CA ILE A 94 1.82 5.01 -16.01
C ILE A 94 0.45 5.68 -16.11
N ILE A 95 -0.08 6.13 -15.00
CA ILE A 95 -1.42 6.79 -15.05
C ILE A 95 -1.22 8.24 -15.46
N LEU A 96 -0.14 8.82 -15.02
CA LEU A 96 0.15 10.23 -15.35
C LEU A 96 0.71 10.31 -16.78
N LYS A 97 1.26 9.24 -17.26
CA LYS A 97 1.83 9.24 -18.64
C LYS A 97 0.71 9.38 -19.66
N LYS A 98 -0.43 8.80 -19.39
CA LYS A 98 -1.56 8.91 -20.35
C LYS A 98 -2.15 10.32 -20.31
N LYS A 99 -2.25 10.88 -19.13
CA LYS A 99 -2.81 12.25 -19.01
C LYS A 99 -1.95 13.23 -19.80
N LYS A 100 -0.65 13.16 -19.65
CA LYS A 100 0.25 14.09 -20.39
C LYS A 100 0.47 13.57 -21.81
N SER B 1 14.95 12.48 2.44
CA SER B 1 13.83 12.87 3.36
C SER B 1 12.50 12.40 2.78
N TRP B 2 12.01 11.28 3.22
CA TRP B 2 10.71 10.76 2.69
C TRP B 2 10.77 10.72 1.16
N VAL B 3 9.66 10.43 0.54
CA VAL B 3 9.61 10.36 -0.95
C VAL B 3 8.19 10.76 -1.37
N PTR B 4 8.07 11.56 -2.40
CA PTR B 4 6.71 12.02 -2.86
C PTR B 4 6.45 11.56 -4.29
O PTR B 4 7.37 11.20 -5.02
CB PTR B 4 6.65 13.54 -2.79
CG PTR B 4 6.52 13.99 -1.34
CD1 PTR B 4 7.57 13.75 -0.44
CD2 PTR B 4 5.35 14.63 -0.91
CE1 PTR B 4 7.45 14.16 0.89
CE2 PTR B 4 5.24 15.03 0.43
CZ PTR B 4 6.28 14.80 1.32
OH PTR B 4 6.15 15.24 2.73
P PTR B 4 6.74 16.60 2.87
O1P PTR B 4 8.04 16.65 2.17
O2P PTR B 4 6.94 16.89 4.31
O3P PTR B 4 5.81 17.59 2.28
H PTR B 4 8.87 11.88 -2.86
HA PTR B 4 5.94 11.60 -2.22
HB2 PTR B 4 5.79 13.89 -3.35
HB3 PTR B 4 7.56 13.95 -3.22
HD1 PTR B 4 8.48 13.27 -0.78
HD2 PTR B 4 4.54 14.80 -1.61
HE1 PTR B 4 8.25 13.99 1.58
HE2 PTR B 4 4.34 15.53 0.76
N SER B 5 5.21 11.57 -4.71
CA SER B 5 4.87 11.13 -6.10
C SER B 5 4.63 12.38 -6.97
N PRO B 6 4.80 12.25 -8.28
CA PRO B 6 4.58 13.39 -9.19
C PRO B 6 3.12 13.87 -9.06
N LEU B 7 2.25 13.04 -8.55
CA LEU B 7 0.82 13.44 -8.40
C LEU B 7 0.75 14.84 -7.77
N HIS B 8 -0.42 15.42 -7.73
CA HIS B 8 -0.56 16.78 -7.15
C HIS B 8 -0.05 16.76 -5.71
N LEU A 1 -12.81 -13.35 -8.24
CA LEU A 1 -13.10 -11.90 -8.03
C LEU A 1 -12.13 -11.34 -7.00
N LYS A 2 -12.22 -10.07 -6.72
CA LYS A 2 -11.30 -9.45 -5.73
C LYS A 2 -9.86 -9.89 -6.03
N THR A 3 -9.64 -10.42 -7.19
CA THR A 3 -8.26 -10.88 -7.56
C THR A 3 -8.12 -10.82 -9.09
N TYR A 4 -8.49 -9.71 -9.68
CA TYR A 4 -8.38 -9.58 -11.16
C TYR A 4 -6.97 -9.10 -11.52
N GLY A 5 -6.03 -10.01 -11.58
CA GLY A 5 -4.63 -9.60 -11.93
C GLY A 5 -4.10 -8.60 -10.90
N VAL A 6 -4.28 -8.89 -9.63
CA VAL A 6 -3.79 -7.96 -8.55
C VAL A 6 -2.58 -8.59 -7.85
N SER A 7 -1.56 -7.83 -7.58
CA SER A 7 -0.36 -8.39 -6.91
C SER A 7 -0.51 -8.29 -5.39
N PHE A 8 -0.88 -9.38 -4.77
CA PHE A 8 -1.06 -9.39 -3.28
C PHE A 8 0.29 -9.62 -2.61
N PHE A 9 0.71 -8.69 -1.77
CA PHE A 9 2.02 -8.84 -1.05
C PHE A 9 1.72 -9.20 0.42
N LEU A 10 2.44 -10.14 0.98
CA LEU A 10 2.19 -10.51 2.40
C LEU A 10 2.93 -9.53 3.30
N VAL A 11 2.22 -8.94 4.20
CA VAL A 11 2.82 -7.97 5.15
C VAL A 11 2.24 -8.24 6.52
N LYS A 12 2.95 -7.91 7.57
CA LYS A 12 2.42 -8.16 8.95
C LYS A 12 2.02 -6.82 9.57
N GLU A 13 1.03 -6.85 10.42
CA GLU A 13 0.56 -5.59 11.09
C GLU A 13 0.54 -5.81 12.60
N LYS A 14 0.55 -4.75 13.35
CA LYS A 14 0.55 -4.87 14.83
C LYS A 14 -0.88 -4.65 15.34
N MET A 15 -1.40 -5.61 16.04
CA MET A 15 -2.77 -5.49 16.58
C MET A 15 -2.81 -4.43 17.68
N LYS A 16 -3.95 -3.80 17.86
CA LYS A 16 -4.14 -2.71 18.89
C LYS A 16 -2.91 -2.52 19.80
N GLY A 17 -2.65 -3.48 20.64
CA GLY A 17 -1.47 -3.37 21.56
C GLY A 17 -0.73 -4.70 21.61
N LYS A 18 -1.33 -5.77 21.17
CA LYS A 18 -0.63 -7.08 21.21
C LYS A 18 0.79 -6.91 20.65
N ASN A 19 1.78 -7.29 21.40
CA ASN A 19 3.16 -7.19 20.87
C ASN A 19 3.25 -8.16 19.71
N LYS A 20 2.18 -8.88 19.49
CA LYS A 20 2.13 -9.87 18.39
C LYS A 20 2.04 -9.14 17.04
N LEU A 21 1.87 -9.89 16.00
CA LEU A 21 1.74 -9.30 14.63
C LEU A 21 0.61 -10.03 13.90
N VAL A 22 0.06 -9.41 12.88
CA VAL A 22 -1.06 -10.07 12.12
C VAL A 22 -0.72 -10.07 10.61
N PRO A 23 -0.55 -11.25 10.00
CA PRO A 23 -0.26 -11.31 8.54
C PRO A 23 -1.36 -10.61 7.75
N ARG A 24 -1.02 -10.05 6.62
CA ARG A 24 -2.04 -9.35 5.80
C ARG A 24 -1.59 -9.37 4.33
N LEU A 25 -2.51 -9.43 3.41
CA LEU A 25 -2.15 -9.44 1.97
C LEU A 25 -2.42 -8.03 1.43
N LEU A 26 -1.56 -7.54 0.57
CA LEU A 26 -1.73 -6.15 0.03
C LEU A 26 -1.74 -6.16 -1.50
N GLY A 27 -2.88 -5.90 -2.08
CA GLY A 27 -3.02 -5.88 -3.56
C GLY A 27 -2.68 -4.51 -4.13
N ILE A 28 -1.83 -4.46 -5.12
CA ILE A 28 -1.44 -3.17 -5.76
C ILE A 28 -1.99 -3.13 -7.19
N THR A 29 -2.94 -2.28 -7.47
CA THR A 29 -3.50 -2.20 -8.85
C THR A 29 -2.91 -0.97 -9.54
N LYS A 30 -3.02 -0.89 -10.83
CA LYS A 30 -2.46 0.28 -11.55
C LYS A 30 -3.36 1.49 -11.35
N GLU A 31 -4.56 1.27 -10.89
CA GLU A 31 -5.52 2.40 -10.67
C GLU A 31 -5.82 2.55 -9.18
N CYS A 32 -5.37 1.64 -8.35
CA CYS A 32 -5.68 1.77 -6.90
C CYS A 32 -4.94 0.70 -6.07
N VAL A 33 -4.99 0.84 -4.78
CA VAL A 33 -4.34 -0.16 -3.86
C VAL A 33 -5.44 -0.75 -2.99
N MET A 34 -5.34 -1.99 -2.58
CA MET A 34 -6.44 -2.58 -1.74
C MET A 34 -5.90 -3.34 -0.55
N ARG A 35 -6.67 -3.38 0.50
CA ARG A 35 -6.24 -4.13 1.72
C ARG A 35 -6.79 -5.54 1.60
N VAL A 36 -5.95 -6.54 1.69
CA VAL A 36 -6.43 -7.94 1.56
C VAL A 36 -5.99 -8.72 2.79
N ASP A 37 -6.93 -9.30 3.48
CA ASP A 37 -6.58 -10.09 4.70
C ASP A 37 -5.88 -11.37 4.29
N GLU A 38 -4.97 -11.84 5.10
CA GLU A 38 -4.24 -13.10 4.77
C GLU A 38 -5.04 -14.23 5.37
N LYS A 39 -5.85 -13.89 6.32
CA LYS A 39 -6.69 -14.88 7.00
C LYS A 39 -7.85 -15.28 6.10
N THR A 40 -8.58 -14.32 5.61
CA THR A 40 -9.74 -14.61 4.71
C THR A 40 -9.35 -14.42 3.25
N LYS A 41 -8.15 -13.97 2.98
CA LYS A 41 -7.75 -13.78 1.56
C LYS A 41 -8.82 -12.95 0.83
N GLU A 42 -9.52 -12.11 1.56
CA GLU A 42 -10.59 -11.26 0.93
C GLU A 42 -10.13 -9.80 0.92
N VAL A 43 -10.77 -8.98 0.11
CA VAL A 43 -10.39 -7.53 0.05
C VAL A 43 -11.11 -6.78 1.17
N ILE A 44 -10.36 -6.10 2.01
CA ILE A 44 -10.99 -5.35 3.13
C ILE A 44 -11.16 -3.87 2.78
N GLN A 45 -10.32 -3.34 1.93
CA GLN A 45 -10.46 -1.89 1.57
C GLN A 45 -9.84 -1.60 0.20
N GLU A 46 -10.14 -0.45 -0.33
CA GLU A 46 -9.62 0.00 -1.67
C GLU A 46 -9.15 1.45 -1.55
N TRP A 47 -8.14 1.83 -2.30
CA TRP A 47 -7.64 3.23 -2.24
C TRP A 47 -7.32 3.72 -3.65
N SER A 48 -7.47 4.99 -3.91
CA SER A 48 -7.15 5.53 -5.26
C SER A 48 -5.65 5.81 -5.35
N LEU A 49 -5.02 5.45 -6.43
CA LEU A 49 -3.55 5.69 -6.55
C LEU A 49 -3.30 7.20 -6.54
N THR A 50 -4.28 7.99 -6.91
CA THR A 50 -4.09 9.47 -6.92
C THR A 50 -4.30 10.03 -5.51
N ASN A 51 -4.66 9.20 -4.57
CA ASN A 51 -4.88 9.68 -3.18
C ASN A 51 -3.58 9.53 -2.38
N ILE A 52 -2.70 8.68 -2.80
CA ILE A 52 -1.42 8.50 -2.06
C ILE A 52 -0.61 9.80 -2.12
N LYS A 53 -0.25 10.32 -0.97
CA LYS A 53 0.54 11.59 -0.95
C LYS A 53 2.03 11.25 -0.88
N ARG A 54 2.43 10.42 0.04
CA ARG A 54 3.87 10.07 0.16
C ARG A 54 4.00 8.66 0.77
N TRP A 55 5.20 8.16 0.85
CA TRP A 55 5.39 6.82 1.47
C TRP A 55 6.83 6.69 1.97
N ALA A 56 7.10 5.65 2.69
CA ALA A 56 8.48 5.44 3.21
C ALA A 56 8.75 3.94 3.28
N ALA A 57 9.63 3.44 2.43
CA ALA A 57 9.93 1.98 2.43
C ALA A 57 11.20 1.71 3.21
N SER A 58 11.09 1.15 4.40
CA SER A 58 12.29 0.85 5.20
C SER A 58 12.71 -0.61 4.92
N PRO A 59 13.94 -0.96 5.24
CA PRO A 59 14.43 -2.32 5.01
C PRO A 59 13.57 -3.34 5.79
N LYS A 60 12.54 -2.89 6.47
CA LYS A 60 11.70 -3.85 7.25
C LYS A 60 10.24 -3.40 7.27
N SER A 61 9.98 -2.13 7.15
CA SER A 61 8.56 -1.62 7.19
C SER A 61 8.22 -0.81 5.94
N PHE A 62 6.94 -0.55 5.77
CA PHE A 62 6.47 0.25 4.59
C PHE A 62 5.34 1.16 5.06
N THR A 63 5.28 2.39 4.59
CA THR A 63 4.20 3.33 5.07
C THR A 63 3.68 4.18 3.92
N LEU A 64 2.42 4.55 3.98
CA LEU A 64 1.82 5.42 2.93
C LEU A 64 0.93 6.47 3.60
N ASP A 65 0.72 7.59 2.95
CA ASP A 65 -0.13 8.67 3.54
C ASP A 65 -1.15 9.14 2.50
N PHE A 66 -2.41 9.11 2.83
CA PHE A 66 -3.46 9.56 1.87
C PHE A 66 -3.76 11.03 2.15
N GLY A 67 -3.12 11.59 3.14
CA GLY A 67 -3.37 13.01 3.48
C GLY A 67 -4.66 13.10 4.31
N ASP A 68 -5.35 12.00 4.48
CA ASP A 68 -6.61 12.02 5.26
C ASP A 68 -6.32 11.73 6.73
N TYR A 69 -6.13 12.75 7.52
CA TYR A 69 -5.84 12.54 8.96
C TYR A 69 -6.86 11.53 9.54
N GLN A 70 -8.11 11.71 9.22
CA GLN A 70 -9.15 10.77 9.73
C GLN A 70 -8.68 9.33 9.48
N ASP A 71 -8.49 8.96 8.25
CA ASP A 71 -8.04 7.58 7.95
C ASP A 71 -6.70 7.35 8.62
N GLY A 72 -5.92 8.37 8.75
CA GLY A 72 -4.58 8.23 9.40
C GLY A 72 -3.63 7.50 8.45
N TYR A 73 -2.37 7.45 8.79
CA TYR A 73 -1.39 6.77 7.92
C TYR A 73 -1.62 5.25 7.97
N TYR A 74 -1.09 4.53 7.03
CA TYR A 74 -1.24 3.05 7.01
C TYR A 74 0.13 2.41 6.79
N SER A 75 0.67 1.81 7.81
CA SER A 75 2.01 1.17 7.69
C SER A 75 1.96 -0.27 8.17
N VAL A 76 2.85 -1.08 7.67
CA VAL A 76 2.88 -2.52 8.06
C VAL A 76 4.30 -3.04 7.91
N GLN A 77 4.57 -4.24 8.35
CA GLN A 77 5.94 -4.78 8.25
C GLN A 77 6.20 -5.25 6.81
N THR A 78 7.39 -5.02 6.31
CA THR A 78 7.73 -5.45 4.93
C THR A 78 9.22 -5.73 4.83
N THR A 79 9.58 -6.94 4.58
CA THR A 79 11.03 -7.28 4.46
C THR A 79 11.59 -6.58 3.23
N GLU A 80 10.74 -6.23 2.31
CA GLU A 80 11.19 -5.54 1.05
C GLU A 80 10.23 -4.39 0.73
N GLY A 81 9.86 -3.63 1.73
CA GLY A 81 8.93 -2.47 1.51
C GLY A 81 9.38 -1.69 0.27
N GLU A 82 10.60 -1.90 -0.15
CA GLU A 82 11.11 -1.17 -1.35
C GLU A 82 10.28 -1.58 -2.57
N GLN A 83 10.24 -2.85 -2.85
CA GLN A 83 9.45 -3.34 -4.02
C GLN A 83 8.06 -2.74 -3.95
N ILE A 84 7.46 -2.82 -2.79
CA ILE A 84 6.11 -2.25 -2.63
C ILE A 84 6.14 -0.79 -3.08
N ALA A 85 7.23 -0.13 -2.84
CA ALA A 85 7.37 1.29 -3.26
C ALA A 85 7.81 1.36 -4.72
N GLN A 86 8.49 0.35 -5.19
CA GLN A 86 8.94 0.36 -6.61
C GLN A 86 7.79 -0.07 -7.49
N LEU A 87 6.99 -0.98 -7.02
CA LEU A 87 5.83 -1.45 -7.82
C LEU A 87 4.78 -0.35 -7.82
N ILE A 88 4.67 0.34 -6.72
CA ILE A 88 3.67 1.44 -6.62
C ILE A 88 4.23 2.68 -7.31
N ALA A 89 5.47 3.02 -7.03
CA ALA A 89 6.09 4.21 -7.66
C ALA A 89 6.08 4.03 -9.19
N GLY A 90 5.91 2.83 -9.64
CA GLY A 90 5.91 2.56 -11.11
C GLY A 90 4.50 2.74 -11.69
N TYR A 91 3.47 2.57 -10.90
CA TYR A 91 2.09 2.73 -11.45
C TYR A 91 1.70 4.21 -11.43
N ILE A 92 2.34 4.99 -10.60
CA ILE A 92 1.99 6.43 -10.52
C ILE A 92 2.49 7.17 -11.77
N ASP A 93 3.48 6.64 -12.42
CA ASP A 93 4.02 7.31 -13.65
C ASP A 93 3.20 6.89 -14.86
N ILE A 94 2.50 5.80 -14.76
CA ILE A 94 1.69 5.32 -15.92
C ILE A 94 0.31 5.97 -15.92
N ILE A 95 -0.17 6.38 -14.78
CA ILE A 95 -1.50 7.03 -14.71
C ILE A 95 -1.36 8.51 -15.07
N LEU A 96 -0.28 9.09 -14.67
CA LEU A 96 -0.04 10.52 -14.96
C LEU A 96 0.35 10.68 -16.43
N LYS A 97 0.83 9.62 -17.03
CA LYS A 97 1.23 9.68 -18.45
C LYS A 97 0.01 10.01 -19.32
N LYS A 98 -1.12 9.45 -18.99
CA LYS A 98 -2.35 9.72 -19.78
C LYS A 98 -2.79 11.16 -19.53
N LYS A 99 -2.94 11.54 -18.29
CA LYS A 99 -3.37 12.93 -17.98
C LYS A 99 -2.28 13.91 -18.40
N LYS A 100 -1.08 13.43 -18.60
CA LYS A 100 0.04 14.33 -19.01
C LYS A 100 0.07 15.55 -18.09
N SER B 1 15.51 9.18 3.32
CA SER B 1 14.48 10.02 3.99
C SER B 1 13.11 9.68 3.41
N TRP B 2 12.16 10.58 3.53
CA TRP B 2 10.81 10.31 2.98
C TRP B 2 10.85 10.37 1.45
N VAL B 3 9.71 10.19 0.82
CA VAL B 3 9.63 10.24 -0.66
C VAL B 3 8.20 10.62 -1.04
N PTR B 4 8.04 11.50 -2.00
CA PTR B 4 6.67 11.94 -2.41
C PTR B 4 6.37 11.46 -3.84
O PTR B 4 7.07 10.64 -4.39
CB PTR B 4 6.60 13.48 -2.37
CG PTR B 4 6.43 13.94 -0.94
CD1 PTR B 4 7.40 13.65 0.02
CD2 PTR B 4 5.29 14.68 -0.57
CE1 PTR B 4 7.24 14.09 1.35
CE2 PTR B 4 5.12 15.11 0.75
CZ PTR B 4 6.10 14.81 1.71
OH PTR B 4 5.93 15.27 3.11
P PTR B 4 6.47 16.64 3.24
O1P PTR B 4 7.93 16.61 3.08
O2P PTR B 4 6.13 17.18 4.58
O3P PTR B 4 5.87 17.52 2.20
H PTR B 4 8.82 11.88 -2.44
HA PTR B 4 5.92 11.54 -1.74
HB2 PTR B 4 5.78 13.82 -2.97
HB3 PTR B 4 7.53 13.88 -2.77
HD1 PTR B 4 8.28 13.09 -0.24
HD2 PTR B 4 4.53 14.91 -1.31
HE1 PTR B 4 7.99 13.86 2.09
HE2 PTR B 4 4.24 15.66 1.03
N SER B 5 5.30 11.95 -4.42
CA SER B 5 4.92 11.53 -5.80
C SER B 5 4.54 12.78 -6.62
N PRO B 6 4.71 12.74 -7.94
CA PRO B 6 4.35 13.90 -8.78
C PRO B 6 2.87 14.25 -8.56
N LEU B 7 2.08 13.30 -8.16
CA LEU B 7 0.63 13.58 -7.93
C LEU B 7 0.48 14.83 -7.08
N HIS B 8 -0.21 15.83 -7.58
CA HIS B 8 -0.38 17.08 -6.80
C HIS B 8 -1.43 16.86 -5.71
N LEU A 1 -13.56 -12.92 -7.65
CA LEU A 1 -13.06 -11.73 -8.40
C LEU A 1 -12.33 -10.80 -7.44
N LYS A 2 -12.07 -9.59 -7.84
CA LYS A 2 -11.36 -8.64 -6.96
C LYS A 2 -10.11 -9.30 -6.39
N THR A 3 -9.67 -10.37 -7.02
CA THR A 3 -8.44 -11.07 -6.53
C THR A 3 -7.72 -11.73 -7.72
N TYR A 4 -7.52 -11.00 -8.77
CA TYR A 4 -6.84 -11.57 -9.96
C TYR A 4 -6.09 -10.45 -10.71
N GLY A 5 -4.84 -10.66 -11.00
CA GLY A 5 -4.06 -9.62 -11.74
C GLY A 5 -3.51 -8.59 -10.74
N VAL A 6 -3.72 -8.82 -9.47
CA VAL A 6 -3.22 -7.87 -8.43
C VAL A 6 -2.00 -8.49 -7.72
N SER A 7 -0.98 -7.71 -7.47
CA SER A 7 0.23 -8.27 -6.79
C SER A 7 0.06 -8.15 -5.27
N PHE A 8 -0.14 -9.26 -4.62
CA PHE A 8 -0.30 -9.26 -3.14
C PHE A 8 1.08 -9.28 -2.48
N PHE A 9 1.18 -8.81 -1.26
CA PHE A 9 2.48 -8.79 -0.54
C PHE A 9 2.24 -9.20 0.91
N LEU A 10 3.05 -10.07 1.46
CA LEU A 10 2.84 -10.49 2.86
C LEU A 10 3.33 -9.40 3.81
N VAL A 11 2.42 -8.66 4.38
CA VAL A 11 2.78 -7.60 5.36
C VAL A 11 2.20 -8.01 6.70
N LYS A 12 2.83 -7.63 7.79
CA LYS A 12 2.31 -8.01 9.13
C LYS A 12 1.70 -6.78 9.79
N GLU A 13 0.67 -6.98 10.56
CA GLU A 13 -0.01 -5.83 11.25
C GLU A 13 0.16 -5.99 12.76
N LYS A 14 -0.05 -4.93 13.51
CA LYS A 14 0.11 -4.99 14.98
C LYS A 14 -1.26 -5.02 15.66
N MET A 15 -1.52 -6.03 16.44
CA MET A 15 -2.83 -6.12 17.15
C MET A 15 -2.89 -5.03 18.23
N LYS A 16 -4.09 -4.60 18.55
CA LYS A 16 -4.32 -3.52 19.58
C LYS A 16 -3.04 -3.14 20.34
N GLY A 17 -2.58 -4.00 21.20
CA GLY A 17 -1.34 -3.70 21.99
C GLY A 17 -0.45 -4.93 22.04
N LYS A 18 -0.97 -6.08 21.72
CA LYS A 18 -0.12 -7.31 21.77
C LYS A 18 1.17 -7.05 20.99
N ASN A 19 2.31 -7.27 21.62
CA ASN A 19 3.58 -7.07 20.90
C ASN A 19 3.60 -8.05 19.73
N LYS A 20 2.56 -8.84 19.64
CA LYS A 20 2.47 -9.85 18.55
C LYS A 20 2.31 -9.13 17.21
N LEU A 21 2.10 -9.89 16.17
CA LEU A 21 1.94 -9.31 14.80
C LEU A 21 0.83 -10.09 14.08
N VAL A 22 0.23 -9.51 13.07
CA VAL A 22 -0.87 -10.23 12.31
C VAL A 22 -0.53 -10.23 10.79
N PRO A 23 -0.32 -11.40 10.19
CA PRO A 23 -0.03 -11.46 8.75
C PRO A 23 -1.17 -10.81 7.94
N ARG A 24 -0.84 -10.20 6.84
CA ARG A 24 -1.90 -9.56 6.00
C ARG A 24 -1.38 -9.52 4.56
N LEU A 25 -2.28 -9.52 3.60
CA LEU A 25 -1.84 -9.47 2.17
C LEU A 25 -2.17 -8.07 1.64
N LEU A 26 -1.29 -7.51 0.83
CA LEU A 26 -1.51 -6.12 0.30
C LEU A 26 -1.45 -6.13 -1.24
N GLY A 27 -2.58 -5.94 -1.86
CA GLY A 27 -2.65 -5.93 -3.35
C GLY A 27 -2.41 -4.52 -3.91
N ILE A 28 -1.53 -4.42 -4.88
CA ILE A 28 -1.24 -3.11 -5.52
C ILE A 28 -1.74 -3.18 -6.96
N THR A 29 -2.76 -2.43 -7.29
CA THR A 29 -3.31 -2.47 -8.68
C THR A 29 -2.64 -1.37 -9.51
N LYS A 30 -2.82 -1.41 -10.80
CA LYS A 30 -2.21 -0.38 -11.67
C LYS A 30 -2.99 0.93 -11.54
N GLU A 31 -4.07 0.91 -10.80
CA GLU A 31 -4.89 2.14 -10.63
C GLU A 31 -5.45 2.20 -9.21
N CYS A 32 -5.06 1.31 -8.35
CA CYS A 32 -5.58 1.35 -6.95
C CYS A 32 -4.83 0.37 -6.04
N VAL A 33 -4.93 0.58 -4.76
CA VAL A 33 -4.27 -0.32 -3.76
C VAL A 33 -5.38 -0.96 -2.93
N MET A 34 -5.21 -2.16 -2.44
CA MET A 34 -6.32 -2.80 -1.67
C MET A 34 -5.79 -3.59 -0.49
N ARG A 35 -6.60 -3.70 0.54
CA ARG A 35 -6.17 -4.48 1.74
C ARG A 35 -6.63 -5.91 1.53
N VAL A 36 -5.81 -6.87 1.83
CA VAL A 36 -6.19 -8.29 1.63
C VAL A 36 -5.76 -9.09 2.86
N ASP A 37 -6.67 -9.81 3.46
CA ASP A 37 -6.31 -10.62 4.65
C ASP A 37 -5.47 -11.81 4.23
N GLU A 38 -4.58 -12.24 5.05
CA GLU A 38 -3.73 -13.41 4.71
C GLU A 38 -4.47 -14.66 5.18
N LYS A 39 -5.34 -14.44 6.10
CA LYS A 39 -6.14 -15.55 6.67
C LYS A 39 -7.20 -15.99 5.66
N THR A 40 -7.97 -15.06 5.16
CA THR A 40 -9.04 -15.40 4.17
C THR A 40 -8.61 -15.03 2.75
N LYS A 41 -7.47 -14.40 2.58
CA LYS A 41 -7.06 -14.04 1.19
C LYS A 41 -8.18 -13.26 0.52
N GLU A 42 -9.04 -12.66 1.31
CA GLU A 42 -10.17 -11.86 0.73
C GLU A 42 -9.78 -10.38 0.70
N VAL A 43 -10.48 -9.59 -0.05
CA VAL A 43 -10.16 -8.12 -0.12
C VAL A 43 -10.87 -7.39 1.01
N ILE A 44 -10.14 -6.65 1.82
CA ILE A 44 -10.78 -5.90 2.95
C ILE A 44 -10.98 -4.44 2.57
N GLN A 45 -10.18 -3.90 1.68
CA GLN A 45 -10.36 -2.47 1.30
C GLN A 45 -9.79 -2.19 -0.09
N GLU A 46 -10.13 -1.05 -0.63
CA GLU A 46 -9.66 -0.64 -1.99
C GLU A 46 -9.34 0.87 -1.95
N TRP A 47 -8.28 1.28 -2.61
CA TRP A 47 -7.91 2.73 -2.62
C TRP A 47 -7.43 3.13 -4.01
N SER A 48 -7.56 4.38 -4.37
CA SER A 48 -7.09 4.84 -5.70
C SER A 48 -5.61 5.23 -5.59
N LEU A 49 -4.83 4.94 -6.59
CA LEU A 49 -3.39 5.29 -6.54
C LEU A 49 -3.23 6.82 -6.53
N THR A 50 -4.18 7.52 -7.09
CA THR A 50 -4.09 9.01 -7.11
C THR A 50 -4.42 9.56 -5.73
N ASN A 51 -4.80 8.70 -4.82
CA ASN A 51 -5.14 9.18 -3.45
C ASN A 51 -3.89 9.21 -2.57
N ILE A 52 -2.92 8.38 -2.86
CA ILE A 52 -1.68 8.37 -2.03
C ILE A 52 -0.91 9.68 -2.22
N LYS A 53 -0.61 10.36 -1.14
CA LYS A 53 0.14 11.65 -1.24
C LYS A 53 1.64 11.37 -1.19
N ARG A 54 2.08 10.61 -0.23
CA ARG A 54 3.54 10.29 -0.13
C ARG A 54 3.71 8.93 0.56
N TRP A 55 4.94 8.48 0.68
CA TRP A 55 5.18 7.18 1.36
C TRP A 55 6.62 7.13 1.85
N ALA A 56 6.94 6.12 2.62
CA ALA A 56 8.34 5.98 3.12
C ALA A 56 8.65 4.50 3.25
N ALA A 57 9.68 4.03 2.58
CA ALA A 57 10.03 2.58 2.65
C ALA A 57 11.16 2.36 3.64
N SER A 58 10.89 1.70 4.74
CA SER A 58 11.93 1.43 5.75
C SER A 58 12.61 0.09 5.40
N PRO A 59 13.77 -0.16 5.93
CA PRO A 59 14.49 -1.42 5.66
C PRO A 59 13.65 -2.61 6.13
N LYS A 60 12.45 -2.38 6.61
CA LYS A 60 11.62 -3.52 7.10
C LYS A 60 10.13 -3.18 7.04
N SER A 61 9.78 -1.96 6.76
CA SER A 61 8.32 -1.60 6.73
C SER A 61 8.02 -0.60 5.60
N PHE A 62 6.74 -0.41 5.32
CA PHE A 62 6.30 0.54 4.25
C PHE A 62 5.21 1.45 4.82
N THR A 63 5.23 2.72 4.46
CA THR A 63 4.19 3.67 5.00
C THR A 63 3.61 4.50 3.85
N LEU A 64 2.32 4.75 3.86
CA LEU A 64 1.69 5.57 2.78
C LEU A 64 0.77 6.61 3.43
N ASP A 65 0.51 7.69 2.74
CA ASP A 65 -0.37 8.77 3.29
C ASP A 65 -1.42 9.16 2.25
N PHE A 66 -2.65 9.25 2.64
CA PHE A 66 -3.74 9.63 1.69
C PHE A 66 -4.04 11.12 1.86
N GLY A 67 -3.36 11.75 2.78
CA GLY A 67 -3.61 13.20 3.02
C GLY A 67 -4.89 13.37 3.83
N ASP A 68 -5.60 12.29 4.06
CA ASP A 68 -6.86 12.39 4.85
C ASP A 68 -6.55 12.18 6.33
N TYR A 69 -6.48 13.24 7.09
CA TYR A 69 -6.18 13.11 8.53
C TYR A 69 -7.05 12.00 9.14
N GLN A 70 -8.33 12.04 8.88
CA GLN A 70 -9.24 10.99 9.43
C GLN A 70 -8.63 9.60 9.16
N ASP A 71 -8.43 9.27 7.91
CA ASP A 71 -7.85 7.95 7.59
C ASP A 71 -6.49 7.82 8.26
N GLY A 72 -5.78 8.91 8.37
CA GLY A 72 -4.44 8.87 9.01
C GLY A 72 -3.48 8.05 8.14
N TYR A 73 -2.25 7.97 8.53
CA TYR A 73 -1.27 7.20 7.71
C TYR A 73 -1.54 5.70 7.87
N TYR A 74 -1.10 4.92 6.91
CA TYR A 74 -1.29 3.44 6.96
C TYR A 74 0.04 2.77 6.66
N SER A 75 0.64 2.17 7.64
CA SER A 75 1.95 1.50 7.45
C SER A 75 1.92 0.08 8.02
N VAL A 76 2.76 -0.77 7.50
CA VAL A 76 2.81 -2.18 7.98
C VAL A 76 4.23 -2.71 7.79
N GLN A 77 4.52 -3.87 8.29
CA GLN A 77 5.90 -4.41 8.14
C GLN A 77 6.10 -4.96 6.72
N THR A 78 7.29 -4.85 6.22
CA THR A 78 7.60 -5.37 4.86
C THR A 78 9.07 -5.75 4.81
N THR A 79 9.38 -6.94 4.42
CA THR A 79 10.80 -7.35 4.34
C THR A 79 11.50 -6.50 3.29
N GLU A 80 10.78 -6.07 2.29
CA GLU A 80 11.37 -5.24 1.21
C GLU A 80 11.06 -3.77 1.49
N GLY A 81 9.82 -3.41 1.43
CA GLY A 81 9.43 -1.99 1.66
C GLY A 81 9.88 -1.14 0.48
N GLU A 82 10.97 -1.52 -0.15
CA GLU A 82 11.47 -0.73 -1.30
C GLU A 82 10.61 -1.06 -2.53
N GLN A 83 10.57 -2.32 -2.88
CA GLN A 83 9.77 -2.74 -4.07
C GLN A 83 8.36 -2.18 -3.90
N ILE A 84 7.84 -2.26 -2.72
CA ILE A 84 6.48 -1.72 -2.46
C ILE A 84 6.44 -0.29 -2.98
N ALA A 85 7.53 0.41 -2.86
CA ALA A 85 7.59 1.82 -3.33
C ALA A 85 7.89 1.83 -4.83
N GLN A 86 8.68 0.90 -5.30
CA GLN A 86 9.02 0.87 -6.74
C GLN A 86 7.83 0.31 -7.53
N LEU A 87 7.19 -0.68 -6.97
CA LEU A 87 6.03 -1.27 -7.66
C LEU A 87 4.91 -0.23 -7.68
N ILE A 88 4.77 0.46 -6.60
CA ILE A 88 3.71 1.50 -6.52
C ILE A 88 4.18 2.75 -7.27
N ALA A 89 5.37 3.22 -7.00
CA ALA A 89 5.87 4.43 -7.72
C ALA A 89 5.91 4.14 -9.21
N GLY A 90 5.86 2.89 -9.59
CA GLY A 90 5.90 2.54 -11.02
C GLY A 90 4.52 2.65 -11.65
N TYR A 91 3.47 2.44 -10.88
CA TYR A 91 2.10 2.54 -11.47
C TYR A 91 1.62 3.99 -11.44
N ILE A 92 2.08 4.76 -10.49
CA ILE A 92 1.62 6.17 -10.41
C ILE A 92 2.08 6.97 -11.62
N ASP A 93 3.15 6.56 -12.25
CA ASP A 93 3.65 7.29 -13.45
C ASP A 93 2.90 6.82 -14.69
N ILE A 94 2.31 5.66 -14.64
CA ILE A 94 1.59 5.13 -15.83
C ILE A 94 0.13 5.62 -15.83
N ILE A 95 -0.39 5.98 -14.70
CA ILE A 95 -1.80 6.48 -14.66
C ILE A 95 -1.81 7.95 -15.04
N LEU A 96 -0.79 8.66 -14.65
CA LEU A 96 -0.73 10.11 -14.96
C LEU A 96 -0.51 10.27 -16.47
N LYS A 97 0.06 9.29 -17.10
CA LYS A 97 0.31 9.39 -18.56
C LYS A 97 -1.04 9.31 -19.31
N LYS A 98 -1.88 8.39 -18.94
CA LYS A 98 -3.20 8.27 -19.61
C LYS A 98 -3.93 9.61 -19.53
N LYS A 99 -3.61 10.41 -18.55
CA LYS A 99 -4.28 11.72 -18.40
C LYS A 99 -3.72 12.70 -19.44
N LYS A 100 -2.41 12.74 -19.59
CA LYS A 100 -1.79 13.66 -20.58
C LYS A 100 -1.31 12.85 -21.79
N SER B 1 14.13 10.11 5.15
CA SER B 1 14.13 10.48 3.71
C SER B 1 12.75 10.21 3.12
N TRP B 2 11.82 11.12 3.31
CA TRP B 2 10.46 10.93 2.76
C TRP B 2 10.52 10.94 1.22
N VAL B 3 9.39 10.74 0.59
CA VAL B 3 9.34 10.74 -0.89
C VAL B 3 7.92 11.11 -1.32
N PTR B 4 7.77 11.95 -2.31
CA PTR B 4 6.41 12.37 -2.76
C PTR B 4 6.13 11.83 -4.17
O PTR B 4 7.01 11.35 -4.86
CB PTR B 4 6.36 13.92 -2.79
CG PTR B 4 6.16 14.45 -1.39
CD1 PTR B 4 7.12 14.19 -0.39
CD2 PTR B 4 5.02 15.19 -1.07
CE1 PTR B 4 6.94 14.68 0.90
CE2 PTR B 4 4.84 15.69 0.23
CZ PTR B 4 5.80 15.43 1.22
OH PTR B 4 5.60 15.95 2.59
P PTR B 4 6.30 17.25 2.72
O1P PTR B 4 5.77 18.19 1.71
O2P PTR B 4 7.74 17.06 2.51
O3P PTR B 4 6.06 17.79 4.07
H PTR B 4 8.57 12.31 -2.76
HA PTR B 4 5.66 12.01 -2.09
HB2 PTR B 4 5.54 14.24 -3.42
HB3 PTR B 4 7.29 14.29 -3.19
HD1 PTR B 4 8.00 13.62 -0.63
HD2 PTR B 4 4.28 15.40 -1.83
HE1 PTR B 4 7.68 14.49 1.66
HE2 PTR B 4 3.95 16.26 0.48
N SER B 5 4.89 11.91 -4.59
CA SER B 5 4.50 11.40 -5.95
C SER B 5 4.26 12.60 -6.88
N PRO B 6 4.43 12.42 -8.18
CA PRO B 6 4.19 13.50 -9.14
C PRO B 6 2.75 14.00 -9.00
N LEU B 7 1.87 13.18 -8.49
CA LEU B 7 0.46 13.59 -8.33
C LEU B 7 0.40 14.97 -7.67
N HIS B 8 -0.69 15.67 -7.83
CA HIS B 8 -0.81 17.03 -7.22
C HIS B 8 -0.80 16.88 -5.69
N LEU A 1 -9.64 -13.66 -7.29
CA LEU A 1 -9.87 -12.51 -8.21
C LEU A 1 -10.96 -11.61 -7.63
N LYS A 2 -10.83 -11.23 -6.40
CA LYS A 2 -11.86 -10.35 -5.79
C LYS A 2 -11.97 -9.07 -6.62
N THR A 3 -11.09 -8.88 -7.57
CA THR A 3 -11.15 -7.66 -8.42
C THR A 3 -10.31 -7.86 -9.67
N TYR A 4 -10.42 -8.99 -10.29
CA TYR A 4 -9.65 -9.26 -11.54
C TYR A 4 -8.14 -9.13 -11.28
N GLY A 5 -7.52 -10.21 -10.87
CA GLY A 5 -6.04 -10.18 -10.62
C GLY A 5 -5.63 -8.97 -9.77
N VAL A 6 -5.27 -9.20 -8.54
CA VAL A 6 -4.82 -8.09 -7.64
C VAL A 6 -3.48 -8.48 -7.01
N SER A 7 -2.52 -7.59 -7.02
CA SER A 7 -1.19 -7.93 -6.43
C SER A 7 -1.27 -7.77 -4.92
N PHE A 8 -1.45 -8.87 -4.23
CA PHE A 8 -1.53 -8.84 -2.74
C PHE A 8 -0.14 -9.08 -2.16
N PHE A 9 0.37 -8.16 -1.37
CA PHE A 9 1.72 -8.33 -0.76
C PHE A 9 1.53 -8.74 0.71
N LEU A 10 2.26 -9.73 1.16
CA LEU A 10 2.11 -10.18 2.57
C LEU A 10 2.85 -9.22 3.51
N VAL A 11 2.11 -8.39 4.18
CA VAL A 11 2.72 -7.43 5.15
C VAL A 11 2.25 -7.86 6.54
N LYS A 12 3.01 -7.59 7.56
CA LYS A 12 2.60 -8.02 8.94
C LYS A 12 2.18 -6.78 9.73
N GLU A 13 1.35 -6.98 10.71
CA GLU A 13 0.87 -5.84 11.55
C GLU A 13 1.02 -6.23 13.02
N LYS A 14 1.03 -5.27 13.90
CA LYS A 14 1.17 -5.57 15.36
C LYS A 14 -0.16 -5.31 16.05
N MET A 15 -0.93 -6.34 16.29
CA MET A 15 -2.25 -6.13 16.97
C MET A 15 -2.01 -5.93 18.47
N LYS A 16 -2.91 -5.24 19.09
CA LYS A 16 -2.81 -4.95 20.56
C LYS A 16 -2.68 -6.26 21.38
N GLY A 17 -3.80 -6.84 21.74
CA GLY A 17 -3.82 -8.09 22.56
C GLY A 17 -2.60 -8.96 22.33
N LYS A 18 -2.05 -8.95 21.14
CA LYS A 18 -0.84 -9.81 20.87
C LYS A 18 0.37 -8.92 20.60
N ASN A 19 1.41 -9.10 21.36
CA ASN A 19 2.64 -8.32 21.09
C ASN A 19 3.27 -8.96 19.86
N LYS A 20 2.61 -9.96 19.37
CA LYS A 20 3.08 -10.70 18.18
C LYS A 20 2.77 -9.89 16.91
N LEU A 21 3.02 -10.49 15.78
CA LEU A 21 2.74 -9.81 14.48
C LEU A 21 1.51 -10.46 13.86
N VAL A 22 0.82 -9.77 12.99
CA VAL A 22 -0.40 -10.34 12.34
C VAL A 22 -0.27 -10.23 10.80
N PRO A 23 -0.16 -11.34 10.09
CA PRO A 23 -0.05 -11.31 8.62
C PRO A 23 -1.23 -10.55 8.00
N ARG A 24 -0.99 -9.89 6.90
CA ARG A 24 -2.05 -9.13 6.21
C ARG A 24 -1.68 -9.05 4.73
N LEU A 25 -2.64 -9.05 3.84
CA LEU A 25 -2.32 -8.96 2.38
C LEU A 25 -2.62 -7.55 1.91
N LEU A 26 -1.78 -6.99 1.05
CA LEU A 26 -1.99 -5.58 0.57
C LEU A 26 -2.15 -5.58 -0.95
N GLY A 27 -3.34 -5.33 -1.42
CA GLY A 27 -3.63 -5.31 -2.87
C GLY A 27 -3.16 -4.00 -3.52
N ILE A 28 -2.36 -4.09 -4.54
CA ILE A 28 -1.88 -2.86 -5.26
C ILE A 28 -2.42 -2.91 -6.69
N THR A 29 -3.33 -2.04 -7.04
CA THR A 29 -3.91 -2.05 -8.41
C THR A 29 -3.23 -0.97 -9.27
N LYS A 30 -3.47 -0.98 -10.55
CA LYS A 30 -2.84 0.03 -11.43
C LYS A 30 -3.49 1.39 -11.22
N GLU A 31 -4.64 1.42 -10.60
CA GLU A 31 -5.36 2.72 -10.36
C GLU A 31 -5.88 2.77 -8.93
N CYS A 32 -5.48 1.85 -8.08
CA CYS A 32 -5.98 1.90 -6.68
C CYS A 32 -5.23 0.90 -5.80
N VAL A 33 -5.32 1.09 -4.51
CA VAL A 33 -4.67 0.17 -3.54
C VAL A 33 -5.79 -0.44 -2.71
N MET A 34 -5.65 -1.67 -2.26
CA MET A 34 -6.75 -2.30 -1.48
C MET A 34 -6.23 -3.02 -0.25
N ARG A 35 -7.01 -3.06 0.79
CA ARG A 35 -6.56 -3.78 2.02
C ARG A 35 -7.10 -5.19 1.92
N VAL A 36 -6.26 -6.17 2.13
CA VAL A 36 -6.71 -7.59 2.03
C VAL A 36 -6.20 -8.34 3.25
N ASP A 37 -7.09 -8.98 3.97
CA ASP A 37 -6.65 -9.73 5.17
C ASP A 37 -5.97 -11.02 4.71
N GLU A 38 -5.00 -11.47 5.44
CA GLU A 38 -4.31 -12.73 5.06
C GLU A 38 -5.06 -13.87 5.73
N LYS A 39 -5.74 -13.53 6.76
CA LYS A 39 -6.54 -14.50 7.53
C LYS A 39 -7.72 -14.96 6.68
N THR A 40 -8.47 -14.02 6.16
CA THR A 40 -9.65 -14.37 5.32
C THR A 40 -9.32 -14.18 3.83
N LYS A 41 -8.13 -13.72 3.51
CA LYS A 41 -7.79 -13.53 2.07
C LYS A 41 -8.91 -12.73 1.39
N GLU A 42 -9.65 -11.95 2.13
CA GLU A 42 -10.77 -11.15 1.54
C GLU A 42 -10.34 -9.68 1.44
N VAL A 43 -11.05 -8.90 0.66
CA VAL A 43 -10.70 -7.46 0.52
C VAL A 43 -11.36 -6.66 1.65
N ILE A 44 -10.58 -5.87 2.35
CA ILE A 44 -11.15 -5.08 3.49
C ILE A 44 -11.31 -3.60 3.08
N GLN A 45 -10.52 -3.12 2.16
CA GLN A 45 -10.64 -1.68 1.75
C GLN A 45 -10.17 -1.47 0.32
N GLU A 46 -10.50 -0.33 -0.24
CA GLU A 46 -10.09 0.04 -1.63
C GLU A 46 -9.72 1.53 -1.63
N TRP A 47 -8.65 1.90 -2.28
CA TRP A 47 -8.24 3.34 -2.30
C TRP A 47 -7.75 3.71 -3.70
N SER A 48 -7.83 4.97 -4.05
CA SER A 48 -7.36 5.42 -5.39
C SER A 48 -5.87 5.74 -5.32
N LEU A 49 -5.15 5.48 -6.37
CA LEU A 49 -3.69 5.77 -6.36
C LEU A 49 -3.48 7.29 -6.25
N THR A 50 -4.38 8.06 -6.79
CA THR A 50 -4.25 9.54 -6.72
C THR A 50 -4.45 9.99 -5.27
N ASN A 51 -4.77 9.07 -4.40
CA ASN A 51 -5.00 9.44 -2.97
C ASN A 51 -3.66 9.36 -2.21
N ILE A 52 -2.79 8.48 -2.62
CA ILE A 52 -1.48 8.36 -1.92
C ILE A 52 -0.67 9.65 -2.10
N LYS A 53 -0.30 10.28 -1.02
CA LYS A 53 0.49 11.54 -1.11
C LYS A 53 1.99 11.19 -1.12
N ARG A 54 2.42 10.40 -0.17
CA ARG A 54 3.88 10.02 -0.12
C ARG A 54 4.03 8.66 0.54
N TRP A 55 5.23 8.17 0.63
CA TRP A 55 5.45 6.86 1.30
C TRP A 55 6.89 6.76 1.76
N ALA A 56 7.20 5.76 2.53
CA ALA A 56 8.60 5.59 3.02
C ALA A 56 8.87 4.09 3.17
N ALA A 57 9.67 3.52 2.31
CA ALA A 57 9.95 2.05 2.39
C ALA A 57 11.29 1.81 3.08
N SER A 58 11.31 0.93 4.05
CA SER A 58 12.56 0.60 4.77
C SER A 58 12.71 -0.94 4.75
N PRO A 59 13.92 -1.42 4.94
CA PRO A 59 14.17 -2.89 4.95
C PRO A 59 13.38 -3.58 6.06
N LYS A 60 12.30 -3.00 6.52
CA LYS A 60 11.53 -3.66 7.63
C LYS A 60 10.04 -3.31 7.53
N SER A 61 9.71 -2.11 7.13
CA SER A 61 8.27 -1.71 7.06
C SER A 61 8.01 -0.76 5.89
N PHE A 62 6.75 -0.65 5.50
CA PHE A 62 6.36 0.26 4.38
C PHE A 62 5.33 1.26 4.93
N THR A 63 5.40 2.51 4.52
CA THR A 63 4.43 3.53 5.04
C THR A 63 3.84 4.32 3.87
N LEU A 64 2.58 4.68 3.97
CA LEU A 64 1.92 5.48 2.89
C LEU A 64 1.09 6.60 3.53
N ASP A 65 0.81 7.64 2.78
CA ASP A 65 0.01 8.78 3.32
C ASP A 65 -1.12 9.12 2.35
N PHE A 66 -2.34 9.10 2.81
CA PHE A 66 -3.49 9.43 1.92
C PHE A 66 -3.80 10.92 2.07
N GLY A 67 -3.06 11.60 2.89
CA GLY A 67 -3.31 13.05 3.09
C GLY A 67 -4.57 13.21 3.94
N ASP A 68 -5.22 12.13 4.27
CA ASP A 68 -6.46 12.20 5.09
C ASP A 68 -6.09 12.24 6.58
N TYR A 69 -5.96 13.40 7.15
CA TYR A 69 -5.60 13.49 8.59
C TYR A 69 -6.50 12.54 9.40
N GLN A 70 -7.76 12.52 9.10
CA GLN A 70 -8.69 11.62 9.84
C GLN A 70 -8.15 10.20 9.83
N ASP A 71 -7.88 9.66 8.68
CA ASP A 71 -7.35 8.27 8.60
C ASP A 71 -5.92 8.25 9.15
N GLY A 72 -5.15 9.25 8.84
CA GLY A 72 -3.74 9.29 9.32
C GLY A 72 -2.87 8.40 8.44
N TYR A 73 -1.62 8.28 8.77
CA TYR A 73 -0.72 7.43 7.93
C TYR A 73 -1.05 5.96 8.15
N TYR A 74 -0.65 5.11 7.23
CA TYR A 74 -0.92 3.66 7.35
C TYR A 74 0.38 2.91 7.06
N SER A 75 0.98 2.35 8.08
CA SER A 75 2.28 1.61 7.90
C SER A 75 2.16 0.19 8.43
N VAL A 76 2.99 -0.69 7.93
CA VAL A 76 2.97 -2.11 8.37
C VAL A 76 4.37 -2.71 8.20
N GLN A 77 4.58 -3.90 8.68
CA GLN A 77 5.92 -4.53 8.55
C GLN A 77 6.10 -5.07 7.13
N THR A 78 7.28 -4.92 6.59
CA THR A 78 7.56 -5.43 5.22
C THR A 78 9.04 -5.78 5.11
N THR A 79 9.33 -6.99 4.73
CA THR A 79 10.76 -7.41 4.60
C THR A 79 11.37 -6.73 3.38
N GLU A 80 10.55 -6.28 2.47
CA GLU A 80 11.06 -5.62 1.24
C GLU A 80 10.05 -4.57 0.77
N GLY A 81 9.64 -3.70 1.65
CA GLY A 81 8.66 -2.64 1.28
C GLY A 81 9.17 -1.85 0.09
N GLU A 82 10.37 -2.11 -0.34
CA GLU A 82 10.94 -1.36 -1.50
C GLU A 82 10.10 -1.65 -2.73
N GLN A 83 9.97 -2.89 -3.08
CA GLN A 83 9.16 -3.27 -4.28
C GLN A 83 7.80 -2.59 -4.17
N ILE A 84 7.22 -2.65 -3.02
CA ILE A 84 5.90 -2.01 -2.83
C ILE A 84 6.00 -0.56 -3.28
N ALA A 85 7.15 0.03 -3.11
CA ALA A 85 7.33 1.46 -3.53
C ALA A 85 7.68 1.50 -5.02
N GLN A 86 8.29 0.46 -5.52
CA GLN A 86 8.66 0.44 -6.96
C GLN A 86 7.46 0.00 -7.79
N LEU A 87 6.68 -0.89 -7.24
CA LEU A 87 5.48 -1.36 -7.96
C LEU A 87 4.45 -0.24 -7.97
N ILE A 88 4.35 0.45 -6.87
CA ILE A 88 3.39 1.57 -6.79
C ILE A 88 3.95 2.77 -7.55
N ALA A 89 5.17 3.13 -7.28
CA ALA A 89 5.78 4.28 -8.00
C ALA A 89 5.76 4.00 -9.50
N GLY A 90 5.58 2.75 -9.86
CA GLY A 90 5.56 2.39 -11.32
C GLY A 90 4.16 2.57 -11.90
N TYR A 91 3.12 2.44 -11.10
CA TYR A 91 1.75 2.61 -11.64
C TYR A 91 1.37 4.08 -11.65
N ILE A 92 2.09 4.90 -10.92
CA ILE A 92 1.75 6.35 -10.87
C ILE A 92 2.33 7.08 -12.09
N ASP A 93 3.40 6.59 -12.64
CA ASP A 93 4.02 7.26 -13.82
C ASP A 93 3.34 6.78 -15.10
N ILE A 94 2.67 5.67 -15.05
CA ILE A 94 2.00 5.14 -16.27
C ILE A 94 0.60 5.73 -16.41
N ILE A 95 -0.01 6.10 -15.32
CA ILE A 95 -1.39 6.70 -15.41
C ILE A 95 -1.26 8.19 -15.72
N LEU A 96 -0.32 8.83 -15.09
CA LEU A 96 -0.12 10.29 -15.33
C LEU A 96 0.35 10.53 -16.76
N LYS A 97 0.91 9.54 -17.38
CA LYS A 97 1.40 9.71 -18.77
C LYS A 97 0.23 9.65 -19.76
N LYS A 98 -0.46 8.55 -19.81
CA LYS A 98 -1.60 8.41 -20.76
C LYS A 98 -2.73 9.38 -20.41
N LYS A 99 -3.18 9.38 -19.18
CA LYS A 99 -4.29 10.29 -18.79
C LYS A 99 -3.89 11.75 -19.05
N LYS A 100 -2.66 11.99 -19.42
CA LYS A 100 -2.22 13.39 -19.68
C LYS A 100 -3.23 14.09 -20.59
N SER B 1 14.72 11.52 4.10
CA SER B 1 14.84 10.51 3.02
C SER B 1 13.45 10.10 2.55
N TRP B 2 12.46 10.91 2.82
CA TRP B 2 11.07 10.56 2.40
C TRP B 2 11.00 10.52 0.86
N VAL B 3 9.86 10.19 0.33
CA VAL B 3 9.70 10.12 -1.14
C VAL B 3 8.25 10.49 -1.48
N PTR B 4 8.05 11.30 -2.50
CA PTR B 4 6.67 11.74 -2.88
C PTR B 4 6.32 11.19 -4.27
O PTR B 4 6.95 10.28 -4.76
CB PTR B 4 6.62 13.28 -2.90
CG PTR B 4 6.52 13.82 -1.49
CD1 PTR B 4 7.55 13.58 -0.57
CD2 PTR B 4 5.40 14.57 -1.10
CE1 PTR B 4 7.45 14.09 0.73
CE2 PTR B 4 5.31 15.08 0.19
CZ PTR B 4 6.33 14.84 1.12
OH PTR B 4 6.24 15.37 2.49
P PTR B 4 6.89 16.70 2.53
O1P PTR B 4 6.32 17.57 1.49
O2P PTR B 4 8.33 16.55 2.31
O3P PTR B 4 6.66 17.32 3.86
H PTR B 4 8.82 11.63 -3.00
HA PTR B 4 5.94 11.38 -2.16
HB2 PTR B 4 5.78 13.61 -3.48
HB3 PTR B 4 7.54 13.65 -3.36
HD1 PTR B 4 8.41 13.00 -0.85
HD2 PTR B 4 4.60 14.75 -1.82
HE1 PTR B 4 8.24 13.90 1.45
HE2 PTR B 4 4.44 15.65 0.49
N SER B 5 5.31 11.74 -4.89
CA SER B 5 4.90 11.27 -6.25
C SER B 5 4.57 12.50 -7.12
N PRO B 6 4.67 12.39 -8.43
CA PRO B 6 4.38 13.52 -9.32
C PRO B 6 2.92 13.97 -9.16
N LEU B 7 2.06 13.08 -8.70
CA LEU B 7 0.63 13.45 -8.53
C LEU B 7 0.53 14.79 -7.80
N HIS B 8 -0.01 15.80 -8.44
CA HIS B 8 -0.14 17.12 -7.78
C HIS B 8 -1.15 17.04 -6.65
N LEU A 1 -12.78 -13.91 -7.90
CA LEU A 1 -11.66 -13.09 -8.44
C LEU A 1 -11.54 -11.79 -7.63
N LYS A 2 -11.75 -11.87 -6.34
CA LYS A 2 -11.65 -10.66 -5.50
C LYS A 2 -10.19 -10.18 -5.47
N THR A 3 -9.32 -10.87 -6.16
CA THR A 3 -7.89 -10.46 -6.15
C THR A 3 -7.14 -11.19 -7.27
N TYR A 4 -7.60 -11.07 -8.49
CA TYR A 4 -6.93 -11.75 -9.64
C TYR A 4 -6.10 -10.73 -10.42
N GLY A 5 -4.86 -11.05 -10.68
CA GLY A 5 -3.99 -10.09 -11.44
C GLY A 5 -3.46 -9.01 -10.49
N VAL A 6 -3.96 -8.97 -9.28
CA VAL A 6 -3.49 -7.94 -8.31
C VAL A 6 -2.27 -8.48 -7.56
N SER A 7 -1.28 -7.66 -7.33
CA SER A 7 -0.06 -8.13 -6.61
C SER A 7 -0.27 -8.00 -5.10
N PHE A 8 -0.53 -9.09 -4.45
CA PHE A 8 -0.75 -9.07 -2.98
C PHE A 8 0.60 -9.18 -2.24
N PHE A 9 0.88 -8.27 -1.34
CA PHE A 9 2.16 -8.31 -0.58
C PHE A 9 1.86 -8.71 0.88
N LEU A 10 2.56 -9.69 1.39
CA LEU A 10 2.31 -10.11 2.80
C LEU A 10 2.99 -9.11 3.74
N VAL A 11 2.21 -8.40 4.50
CA VAL A 11 2.77 -7.42 5.46
C VAL A 11 2.20 -7.74 6.84
N LYS A 12 2.91 -7.40 7.88
CA LYS A 12 2.40 -7.71 9.26
C LYS A 12 1.98 -6.40 9.93
N GLU A 13 0.94 -6.45 10.70
CA GLU A 13 0.43 -5.23 11.40
C GLU A 13 0.56 -5.45 12.91
N LYS A 14 0.54 -4.38 13.66
CA LYS A 14 0.64 -4.50 15.16
C LYS A 14 -0.72 -4.23 15.77
N MET A 15 -1.30 -5.22 16.37
CA MET A 15 -2.62 -5.05 17.01
C MET A 15 -2.49 -4.16 18.26
N LYS A 16 -3.56 -3.46 18.59
CA LYS A 16 -3.58 -2.50 19.77
C LYS A 16 -2.26 -2.47 20.55
N GLY A 17 -1.97 -3.50 21.28
CA GLY A 17 -0.70 -3.54 22.07
C GLY A 17 -0.14 -4.96 22.08
N LYS A 18 -0.84 -5.91 21.54
CA LYS A 18 -0.31 -7.31 21.53
C LYS A 18 1.12 -7.29 21.02
N ASN A 19 2.04 -7.81 21.77
CA ASN A 19 3.44 -7.86 21.29
C ASN A 19 3.43 -8.70 20.01
N LYS A 20 2.30 -9.28 19.74
CA LYS A 20 2.16 -10.14 18.54
C LYS A 20 2.08 -9.26 17.28
N LEU A 21 1.82 -9.89 16.17
CA LEU A 21 1.71 -9.17 14.87
C LEU A 21 0.56 -9.80 14.09
N VAL A 22 -0.01 -9.09 13.15
CA VAL A 22 -1.15 -9.68 12.36
C VAL A 22 -0.79 -9.67 10.86
N PRO A 23 -0.60 -10.83 10.24
CA PRO A 23 -0.30 -10.89 8.80
C PRO A 23 -1.42 -10.22 8.00
N ARG A 24 -1.10 -9.64 6.88
CA ARG A 24 -2.13 -8.97 6.04
C ARG A 24 -1.66 -8.97 4.59
N LEU A 25 -2.57 -9.12 3.65
CA LEU A 25 -2.18 -9.11 2.22
C LEU A 25 -2.53 -7.74 1.65
N LEU A 26 -1.68 -7.20 0.81
CA LEU A 26 -1.95 -5.83 0.24
C LEU A 26 -1.89 -5.89 -1.29
N GLY A 27 -3.02 -5.77 -1.93
CA GLY A 27 -3.09 -5.82 -3.42
C GLY A 27 -2.95 -4.41 -4.01
N ILE A 28 -2.04 -4.24 -4.93
CA ILE A 28 -1.85 -2.91 -5.58
C ILE A 28 -2.45 -2.96 -6.98
N THR A 29 -3.51 -2.24 -7.22
CA THR A 29 -4.14 -2.25 -8.57
C THR A 29 -3.52 -1.15 -9.43
N LYS A 30 -3.79 -1.15 -10.70
CA LYS A 30 -3.22 -0.10 -11.59
C LYS A 30 -3.87 1.24 -11.29
N GLU A 31 -5.01 1.22 -10.65
CA GLU A 31 -5.73 2.50 -10.33
C GLU A 31 -6.19 2.51 -8.88
N CYS A 32 -5.77 1.56 -8.08
CA CYS A 32 -6.22 1.56 -6.66
C CYS A 32 -5.48 0.50 -5.84
N VAL A 33 -5.50 0.65 -4.54
CA VAL A 33 -4.85 -0.34 -3.63
C VAL A 33 -5.96 -0.99 -2.81
N MET A 34 -5.87 -2.27 -2.51
CA MET A 34 -6.97 -2.93 -1.73
C MET A 34 -6.45 -3.53 -0.43
N ARG A 35 -7.30 -3.55 0.57
CA ARG A 35 -6.90 -4.17 1.87
C ARG A 35 -7.33 -5.62 1.81
N VAL A 36 -6.40 -6.53 1.84
CA VAL A 36 -6.74 -7.97 1.77
C VAL A 36 -6.23 -8.68 3.02
N ASP A 37 -7.11 -9.26 3.78
CA ASP A 37 -6.69 -9.97 5.01
C ASP A 37 -5.91 -11.21 4.61
N GLU A 38 -4.97 -11.61 5.40
CA GLU A 38 -4.16 -12.81 5.07
C GLU A 38 -4.87 -14.01 5.66
N LYS A 39 -5.68 -13.73 6.63
CA LYS A 39 -6.45 -14.78 7.31
C LYS A 39 -7.56 -15.28 6.38
N THR A 40 -8.32 -14.38 5.83
CA THR A 40 -9.44 -14.78 4.92
C THR A 40 -9.07 -14.49 3.46
N LYS A 41 -7.93 -13.91 3.19
CA LYS A 41 -7.58 -13.62 1.77
C LYS A 41 -8.76 -12.87 1.12
N GLU A 42 -9.58 -12.22 1.91
CA GLU A 42 -10.74 -11.48 1.35
C GLU A 42 -10.40 -9.98 1.28
N VAL A 43 -11.06 -9.27 0.42
CA VAL A 43 -10.79 -7.80 0.29
C VAL A 43 -11.56 -7.06 1.38
N ILE A 44 -10.87 -6.31 2.21
CA ILE A 44 -11.56 -5.56 3.30
C ILE A 44 -11.80 -4.10 2.89
N GLN A 45 -10.98 -3.55 2.04
CA GLN A 45 -11.21 -2.13 1.63
C GLN A 45 -10.46 -1.81 0.32
N GLU A 46 -10.81 -0.69 -0.29
CA GLU A 46 -10.18 -0.26 -1.57
C GLU A 46 -9.77 1.21 -1.49
N TRP A 47 -8.75 1.60 -2.21
CA TRP A 47 -8.28 3.02 -2.19
C TRP A 47 -7.92 3.44 -3.62
N SER A 48 -7.99 4.71 -3.91
CA SER A 48 -7.64 5.19 -5.28
C SER A 48 -6.12 5.44 -5.34
N LEU A 49 -5.50 5.12 -6.44
CA LEU A 49 -4.03 5.35 -6.55
C LEU A 49 -3.75 6.86 -6.58
N THR A 50 -4.70 7.63 -7.02
CA THR A 50 -4.49 9.10 -7.07
C THR A 50 -4.64 9.69 -5.66
N ASN A 51 -5.01 8.88 -4.70
CA ASN A 51 -5.17 9.40 -3.30
C ASN A 51 -3.84 9.33 -2.57
N ILE A 52 -3.04 8.34 -2.86
CA ILE A 52 -1.72 8.22 -2.17
C ILE A 52 -0.92 9.51 -2.37
N LYS A 53 -0.48 10.11 -1.29
CA LYS A 53 0.30 11.38 -1.40
C LYS A 53 1.80 11.07 -1.36
N ARG A 54 2.24 10.31 -0.40
CA ARG A 54 3.69 9.98 -0.30
C ARG A 54 3.87 8.61 0.34
N TRP A 55 5.09 8.15 0.44
CA TRP A 55 5.33 6.83 1.09
C TRP A 55 6.78 6.75 1.55
N ALA A 56 7.11 5.73 2.29
CA ALA A 56 8.52 5.58 2.77
C ALA A 56 8.81 4.08 2.87
N ALA A 57 9.78 3.61 2.13
CA ALA A 57 10.12 2.14 2.17
C ALA A 57 11.31 1.92 3.08
N SER A 58 11.08 1.35 4.24
CA SER A 58 12.20 1.08 5.18
C SER A 58 12.67 -0.37 4.94
N PRO A 59 13.91 -0.67 5.28
CA PRO A 59 14.46 -2.03 5.09
C PRO A 59 13.61 -3.04 5.88
N LYS A 60 12.54 -2.61 6.51
CA LYS A 60 11.71 -3.56 7.31
C LYS A 60 10.24 -3.18 7.28
N SER A 61 9.92 -1.97 6.88
CA SER A 61 8.48 -1.54 6.87
C SER A 61 8.16 -0.65 5.67
N PHE A 62 6.89 -0.51 5.39
CA PHE A 62 6.41 0.33 4.24
C PHE A 62 5.33 1.29 4.77
N THR A 63 5.31 2.52 4.31
CA THR A 63 4.29 3.49 4.81
C THR A 63 3.71 4.28 3.64
N LEU A 64 2.46 4.67 3.75
CA LEU A 64 1.81 5.46 2.67
C LEU A 64 0.86 6.48 3.30
N ASP A 65 0.61 7.56 2.62
CA ASP A 65 -0.28 8.63 3.19
C ASP A 65 -1.37 8.99 2.17
N PHE A 66 -2.62 8.92 2.58
CA PHE A 66 -3.73 9.28 1.65
C PHE A 66 -4.09 10.75 1.85
N GLY A 67 -3.39 11.40 2.75
CA GLY A 67 -3.69 12.84 3.02
C GLY A 67 -4.79 12.92 4.07
N ASP A 68 -5.30 11.80 4.50
CA ASP A 68 -6.38 11.81 5.53
C ASP A 68 -5.77 12.13 6.90
N TYR A 69 -5.90 13.35 7.34
CA TYR A 69 -5.34 13.74 8.65
C TYR A 69 -6.10 13.00 9.76
N GLN A 70 -7.38 12.86 9.59
CA GLN A 70 -8.21 12.18 10.64
C GLN A 70 -7.90 10.68 10.66
N ASP A 71 -7.92 10.04 9.53
CA ASP A 71 -7.64 8.57 9.51
C ASP A 71 -6.19 8.33 9.95
N GLY A 72 -5.29 9.17 9.52
CA GLY A 72 -3.86 8.99 9.90
C GLY A 72 -3.13 8.25 8.79
N TYR A 73 -1.86 7.98 8.98
CA TYR A 73 -1.08 7.27 7.92
C TYR A 73 -1.32 5.76 8.03
N TYR A 74 -0.75 5.01 7.11
CA TYR A 74 -0.91 3.53 7.13
C TYR A 74 0.47 2.90 6.96
N SER A 75 0.98 2.32 8.02
CA SER A 75 2.33 1.68 7.96
C SER A 75 2.26 0.24 8.43
N VAL A 76 3.10 -0.60 7.90
CA VAL A 76 3.11 -2.03 8.31
C VAL A 76 4.52 -2.59 8.11
N GLN A 77 4.77 -3.79 8.58
CA GLN A 77 6.12 -4.38 8.42
C GLN A 77 6.29 -4.92 7.00
N THR A 78 7.46 -4.74 6.42
CA THR A 78 7.71 -5.24 5.05
C THR A 78 9.20 -5.55 4.91
N THR A 79 9.53 -6.76 4.59
CA THR A 79 10.96 -7.12 4.42
C THR A 79 11.53 -6.34 3.24
N GLU A 80 10.69 -6.04 2.28
CA GLU A 80 11.16 -5.28 1.07
C GLU A 80 10.68 -3.84 1.18
N GLY A 81 9.41 -3.63 1.03
CA GLY A 81 8.86 -2.24 1.11
C GLY A 81 9.32 -1.44 -0.10
N GLU A 82 10.52 -1.67 -0.55
CA GLU A 82 11.03 -0.92 -1.74
C GLU A 82 10.22 -1.32 -2.96
N GLN A 83 10.20 -2.57 -3.27
CA GLN A 83 9.42 -3.05 -4.44
C GLN A 83 8.02 -2.48 -4.36
N ILE A 84 7.42 -2.60 -3.22
CA ILE A 84 6.05 -2.04 -3.04
C ILE A 84 6.08 -0.58 -3.47
N ALA A 85 7.19 0.07 -3.29
CA ALA A 85 7.31 1.49 -3.70
C ALA A 85 7.68 1.56 -5.18
N GLN A 86 8.31 0.54 -5.69
CA GLN A 86 8.69 0.53 -7.13
C GLN A 86 7.48 0.13 -7.97
N LEU A 87 6.73 -0.81 -7.47
CA LEU A 87 5.53 -1.27 -8.22
C LEU A 87 4.51 -0.13 -8.19
N ILE A 88 4.36 0.46 -7.04
CA ILE A 88 3.40 1.58 -6.90
C ILE A 88 3.94 2.78 -7.69
N ALA A 89 5.18 3.11 -7.48
CA ALA A 89 5.77 4.26 -8.22
C ALA A 89 5.68 3.99 -9.72
N GLY A 90 5.45 2.75 -10.08
CA GLY A 90 5.35 2.39 -11.52
C GLY A 90 3.90 2.53 -12.01
N TYR A 91 2.93 2.31 -11.16
CA TYR A 91 1.52 2.43 -11.62
C TYR A 91 1.11 3.91 -11.62
N ILE A 92 1.79 4.71 -10.85
CA ILE A 92 1.43 6.16 -10.78
C ILE A 92 1.91 6.88 -12.03
N ASP A 93 2.91 6.37 -12.69
CA ASP A 93 3.42 7.03 -13.92
C ASP A 93 2.59 6.61 -15.13
N ILE A 94 1.89 5.52 -15.02
CA ILE A 94 1.05 5.04 -16.17
C ILE A 94 -0.32 5.70 -16.15
N ILE A 95 -0.76 6.15 -15.02
CA ILE A 95 -2.10 6.80 -14.95
C ILE A 95 -1.98 8.27 -15.34
N LEU A 96 -0.86 8.85 -15.06
CA LEU A 96 -0.65 10.28 -15.41
C LEU A 96 -0.34 10.43 -16.91
N LYS A 97 0.10 9.38 -17.53
CA LYS A 97 0.43 9.45 -18.99
C LYS A 97 -0.85 9.31 -19.83
N LYS A 98 -1.61 8.28 -19.61
CA LYS A 98 -2.85 8.08 -20.42
C LYS A 98 -3.63 9.40 -20.52
N LYS A 99 -3.75 10.12 -19.45
CA LYS A 99 -4.50 11.41 -19.51
C LYS A 99 -3.67 12.46 -20.22
N LYS A 100 -2.44 12.16 -20.53
CA LYS A 100 -1.57 13.14 -21.23
C LYS A 100 -0.46 12.41 -22.00
N SER B 1 15.30 11.88 2.20
CA SER B 1 14.55 11.30 3.34
C SER B 1 13.27 10.63 2.82
N TRP B 2 12.17 11.33 2.88
CA TRP B 2 10.88 10.74 2.40
C TRP B 2 10.90 10.69 0.87
N VAL B 3 9.78 10.37 0.28
CA VAL B 3 9.69 10.31 -1.20
C VAL B 3 8.25 10.66 -1.59
N PTR B 4 8.08 11.45 -2.62
CA PTR B 4 6.71 11.88 -3.04
C PTR B 4 6.36 11.23 -4.37
O PTR B 4 7.01 10.31 -4.82
CB PTR B 4 6.70 13.41 -3.20
CG PTR B 4 6.65 14.07 -1.83
CD1 PTR B 4 7.71 13.90 -0.93
CD2 PTR B 4 5.56 14.88 -1.49
CE1 PTR B 4 7.66 14.53 0.33
CE2 PTR B 4 5.52 15.50 -0.23
CZ PTR B 4 6.57 15.33 0.67
OH PTR B 4 6.52 16.01 1.99
P PTR B 4 6.07 15.05 3.02
O1P PTR B 4 6.05 15.72 4.34
O2P PTR B 4 7.02 13.90 3.07
O3P PTR B 4 4.72 14.56 2.68
H PTR B 4 8.87 11.79 -3.10
HA PTR B 4 5.98 11.60 -2.29
HB2 PTR B 4 5.83 13.70 -3.78
HB3 PTR B 4 7.59 13.72 -3.71
HD1 PTR B 4 8.56 13.29 -1.18
HD2 PTR B 4 4.74 15.01 -2.18
HE1 PTR B 4 8.47 14.40 1.03
HE2 PTR B 4 4.67 16.12 0.03
N SER B 5 5.31 11.71 -5.01
CA SER B 5 4.89 11.14 -6.32
C SER B 5 4.61 12.31 -7.29
N PRO B 6 4.79 12.11 -8.58
CA PRO B 6 4.55 13.19 -9.57
C PRO B 6 3.09 13.67 -9.45
N LEU B 7 2.23 12.87 -8.87
CA LEU B 7 0.81 13.30 -8.74
C LEU B 7 0.74 14.71 -8.16
N HIS B 8 0.60 15.70 -8.99
CA HIS B 8 0.53 17.10 -8.48
C HIS B 8 -0.73 17.26 -7.62
N LEU A 1 -11.44 -14.28 -8.46
CA LEU A 1 -12.32 -13.08 -8.36
C LEU A 1 -11.84 -12.20 -7.19
N LYS A 2 -12.00 -10.90 -7.30
CA LYS A 2 -11.53 -10.00 -6.22
C LYS A 2 -10.11 -10.39 -5.82
N THR A 3 -9.45 -11.18 -6.63
CA THR A 3 -8.06 -11.62 -6.31
C THR A 3 -7.43 -12.27 -7.53
N TYR A 4 -7.34 -11.54 -8.62
CA TYR A 4 -6.74 -12.11 -9.86
C TYR A 4 -6.04 -11.01 -10.66
N GLY A 5 -4.83 -11.24 -11.07
CA GLY A 5 -4.09 -10.20 -11.85
C GLY A 5 -3.57 -9.13 -10.90
N VAL A 6 -3.98 -9.16 -9.66
CA VAL A 6 -3.52 -8.14 -8.67
C VAL A 6 -2.32 -8.70 -7.90
N SER A 7 -1.34 -7.88 -7.63
CA SER A 7 -0.14 -8.35 -6.88
C SER A 7 -0.38 -8.22 -5.38
N PHE A 8 -0.64 -9.30 -4.72
CA PHE A 8 -0.87 -9.27 -3.25
C PHE A 8 0.48 -9.36 -2.51
N PHE A 9 0.79 -8.38 -1.71
CA PHE A 9 2.09 -8.40 -0.96
C PHE A 9 1.80 -8.81 0.49
N LEU A 10 2.48 -9.80 0.99
CA LEU A 10 2.22 -10.22 2.40
C LEU A 10 2.90 -9.25 3.36
N VAL A 11 2.12 -8.40 3.97
CA VAL A 11 2.68 -7.43 4.94
C VAL A 11 2.15 -7.84 6.31
N LYS A 12 2.85 -7.50 7.37
CA LYS A 12 2.38 -7.92 8.73
C LYS A 12 1.85 -6.69 9.48
N GLU A 13 0.75 -6.85 10.15
CA GLU A 13 0.15 -5.72 10.92
C GLU A 13 0.44 -5.95 12.40
N LYS A 14 0.35 -4.94 13.21
CA LYS A 14 0.64 -5.08 14.67
C LYS A 14 -0.64 -4.84 15.47
N MET A 15 -1.19 -5.87 16.03
CA MET A 15 -2.43 -5.70 16.84
C MET A 15 -2.12 -4.96 18.13
N LYS A 16 -3.10 -4.28 18.63
CA LYS A 16 -2.95 -3.49 19.90
C LYS A 16 -2.58 -4.41 21.07
N GLY A 17 -3.56 -4.92 21.76
CA GLY A 17 -3.32 -5.79 22.94
C GLY A 17 -2.16 -6.76 22.68
N LYS A 18 -2.01 -7.23 21.48
CA LYS A 18 -0.90 -8.20 21.19
C LYS A 18 0.30 -7.46 20.60
N ASN A 19 1.43 -7.59 21.22
CA ASN A 19 2.64 -6.94 20.65
C ASN A 19 3.04 -7.80 19.47
N LYS A 20 2.26 -8.82 19.25
CA LYS A 20 2.50 -9.77 18.14
C LYS A 20 2.27 -9.06 16.80
N LEU A 21 2.32 -9.81 15.73
CA LEU A 21 2.11 -9.24 14.37
C LEU A 21 0.96 -9.99 13.70
N VAL A 22 0.32 -9.40 12.73
CA VAL A 22 -0.81 -10.09 12.03
C VAL A 22 -0.57 -10.05 10.49
N PRO A 23 -0.39 -11.19 9.84
CA PRO A 23 -0.18 -11.22 8.38
C PRO A 23 -1.35 -10.53 7.65
N ARG A 24 -1.06 -9.92 6.53
CA ARG A 24 -2.12 -9.23 5.74
C ARG A 24 -1.67 -9.20 4.27
N LEU A 25 -2.58 -9.40 3.36
CA LEU A 25 -2.21 -9.37 1.91
C LEU A 25 -2.58 -8.00 1.36
N LEU A 26 -1.75 -7.44 0.51
CA LEU A 26 -2.03 -6.07 -0.05
C LEU A 26 -1.96 -6.10 -1.58
N GLY A 27 -3.09 -5.98 -2.22
CA GLY A 27 -3.15 -5.99 -3.71
C GLY A 27 -2.79 -4.61 -4.27
N ILE A 28 -1.81 -4.55 -5.14
CA ILE A 28 -1.40 -3.24 -5.74
C ILE A 28 -1.94 -3.17 -7.17
N THR A 29 -2.89 -2.31 -7.42
CA THR A 29 -3.47 -2.18 -8.79
C THR A 29 -3.05 -0.83 -9.36
N LYS A 30 -3.18 -0.65 -10.65
CA LYS A 30 -2.78 0.64 -11.26
C LYS A 30 -3.81 1.71 -10.92
N GLU A 31 -5.01 1.30 -10.61
CA GLU A 31 -6.09 2.28 -10.27
C GLU A 31 -6.25 2.40 -8.75
N CYS A 32 -5.76 1.45 -7.99
CA CYS A 32 -5.94 1.55 -6.52
C CYS A 32 -5.19 0.44 -5.79
N VAL A 33 -5.02 0.59 -4.50
CA VAL A 33 -4.33 -0.46 -3.69
C VAL A 33 -5.44 -1.28 -3.01
N MET A 34 -5.37 -2.59 -3.04
CA MET A 34 -6.47 -3.40 -2.41
C MET A 34 -6.04 -3.93 -1.05
N ARG A 35 -6.90 -3.84 -0.07
CA ARG A 35 -6.56 -4.38 1.27
C ARG A 35 -7.11 -5.79 1.32
N VAL A 36 -6.26 -6.79 1.44
CA VAL A 36 -6.74 -8.20 1.45
C VAL A 36 -6.23 -8.90 2.71
N ASP A 37 -7.12 -9.49 3.45
CA ASP A 37 -6.70 -10.21 4.68
C ASP A 37 -5.93 -11.47 4.28
N GLU A 38 -4.99 -11.86 5.07
CA GLU A 38 -4.21 -13.09 4.77
C GLU A 38 -4.95 -14.24 5.42
N LYS A 39 -5.71 -13.90 6.40
CA LYS A 39 -6.51 -14.91 7.14
C LYS A 39 -7.73 -15.28 6.31
N THR A 40 -8.44 -14.30 5.83
CA THR A 40 -9.66 -14.57 5.02
C THR A 40 -9.33 -14.50 3.53
N LYS A 41 -8.13 -14.09 3.17
CA LYS A 41 -7.79 -14.02 1.72
C LYS A 41 -8.90 -13.26 0.98
N GLU A 42 -9.65 -12.45 1.67
CA GLU A 42 -10.76 -11.68 1.03
C GLU A 42 -10.37 -10.20 0.97
N VAL A 43 -11.03 -9.43 0.13
CA VAL A 43 -10.72 -7.98 0.02
C VAL A 43 -11.38 -7.24 1.17
N ILE A 44 -10.61 -6.51 1.95
CA ILE A 44 -11.20 -5.76 3.10
C ILE A 44 -11.44 -4.31 2.71
N GLN A 45 -10.62 -3.77 1.84
CA GLN A 45 -10.82 -2.34 1.44
C GLN A 45 -9.91 -1.99 0.26
N GLU A 46 -10.18 -0.89 -0.37
CA GLU A 46 -9.38 -0.43 -1.53
C GLU A 46 -9.04 1.06 -1.37
N TRP A 47 -8.03 1.53 -2.06
CA TRP A 47 -7.63 2.96 -1.94
C TRP A 47 -7.28 3.52 -3.32
N SER A 48 -7.60 4.75 -3.59
CA SER A 48 -7.26 5.33 -4.92
C SER A 48 -5.77 5.67 -4.94
N LEU A 49 -5.07 5.28 -5.98
CA LEU A 49 -3.62 5.57 -6.08
C LEU A 49 -3.42 7.10 -6.05
N THR A 50 -4.33 7.82 -6.64
CA THR A 50 -4.20 9.31 -6.66
C THR A 50 -4.40 9.85 -5.24
N ASN A 51 -4.73 8.99 -4.31
CA ASN A 51 -4.95 9.44 -2.90
C ASN A 51 -3.63 9.43 -2.14
N ILE A 52 -2.77 8.50 -2.42
CA ILE A 52 -1.47 8.42 -1.70
C ILE A 52 -0.70 9.74 -1.87
N LYS A 53 -0.48 10.44 -0.80
CA LYS A 53 0.27 11.73 -0.88
C LYS A 53 1.77 11.44 -0.89
N ARG A 54 2.24 10.66 0.06
CA ARG A 54 3.68 10.32 0.11
C ARG A 54 3.84 8.93 0.75
N TRP A 55 5.04 8.46 0.85
CA TRP A 55 5.26 7.13 1.49
C TRP A 55 6.69 7.04 1.99
N ALA A 56 7.01 6.03 2.74
CA ALA A 56 8.40 5.88 3.26
C ALA A 56 8.71 4.39 3.37
N ALA A 57 9.60 3.88 2.58
CA ALA A 57 9.93 2.43 2.63
C ALA A 57 11.19 2.19 3.45
N SER A 58 11.07 1.46 4.52
CA SER A 58 12.24 1.16 5.37
C SER A 58 12.66 -0.29 5.09
N PRO A 59 13.91 -0.62 5.34
CA PRO A 59 14.41 -1.99 5.10
C PRO A 59 13.56 -3.03 5.86
N LYS A 60 12.47 -2.65 6.47
CA LYS A 60 11.66 -3.63 7.24
C LYS A 60 10.16 -3.31 7.15
N SER A 61 9.80 -2.05 7.04
CA SER A 61 8.35 -1.68 6.99
C SER A 61 8.06 -0.70 5.84
N PHE A 62 6.79 -0.54 5.54
CA PHE A 62 6.35 0.38 4.45
C PHE A 62 5.32 1.34 5.03
N THR A 63 5.35 2.61 4.65
CA THR A 63 4.36 3.59 5.19
C THR A 63 3.78 4.42 4.04
N LEU A 64 2.49 4.59 4.00
CA LEU A 64 1.85 5.41 2.92
C LEU A 64 1.01 6.50 3.58
N ASP A 65 0.78 7.58 2.89
CA ASP A 65 -0.01 8.71 3.47
C ASP A 65 -1.10 9.14 2.49
N PHE A 66 -2.31 9.25 2.96
CA PHE A 66 -3.43 9.67 2.07
C PHE A 66 -3.65 11.17 2.24
N GLY A 67 -2.92 11.78 3.12
CA GLY A 67 -3.09 13.24 3.35
C GLY A 67 -4.27 13.47 4.29
N ASP A 68 -4.99 12.42 4.61
CA ASP A 68 -6.16 12.57 5.52
C ASP A 68 -5.70 12.49 6.98
N TYR A 69 -5.32 13.59 7.56
CA TYR A 69 -4.87 13.58 8.98
C TYR A 69 -5.85 12.77 9.81
N GLN A 70 -7.12 12.96 9.59
CA GLN A 70 -8.14 12.21 10.37
C GLN A 70 -7.85 10.70 10.28
N ASP A 71 -7.83 10.15 9.09
CA ASP A 71 -7.56 8.71 8.95
C ASP A 71 -6.16 8.40 9.51
N GLY A 72 -5.23 9.29 9.32
CA GLY A 72 -3.86 9.06 9.84
C GLY A 72 -3.05 8.25 8.82
N TYR A 73 -1.79 8.04 9.08
CA TYR A 73 -0.96 7.26 8.13
C TYR A 73 -1.27 5.77 8.24
N TYR A 74 -0.83 5.00 7.29
CA TYR A 74 -1.07 3.52 7.32
C TYR A 74 0.26 2.82 7.02
N SER A 75 0.84 2.21 8.02
CA SER A 75 2.15 1.50 7.82
C SER A 75 2.07 0.07 8.33
N VAL A 76 2.89 -0.79 7.79
CA VAL A 76 2.88 -2.21 8.21
C VAL A 76 4.29 -2.80 8.00
N GLN A 77 4.53 -3.99 8.45
CA GLN A 77 5.88 -4.60 8.26
C GLN A 77 6.00 -5.12 6.83
N THR A 78 7.11 -4.83 6.19
CA THR A 78 7.32 -5.31 4.79
C THR A 78 8.81 -5.49 4.54
N THR A 79 9.21 -6.69 4.20
CA THR A 79 10.64 -6.93 3.92
C THR A 79 10.97 -6.32 2.56
N GLU A 80 9.96 -6.10 1.76
CA GLU A 80 10.16 -5.51 0.39
C GLU A 80 9.52 -4.12 0.35
N GLY A 81 9.43 -3.46 1.46
CA GLY A 81 8.82 -2.10 1.49
C GLY A 81 9.39 -1.27 0.34
N GLU A 82 10.50 -1.68 -0.20
CA GLU A 82 11.11 -0.92 -1.32
C GLU A 82 10.38 -1.28 -2.62
N GLN A 83 10.36 -2.53 -2.95
CA GLN A 83 9.66 -2.98 -4.18
C GLN A 83 8.24 -2.42 -4.16
N ILE A 84 7.58 -2.57 -3.06
CA ILE A 84 6.20 -2.03 -2.95
C ILE A 84 6.25 -0.55 -3.30
N ALA A 85 7.37 0.08 -3.08
CA ALA A 85 7.52 1.53 -3.40
C ALA A 85 7.87 1.66 -4.88
N GLN A 86 8.57 0.71 -5.42
CA GLN A 86 8.94 0.78 -6.86
C GLN A 86 7.74 0.37 -7.69
N LEU A 87 7.00 -0.59 -7.21
CA LEU A 87 5.80 -1.05 -7.94
C LEU A 87 4.76 0.05 -7.84
N ILE A 88 4.65 0.63 -6.68
CA ILE A 88 3.68 1.73 -6.47
C ILE A 88 4.17 2.95 -7.25
N ALA A 89 5.40 3.33 -7.03
CA ALA A 89 5.96 4.49 -7.76
C ALA A 89 5.90 4.23 -9.26
N GLY A 90 5.74 2.98 -9.63
CA GLY A 90 5.68 2.63 -11.08
C GLY A 90 4.25 2.76 -11.59
N TYR A 91 3.26 2.62 -10.75
CA TYR A 91 1.85 2.73 -11.23
C TYR A 91 1.45 4.21 -11.28
N ILE A 92 2.06 5.03 -10.47
CA ILE A 92 1.71 6.47 -10.47
C ILE A 92 2.22 7.16 -11.74
N ASP A 93 3.25 6.62 -12.34
CA ASP A 93 3.80 7.23 -13.58
C ASP A 93 3.02 6.76 -14.81
N ILE A 94 2.35 5.65 -14.70
CA ILE A 94 1.58 5.12 -15.87
C ILE A 94 0.18 5.73 -15.92
N ILE A 95 -0.33 6.16 -14.80
CA ILE A 95 -1.70 6.77 -14.80
C ILE A 95 -1.60 8.24 -15.17
N LEU A 96 -0.50 8.86 -14.86
CA LEU A 96 -0.33 10.31 -15.16
C LEU A 96 0.00 10.51 -16.64
N LYS A 97 0.73 9.62 -17.24
CA LYS A 97 1.07 9.80 -18.68
C LYS A 97 -0.18 9.61 -19.53
N LYS A 98 -0.95 8.60 -19.27
CA LYS A 98 -2.20 8.39 -20.06
C LYS A 98 -3.03 9.68 -20.05
N LYS A 99 -3.11 10.32 -18.92
CA LYS A 99 -3.91 11.57 -18.83
C LYS A 99 -3.17 12.71 -19.55
N LYS A 100 -1.88 12.56 -19.75
CA LYS A 100 -1.11 13.63 -20.45
C LYS A 100 -1.40 14.97 -19.77
N SER B 1 14.06 10.85 6.56
CA SER B 1 14.03 10.63 5.08
C SER B 1 12.58 10.43 4.63
N TRP B 2 12.27 10.81 3.43
CA TRP B 2 10.87 10.65 2.93
C TRP B 2 10.89 10.63 1.39
N VAL B 3 9.75 10.44 0.79
CA VAL B 3 9.65 10.42 -0.69
C VAL B 3 8.22 10.81 -1.09
N PTR B 4 8.07 11.61 -2.11
CA PTR B 4 6.71 12.06 -2.54
C PTR B 4 6.44 11.57 -3.96
O PTR B 4 7.14 10.75 -4.50
CB PTR B 4 6.66 13.59 -2.51
CG PTR B 4 6.53 14.08 -1.08
CD1 PTR B 4 7.56 13.85 -0.16
CD2 PTR B 4 5.38 14.77 -0.67
CE1 PTR B 4 7.44 14.30 1.16
CE2 PTR B 4 5.26 15.22 0.65
CZ PTR B 4 6.29 14.99 1.56
OH PTR B 4 6.17 15.47 2.95
P PTR B 4 6.61 16.89 3.02
O1P PTR B 4 6.23 17.46 4.34
O2P PTR B 4 5.93 17.66 1.95
O3P PTR B 4 8.07 16.97 2.84
H PTR B 4 8.87 11.93 -2.59
HA PTR B 4 5.95 11.67 -1.87
HB2 PTR B 4 5.82 13.94 -3.09
HB3 PTR B 4 7.58 13.99 -2.94
HD1 PTR B 4 8.46 13.32 -0.47
HD2 PTR B 4 4.58 14.94 -1.38
HE1 PTR B 4 8.25 14.13 1.86
HE2 PTR B 4 4.37 15.75 0.96
N SER B 5 5.41 12.11 -4.58
CA SER B 5 5.06 11.70 -5.97
C SER B 5 4.45 12.92 -6.69
N PRO B 6 4.40 12.89 -8.00
CA PRO B 6 3.82 14.01 -8.77
C PRO B 6 2.34 14.16 -8.40
N LEU B 7 1.46 13.46 -9.09
CA LEU B 7 0.01 13.53 -8.80
C LEU B 7 -0.41 14.97 -8.47
N HIS B 8 -0.74 15.74 -9.45
CA HIS B 8 -1.16 17.14 -9.20
C HIS B 8 -2.47 17.16 -8.41
N LEU A 1 -14.12 -12.14 -8.56
CA LEU A 1 -12.94 -11.56 -9.25
C LEU A 1 -12.38 -10.41 -8.42
N LYS A 2 -12.43 -10.53 -7.13
CA LYS A 2 -11.91 -9.46 -6.25
C LYS A 2 -10.38 -9.47 -6.30
N THR A 3 -9.82 -10.12 -7.29
CA THR A 3 -8.33 -10.16 -7.40
C THR A 3 -7.94 -10.52 -8.83
N TYR A 4 -8.34 -9.72 -9.78
CA TYR A 4 -7.99 -10.01 -11.20
C TYR A 4 -6.54 -9.63 -11.47
N GLY A 5 -5.63 -10.56 -11.35
CA GLY A 5 -4.20 -10.27 -11.60
C GLY A 5 -3.72 -9.14 -10.67
N VAL A 6 -3.88 -9.33 -9.38
CA VAL A 6 -3.44 -8.28 -8.40
C VAL A 6 -2.21 -8.81 -7.64
N SER A 7 -1.24 -7.98 -7.40
CA SER A 7 -0.02 -8.44 -6.68
C SER A 7 -0.22 -8.25 -5.17
N PHE A 8 -0.25 -9.33 -4.43
CA PHE A 8 -0.44 -9.26 -2.95
C PHE A 8 0.94 -9.17 -2.29
N PHE A 9 0.99 -8.72 -1.06
CA PHE A 9 2.28 -8.62 -0.32
C PHE A 9 2.04 -8.98 1.14
N LEU A 10 2.75 -9.93 1.66
CA LEU A 10 2.54 -10.32 3.09
C LEU A 10 3.19 -9.29 4.00
N VAL A 11 2.39 -8.45 4.58
CA VAL A 11 2.91 -7.41 5.52
C VAL A 11 2.34 -7.72 6.89
N LYS A 12 3.01 -7.35 7.94
CA LYS A 12 2.49 -7.62 9.32
C LYS A 12 2.02 -6.31 9.93
N GLU A 13 1.00 -6.38 10.74
CA GLU A 13 0.44 -5.15 11.37
C GLU A 13 0.55 -5.28 12.89
N LYS A 14 0.47 -4.17 13.58
CA LYS A 14 0.55 -4.19 15.06
C LYS A 14 -0.85 -3.93 15.62
N MET A 15 -1.53 -4.96 16.04
CA MET A 15 -2.90 -4.78 16.58
C MET A 15 -2.81 -4.06 17.94
N LYS A 16 -3.85 -3.32 18.27
CA LYS A 16 -3.92 -2.52 19.55
C LYS A 16 -2.57 -2.43 20.25
N GLY A 17 -2.16 -3.49 20.91
CA GLY A 17 -0.86 -3.47 21.62
C GLY A 17 -0.31 -4.88 21.73
N LYS A 18 -0.95 -5.85 21.12
CA LYS A 18 -0.42 -7.26 21.22
C LYS A 18 1.09 -7.24 20.94
N ASN A 19 1.88 -7.76 21.82
CA ASN A 19 3.34 -7.81 21.56
C ASN A 19 3.52 -8.65 20.30
N LYS A 20 2.44 -9.22 19.85
CA LYS A 20 2.47 -10.08 18.64
C LYS A 20 2.35 -9.20 17.39
N LEU A 21 2.22 -9.83 16.26
CA LEU A 21 2.07 -9.10 14.97
C LEU A 21 0.93 -9.76 14.21
N VAL A 22 0.30 -9.06 13.29
CA VAL A 22 -0.83 -9.67 12.52
C VAL A 22 -0.50 -9.68 11.01
N PRO A 23 -0.31 -10.85 10.40
CA PRO A 23 -0.02 -10.92 8.95
C PRO A 23 -1.16 -10.28 8.16
N ARG A 24 -0.86 -9.71 7.03
CA ARG A 24 -1.90 -9.07 6.18
C ARG A 24 -1.44 -9.10 4.72
N LEU A 25 -2.34 -9.23 3.79
CA LEU A 25 -1.97 -9.24 2.35
C LEU A 25 -2.36 -7.89 1.75
N LEU A 26 -1.55 -7.34 0.89
CA LEU A 26 -1.87 -6.00 0.28
C LEU A 26 -1.84 -6.10 -1.24
N GLY A 27 -3.00 -6.04 -1.85
CA GLY A 27 -3.10 -6.13 -3.33
C GLY A 27 -2.82 -4.77 -3.98
N ILE A 28 -1.84 -4.70 -4.82
CA ILE A 28 -1.53 -3.40 -5.50
C ILE A 28 -2.17 -3.41 -6.88
N THR A 29 -3.17 -2.60 -7.10
CA THR A 29 -3.84 -2.57 -8.44
C THR A 29 -3.22 -1.46 -9.29
N LYS A 30 -3.51 -1.45 -10.56
CA LYS A 30 -2.93 -0.41 -11.44
C LYS A 30 -3.62 0.94 -11.17
N GLU A 31 -4.67 0.93 -10.39
CA GLU A 31 -5.40 2.19 -10.10
C GLU A 31 -5.80 2.25 -8.62
N CYS A 32 -5.36 1.31 -7.83
CA CYS A 32 -5.74 1.35 -6.39
C CYS A 32 -5.00 0.25 -5.60
N VAL A 33 -4.93 0.42 -4.31
CA VAL A 33 -4.27 -0.60 -3.43
C VAL A 33 -5.37 -1.35 -2.70
N MET A 34 -5.34 -2.66 -2.69
CA MET A 34 -6.43 -3.44 -2.02
C MET A 34 -5.96 -3.96 -0.66
N ARG A 35 -6.80 -3.87 0.34
CA ARG A 35 -6.42 -4.41 1.67
C ARG A 35 -6.94 -5.83 1.74
N VAL A 36 -6.08 -6.81 1.91
CA VAL A 36 -6.54 -8.23 1.94
C VAL A 36 -6.02 -8.92 3.20
N ASP A 37 -6.90 -9.53 3.93
CA ASP A 37 -6.48 -10.24 5.18
C ASP A 37 -5.64 -11.46 4.79
N GLU A 38 -4.71 -11.83 5.61
CA GLU A 38 -3.87 -13.02 5.30
C GLU A 38 -4.60 -14.23 5.85
N LYS A 39 -5.47 -13.97 6.76
CA LYS A 39 -6.26 -15.03 7.41
C LYS A 39 -7.38 -15.49 6.45
N THR A 40 -8.13 -14.55 5.94
CA THR A 40 -9.26 -14.90 5.03
C THR A 40 -8.87 -14.62 3.57
N LYS A 41 -7.71 -14.06 3.33
CA LYS A 41 -7.33 -13.80 1.91
C LYS A 41 -8.47 -13.03 1.21
N GLU A 42 -9.33 -12.41 1.98
CA GLU A 42 -10.47 -11.65 1.38
C GLU A 42 -10.14 -10.16 1.38
N VAL A 43 -10.75 -9.39 0.51
CA VAL A 43 -10.47 -7.92 0.45
C VAL A 43 -11.18 -7.23 1.62
N ILE A 44 -10.44 -6.48 2.41
CA ILE A 44 -11.06 -5.76 3.56
C ILE A 44 -11.21 -4.27 3.23
N GLN A 45 -10.45 -3.78 2.31
CA GLN A 45 -10.56 -2.32 1.96
C GLN A 45 -9.77 -2.02 0.69
N GLU A 46 -10.00 -0.87 0.11
CA GLU A 46 -9.29 -0.46 -1.13
C GLU A 46 -8.98 1.04 -1.09
N TRP A 47 -8.00 1.47 -1.85
CA TRP A 47 -7.63 2.92 -1.87
C TRP A 47 -7.34 3.34 -3.31
N SER A 48 -7.51 4.58 -3.63
CA SER A 48 -7.24 5.06 -5.01
C SER A 48 -5.75 5.40 -5.15
N LEU A 49 -5.15 5.06 -6.26
CA LEU A 49 -3.71 5.36 -6.47
C LEU A 49 -3.52 6.89 -6.57
N THR A 50 -4.52 7.58 -7.04
CA THR A 50 -4.42 9.06 -7.18
C THR A 50 -4.65 9.73 -5.83
N ASN A 51 -4.97 8.97 -4.81
CA ASN A 51 -5.23 9.56 -3.46
C ASN A 51 -3.98 9.44 -2.60
N ILE A 52 -2.97 8.77 -3.06
CA ILE A 52 -1.72 8.62 -2.25
C ILE A 52 -0.88 9.89 -2.36
N LYS A 53 -0.57 10.49 -1.25
CA LYS A 53 0.26 11.74 -1.27
C LYS A 53 1.74 11.35 -1.36
N ARG A 54 2.18 10.49 -0.48
CA ARG A 54 3.60 10.04 -0.50
C ARG A 54 3.77 8.80 0.37
N TRP A 55 4.92 8.20 0.34
CA TRP A 55 5.14 6.96 1.15
C TRP A 55 6.59 6.91 1.62
N ALA A 56 6.91 5.96 2.46
CA ALA A 56 8.31 5.83 2.95
C ALA A 56 8.62 4.34 3.10
N ALA A 57 9.56 3.83 2.34
CA ALA A 57 9.89 2.38 2.43
C ALA A 57 11.12 2.19 3.32
N SER A 58 10.93 1.65 4.50
CA SER A 58 12.07 1.42 5.41
C SER A 58 12.63 0.01 5.16
N PRO A 59 13.86 -0.24 5.57
CA PRO A 59 14.48 -1.55 5.36
C PRO A 59 13.62 -2.65 6.01
N LYS A 60 12.58 -2.28 6.73
CA LYS A 60 11.72 -3.30 7.40
C LYS A 60 10.24 -2.92 7.29
N SER A 61 9.93 -1.65 7.29
CA SER A 61 8.49 -1.22 7.23
C SER A 61 8.23 -0.34 6.01
N PHE A 62 6.98 -0.12 5.72
CA PHE A 62 6.59 0.72 4.54
C PHE A 62 5.24 1.40 4.87
N THR A 63 5.09 2.67 4.55
CA THR A 63 3.81 3.36 4.87
C THR A 63 3.41 4.32 3.74
N LEU A 64 2.13 4.51 3.56
CA LEU A 64 1.63 5.45 2.51
C LEU A 64 0.92 6.62 3.20
N ASP A 65 0.69 7.69 2.49
CA ASP A 65 0.00 8.88 3.10
C ASP A 65 -1.13 9.35 2.19
N PHE A 66 -2.33 9.33 2.67
CA PHE A 66 -3.49 9.79 1.84
C PHE A 66 -3.79 11.24 2.19
N GLY A 67 -3.05 11.81 3.08
CA GLY A 67 -3.28 13.22 3.48
C GLY A 67 -4.42 13.27 4.50
N ASP A 68 -4.96 12.13 4.86
CA ASP A 68 -6.07 12.11 5.85
C ASP A 68 -5.52 12.37 7.25
N TYR A 69 -5.42 13.61 7.64
CA TYR A 69 -4.91 13.92 9.00
C TYR A 69 -5.70 13.11 10.02
N GLN A 70 -6.99 13.03 9.82
CA GLN A 70 -7.85 12.27 10.76
C GLN A 70 -7.41 10.79 10.77
N ASP A 71 -7.67 10.09 9.71
CA ASP A 71 -7.28 8.66 9.66
C ASP A 71 -5.79 8.53 9.90
N GLY A 72 -5.04 9.51 9.51
CA GLY A 72 -3.56 9.46 9.72
C GLY A 72 -2.91 8.61 8.63
N TYR A 73 -1.63 8.40 8.73
CA TYR A 73 -0.93 7.59 7.70
C TYR A 73 -1.26 6.10 7.88
N TYR A 74 -0.75 5.27 7.01
CA TYR A 74 -0.99 3.80 7.11
C TYR A 74 0.35 3.11 6.99
N SER A 75 0.86 2.58 8.07
CA SER A 75 2.20 1.90 8.06
C SER A 75 2.07 0.45 8.51
N VAL A 76 2.92 -0.39 7.98
CA VAL A 76 2.91 -1.83 8.36
C VAL A 76 4.32 -2.40 8.19
N GLN A 77 4.58 -3.57 8.72
CA GLN A 77 5.94 -4.15 8.59
C GLN A 77 6.10 -4.78 7.19
N THR A 78 7.19 -4.47 6.52
CA THR A 78 7.42 -5.04 5.16
C THR A 78 8.91 -5.24 4.93
N THR A 79 9.31 -6.45 4.67
CA THR A 79 10.75 -6.71 4.41
C THR A 79 11.09 -6.19 3.02
N GLU A 80 10.10 -6.12 2.16
CA GLU A 80 10.31 -5.62 0.77
C GLU A 80 9.68 -4.24 0.63
N GLY A 81 9.63 -3.50 1.70
CA GLY A 81 9.03 -2.15 1.66
C GLY A 81 9.51 -1.39 0.41
N GLU A 82 10.62 -1.78 -0.14
CA GLU A 82 11.14 -1.09 -1.35
C GLU A 82 10.35 -1.55 -2.57
N GLN A 83 10.33 -2.82 -2.83
CA GLN A 83 9.58 -3.34 -4.00
C GLN A 83 8.16 -2.80 -3.95
N ILE A 84 7.54 -2.89 -2.82
CA ILE A 84 6.16 -2.36 -2.68
C ILE A 84 6.16 -0.91 -3.14
N ALA A 85 7.23 -0.21 -2.92
CA ALA A 85 7.32 1.21 -3.35
C ALA A 85 7.75 1.27 -4.82
N GLN A 86 8.38 0.24 -5.29
CA GLN A 86 8.83 0.23 -6.71
C GLN A 86 7.67 -0.18 -7.61
N LEU A 87 6.88 -1.10 -7.14
CA LEU A 87 5.72 -1.56 -7.95
C LEU A 87 4.68 -0.45 -7.93
N ILE A 88 4.50 0.16 -6.80
CA ILE A 88 3.53 1.26 -6.67
C ILE A 88 4.06 2.48 -7.43
N ALA A 89 5.29 2.82 -7.20
CA ALA A 89 5.88 3.99 -7.91
C ALA A 89 5.88 3.74 -9.41
N GLY A 90 5.71 2.50 -9.81
CA GLY A 90 5.71 2.17 -11.26
C GLY A 90 4.29 2.31 -11.84
N TYR A 91 3.28 2.19 -11.03
CA TYR A 91 1.89 2.31 -11.57
C TYR A 91 1.50 3.80 -11.65
N ILE A 92 2.11 4.62 -10.86
CA ILE A 92 1.78 6.06 -10.88
C ILE A 92 2.27 6.70 -12.18
N ASP A 93 3.28 6.14 -12.78
CA ASP A 93 3.82 6.72 -14.05
C ASP A 93 3.00 6.21 -15.24
N ILE A 94 2.30 5.13 -15.07
CA ILE A 94 1.50 4.56 -16.20
C ILE A 94 0.12 5.22 -16.24
N ILE A 95 -0.34 5.74 -15.14
CA ILE A 95 -1.68 6.40 -15.13
C ILE A 95 -1.53 7.83 -15.61
N LEU A 96 -0.43 8.44 -15.29
CA LEU A 96 -0.19 9.85 -15.70
C LEU A 96 0.27 9.88 -17.17
N LYS A 97 0.82 8.79 -17.64
CA LYS A 97 1.29 8.75 -19.05
C LYS A 97 0.10 8.93 -19.99
N LYS A 98 -0.92 8.15 -19.80
CA LYS A 98 -2.12 8.26 -20.67
C LYS A 98 -2.85 9.57 -20.37
N LYS A 99 -3.13 9.83 -19.11
CA LYS A 99 -3.85 11.08 -18.76
C LYS A 99 -3.07 12.30 -19.24
N LYS A 100 -1.88 12.12 -19.76
CA LYS A 100 -1.08 13.28 -20.23
C LYS A 100 -1.97 14.19 -21.10
N SER B 1 14.29 11.52 3.98
CA SER B 1 14.30 10.05 3.75
C SER B 1 12.95 9.62 3.19
N TRP B 2 12.08 10.56 2.92
CA TRP B 2 10.74 10.21 2.37
C TRP B 2 10.83 10.13 0.84
N VAL B 3 9.72 9.82 0.21
CA VAL B 3 9.69 9.73 -1.28
C VAL B 3 8.30 10.18 -1.74
N PTR B 4 8.23 10.96 -2.79
CA PTR B 4 6.91 11.48 -3.28
C PTR B 4 6.66 11.02 -4.72
O PTR B 4 7.36 10.18 -5.25
CB PTR B 4 6.94 13.02 -3.24
CG PTR B 4 6.83 13.50 -1.81
CD1 PTR B 4 7.86 13.23 -0.90
CD2 PTR B 4 5.69 14.22 -1.40
CE1 PTR B 4 7.75 13.68 0.43
CE2 PTR B 4 5.59 14.66 -0.08
CZ PTR B 4 6.61 14.40 0.84
OH PTR B 4 6.51 14.88 2.24
P PTR B 4 6.94 16.29 2.29
O1P PTR B 4 6.35 17.03 1.15
O2P PTR B 4 8.41 16.36 2.22
O3P PTR B 4 6.47 16.90 3.56
H PTR B 4 9.06 11.23 -3.24
HA PTR B 4 6.11 11.12 -2.65
HB2 PTR B 4 6.12 13.40 -3.82
HB3 PTR B 4 7.87 13.37 -3.66
HD1 PTR B 4 8.73 12.68 -1.20
HD2 PTR B 4 4.90 14.42 -2.10
HE1 PTR B 4 8.54 13.47 1.14
HE2 PTR B 4 4.71 15.21 0.24
N SER B 5 5.67 11.60 -5.35
CA SER B 5 5.35 11.23 -6.76
C SER B 5 4.76 12.47 -7.46
N PRO B 6 4.70 12.45 -8.77
CA PRO B 6 4.14 13.59 -9.52
C PRO B 6 2.67 13.80 -9.13
N LEU B 7 1.74 13.18 -9.82
CA LEU B 7 0.30 13.34 -9.47
C LEU B 7 -0.02 14.82 -9.28
N HIS B 8 -1.23 15.13 -8.87
CA HIS B 8 -1.63 16.55 -8.65
C HIS B 8 -1.73 16.83 -7.14
N LEU A 1 -13.47 -14.20 -6.11
CA LEU A 1 -12.29 -13.58 -6.77
C LEU A 1 -12.41 -12.06 -6.67
N LYS A 2 -12.67 -11.55 -5.50
CA LYS A 2 -12.80 -10.09 -5.32
C LYS A 2 -11.42 -9.43 -5.50
N THR A 3 -10.47 -10.16 -6.00
CA THR A 3 -9.10 -9.58 -6.19
C THR A 3 -8.40 -10.32 -7.33
N TYR A 4 -8.98 -10.31 -8.49
CA TYR A 4 -8.36 -11.01 -9.65
C TYR A 4 -7.40 -10.06 -10.36
N GLY A 5 -6.18 -10.48 -10.59
CA GLY A 5 -5.21 -9.60 -11.29
C GLY A 5 -4.75 -8.49 -10.34
N VAL A 6 -4.44 -8.84 -9.12
CA VAL A 6 -3.98 -7.83 -8.12
C VAL A 6 -2.67 -8.32 -7.48
N SER A 7 -1.69 -7.45 -7.39
CA SER A 7 -0.39 -7.86 -6.79
C SER A 7 -0.48 -7.78 -5.26
N PHE A 8 -0.57 -8.90 -4.61
CA PHE A 8 -0.66 -8.93 -3.13
C PHE A 8 0.76 -9.00 -2.53
N PHE A 9 0.92 -8.55 -1.31
CA PHE A 9 2.26 -8.59 -0.65
C PHE A 9 2.07 -8.97 0.81
N LEU A 10 2.83 -9.89 1.33
CA LEU A 10 2.67 -10.30 2.74
C LEU A 10 3.27 -9.24 3.66
N VAL A 11 2.43 -8.53 4.34
CA VAL A 11 2.88 -7.50 5.31
C VAL A 11 2.25 -7.84 6.66
N LYS A 12 2.87 -7.47 7.74
CA LYS A 12 2.29 -7.80 9.09
C LYS A 12 1.72 -6.52 9.70
N GLU A 13 0.63 -6.66 10.41
CA GLU A 13 -0.02 -5.47 11.05
C GLU A 13 0.07 -5.61 12.56
N LYS A 14 -0.10 -4.53 13.26
CA LYS A 14 -0.05 -4.56 14.75
C LYS A 14 -1.44 -4.28 15.30
N MET A 15 -2.15 -5.31 15.67
CA MET A 15 -3.52 -5.14 16.22
C MET A 15 -3.38 -4.51 17.62
N LYS A 16 -4.41 -3.82 18.07
CA LYS A 16 -4.41 -3.11 19.41
C LYS A 16 -2.98 -2.97 19.98
N GLY A 17 -2.45 -4.03 20.53
CA GLY A 17 -1.08 -3.93 21.09
C GLY A 17 -0.52 -5.32 21.40
N LYS A 18 -1.11 -6.37 20.89
CA LYS A 18 -0.56 -7.74 21.19
C LYS A 18 0.93 -7.76 20.82
N ASN A 19 1.76 -8.28 21.67
CA ASN A 19 3.20 -8.34 21.34
C ASN A 19 3.34 -9.11 20.03
N LYS A 20 2.26 -9.70 19.60
CA LYS A 20 2.26 -10.48 18.34
C LYS A 20 2.05 -9.53 17.14
N LEU A 21 1.91 -10.11 15.98
CA LEU A 21 1.69 -9.31 14.73
C LEU A 21 0.55 -9.96 13.94
N VAL A 22 -0.08 -9.23 13.05
CA VAL A 22 -1.21 -9.81 12.24
C VAL A 22 -0.81 -9.84 10.74
N PRO A 23 -0.63 -11.02 10.16
CA PRO A 23 -0.29 -11.11 8.71
C PRO A 23 -1.36 -10.43 7.87
N ARG A 24 -0.98 -9.86 6.75
CA ARG A 24 -1.98 -9.19 5.88
C ARG A 24 -1.47 -9.17 4.45
N LEU A 25 -2.36 -9.22 3.48
CA LEU A 25 -1.95 -9.19 2.05
C LEU A 25 -2.30 -7.81 1.50
N LEU A 26 -1.36 -7.13 0.88
CA LEU A 26 -1.63 -5.75 0.35
C LEU A 26 -1.72 -5.78 -1.17
N GLY A 27 -2.91 -5.59 -1.68
CA GLY A 27 -3.11 -5.58 -3.15
C GLY A 27 -2.75 -4.22 -3.73
N ILE A 28 -2.14 -4.21 -4.90
CA ILE A 28 -1.76 -2.93 -5.55
C ILE A 28 -2.30 -2.94 -6.99
N THR A 29 -3.27 -2.12 -7.29
CA THR A 29 -3.82 -2.09 -8.68
C THR A 29 -3.23 -0.89 -9.43
N LYS A 30 -3.43 -0.82 -10.71
CA LYS A 30 -2.87 0.30 -11.50
C LYS A 30 -3.64 1.59 -11.21
N GLU A 31 -4.76 1.49 -10.53
CA GLU A 31 -5.57 2.70 -10.21
C GLU A 31 -5.94 2.74 -8.73
N CYS A 32 -5.42 1.84 -7.93
CA CYS A 32 -5.79 1.88 -6.48
C CYS A 32 -4.94 0.88 -5.67
N VAL A 33 -5.08 0.93 -4.37
CA VAL A 33 -4.36 0.00 -3.46
C VAL A 33 -5.42 -0.66 -2.59
N MET A 34 -5.29 -1.93 -2.27
CA MET A 34 -6.37 -2.58 -1.44
C MET A 34 -5.79 -3.40 -0.30
N ARG A 35 -6.50 -3.46 0.79
CA ARG A 35 -6.04 -4.27 1.94
C ARG A 35 -6.68 -5.65 1.82
N VAL A 36 -5.88 -6.68 1.75
CA VAL A 36 -6.43 -8.06 1.63
C VAL A 36 -5.99 -8.87 2.84
N ASP A 37 -6.93 -9.43 3.54
CA ASP A 37 -6.58 -10.24 4.75
C ASP A 37 -5.75 -11.45 4.31
N GLU A 38 -4.86 -11.88 5.13
CA GLU A 38 -4.03 -13.07 4.78
C GLU A 38 -4.77 -14.30 5.29
N LYS A 39 -5.62 -14.07 6.23
CA LYS A 39 -6.42 -15.15 6.84
C LYS A 39 -7.51 -15.57 5.86
N THR A 40 -8.29 -14.62 5.40
CA THR A 40 -9.41 -14.94 4.46
C THR A 40 -9.01 -14.60 3.03
N LYS A 41 -7.84 -14.04 2.80
CA LYS A 41 -7.47 -13.70 1.41
C LYS A 41 -8.59 -12.85 0.79
N GLU A 42 -9.40 -12.24 1.61
CA GLU A 42 -10.51 -11.39 1.09
C GLU A 42 -10.10 -9.93 1.10
N VAL A 43 -10.81 -9.09 0.39
CA VAL A 43 -10.46 -7.64 0.35
C VAL A 43 -11.05 -6.93 1.58
N ILE A 44 -10.24 -6.16 2.27
CA ILE A 44 -10.73 -5.44 3.48
C ILE A 44 -10.81 -3.94 3.20
N GLN A 45 -9.98 -3.41 2.34
CA GLN A 45 -10.03 -1.94 2.05
C GLN A 45 -9.63 -1.66 0.60
N GLU A 46 -9.92 -0.47 0.15
CA GLU A 46 -9.58 -0.04 -1.24
C GLU A 46 -9.20 1.44 -1.21
N TRP A 47 -8.18 1.82 -1.93
CA TRP A 47 -7.74 3.26 -1.94
C TRP A 47 -7.36 3.66 -3.36
N SER A 48 -7.48 4.92 -3.69
CA SER A 48 -7.11 5.39 -5.06
C SER A 48 -5.62 5.74 -5.09
N LEU A 49 -4.97 5.51 -6.20
CA LEU A 49 -3.52 5.82 -6.30
C LEU A 49 -3.34 7.35 -6.31
N THR A 50 -4.32 8.06 -6.78
CA THR A 50 -4.20 9.55 -6.83
C THR A 50 -4.37 10.12 -5.42
N ASN A 51 -4.77 9.30 -4.47
CA ASN A 51 -4.96 9.80 -3.08
C ASN A 51 -3.64 9.68 -2.30
N ILE A 52 -2.74 8.84 -2.75
CA ILE A 52 -1.45 8.69 -2.02
C ILE A 52 -0.64 9.97 -2.15
N LYS A 53 -0.31 10.59 -1.05
CA LYS A 53 0.48 11.86 -1.10
C LYS A 53 1.98 11.52 -1.15
N ARG A 54 2.43 10.67 -0.27
CA ARG A 54 3.88 10.30 -0.25
C ARG A 54 4.05 8.93 0.41
N TRP A 55 5.25 8.43 0.46
CA TRP A 55 5.49 7.13 1.13
C TRP A 55 6.94 7.02 1.56
N ALA A 56 7.27 6.02 2.32
CA ALA A 56 8.67 5.84 2.78
C ALA A 56 8.96 4.35 2.93
N ALA A 57 9.83 3.81 2.12
CA ALA A 57 10.15 2.35 2.20
C ALA A 57 11.44 2.13 2.99
N SER A 58 11.36 1.39 4.06
CA SER A 58 12.57 1.09 4.88
C SER A 58 12.89 -0.40 4.72
N PRO A 59 14.12 -0.79 4.96
CA PRO A 59 14.51 -2.21 4.84
C PRO A 59 13.70 -3.10 5.80
N LYS A 60 12.54 -2.67 6.24
CA LYS A 60 11.75 -3.50 7.18
C LYS A 60 10.26 -3.21 7.07
N SER A 61 9.90 -1.96 6.82
CA SER A 61 8.45 -1.60 6.74
C SER A 61 8.18 -0.61 5.59
N PHE A 62 6.92 -0.49 5.24
CA PHE A 62 6.51 0.46 4.15
C PHE A 62 5.49 1.44 4.75
N THR A 63 5.55 2.69 4.36
CA THR A 63 4.59 3.70 4.92
C THR A 63 4.00 4.52 3.77
N LEU A 64 2.71 4.78 3.80
CA LEU A 64 2.06 5.60 2.72
C LEU A 64 1.23 6.70 3.38
N ASP A 65 0.92 7.75 2.66
CA ASP A 65 0.12 8.88 3.23
C ASP A 65 -1.03 9.22 2.28
N PHE A 66 -2.22 9.35 2.83
CA PHE A 66 -3.40 9.70 1.99
C PHE A 66 -3.75 11.17 2.22
N GLY A 67 -3.02 11.81 3.11
CA GLY A 67 -3.30 13.24 3.41
C GLY A 67 -4.49 13.35 4.36
N ASP A 68 -5.07 12.22 4.70
CA ASP A 68 -6.25 12.25 5.62
C ASP A 68 -5.77 12.18 7.08
N TYR A 69 -5.54 13.30 7.70
CA TYR A 69 -5.09 13.28 9.12
C TYR A 69 -6.00 12.35 9.92
N GLN A 70 -7.27 12.37 9.64
CA GLN A 70 -8.22 11.48 10.36
C GLN A 70 -7.70 10.05 10.29
N ASP A 71 -7.71 9.49 9.12
CA ASP A 71 -7.22 8.10 8.96
C ASP A 71 -5.75 8.05 9.35
N GLY A 72 -5.05 9.14 9.17
CA GLY A 72 -3.61 9.16 9.53
C GLY A 72 -2.81 8.33 8.53
N TYR A 73 -1.53 8.23 8.72
CA TYR A 73 -0.70 7.44 7.78
C TYR A 73 -1.00 5.95 7.95
N TYR A 74 -0.58 5.14 7.02
CA TYR A 74 -0.82 3.68 7.09
C TYR A 74 0.49 2.96 6.79
N SER A 75 1.10 2.38 7.78
CA SER A 75 2.40 1.67 7.57
C SER A 75 2.34 0.27 8.18
N VAL A 76 3.13 -0.62 7.67
CA VAL A 76 3.14 -2.02 8.19
C VAL A 76 4.51 -2.63 7.97
N GLN A 77 4.76 -3.78 8.50
CA GLN A 77 6.08 -4.43 8.32
C GLN A 77 6.16 -5.05 6.93
N THR A 78 7.24 -4.83 6.23
CA THR A 78 7.40 -5.40 4.86
C THR A 78 8.87 -5.63 4.58
N THR A 79 9.21 -6.81 4.17
CA THR A 79 10.63 -7.10 3.85
C THR A 79 10.94 -6.53 2.46
N GLU A 80 9.92 -6.32 1.68
CA GLU A 80 10.10 -5.76 0.30
C GLU A 80 9.43 -4.39 0.21
N GLY A 81 9.38 -3.68 1.29
CA GLY A 81 8.75 -2.33 1.27
C GLY A 81 9.29 -1.53 0.09
N GLU A 82 10.38 -1.97 -0.48
CA GLU A 82 10.98 -1.25 -1.63
C GLU A 82 10.19 -1.61 -2.90
N GLN A 83 10.11 -2.86 -3.21
CA GLN A 83 9.37 -3.29 -4.42
C GLN A 83 7.96 -2.72 -4.34
N ILE A 84 7.34 -2.85 -3.20
CA ILE A 84 5.97 -2.29 -3.04
C ILE A 84 6.03 -0.81 -3.43
N ALA A 85 7.17 -0.20 -3.26
CA ALA A 85 7.33 1.23 -3.61
C ALA A 85 7.65 1.34 -5.10
N GLN A 86 8.31 0.35 -5.64
CA GLN A 86 8.66 0.37 -7.09
C GLN A 86 7.44 -0.07 -7.90
N LEU A 87 6.71 -1.01 -7.38
CA LEU A 87 5.51 -1.49 -8.09
C LEU A 87 4.48 -0.38 -8.07
N ILE A 88 4.35 0.27 -6.95
CA ILE A 88 3.38 1.39 -6.82
C ILE A 88 3.93 2.60 -7.57
N ALA A 89 5.14 2.99 -7.29
CA ALA A 89 5.73 4.16 -7.98
C ALA A 89 5.73 3.90 -9.50
N GLY A 90 5.56 2.66 -9.88
CA GLY A 90 5.56 2.33 -11.34
C GLY A 90 4.14 2.48 -11.92
N TYR A 91 3.13 2.35 -11.10
CA TYR A 91 1.74 2.48 -11.65
C TYR A 91 1.34 3.96 -11.69
N ILE A 92 1.89 4.75 -10.83
CA ILE A 92 1.54 6.20 -10.79
C ILE A 92 1.99 6.87 -12.09
N ASP A 93 3.00 6.33 -12.73
CA ASP A 93 3.49 6.94 -13.99
C ASP A 93 2.68 6.44 -15.18
N ILE A 94 2.02 5.33 -15.03
CA ILE A 94 1.21 4.77 -16.15
C ILE A 94 -0.19 5.35 -16.15
N ILE A 95 -0.64 5.86 -15.03
CA ILE A 95 -2.01 6.45 -14.98
C ILE A 95 -1.95 7.88 -15.48
N LEU A 96 -0.86 8.55 -15.24
CA LEU A 96 -0.71 9.95 -15.68
C LEU A 96 -0.33 9.99 -17.16
N LYS A 97 0.26 8.94 -17.66
CA LYS A 97 0.66 8.90 -19.09
C LYS A 97 -0.59 8.89 -19.97
N LYS A 98 -1.68 8.39 -19.47
CA LYS A 98 -2.93 8.35 -20.28
C LYS A 98 -3.47 9.77 -20.45
N LYS A 99 -3.63 10.49 -19.38
CA LYS A 99 -4.17 11.87 -19.48
C LYS A 99 -3.12 12.78 -20.13
N LYS A 100 -1.90 12.70 -19.71
CA LYS A 100 -0.83 13.55 -20.30
C LYS A 100 -0.28 12.89 -21.56
N SER B 1 14.24 12.20 5.51
CA SER B 1 14.26 11.59 4.15
C SER B 1 12.85 11.13 3.78
N TRP B 2 12.47 11.30 2.54
CA TRP B 2 11.10 10.88 2.12
C TRP B 2 11.07 10.76 0.59
N VAL B 3 9.94 10.39 0.05
CA VAL B 3 9.80 10.25 -1.42
C VAL B 3 8.35 10.56 -1.79
N PTR B 4 8.14 11.27 -2.88
CA PTR B 4 6.74 11.65 -3.28
C PTR B 4 6.44 11.07 -4.67
O PTR B 4 7.14 10.20 -5.16
CB PTR B 4 6.64 13.17 -3.34
CG PTR B 4 6.57 13.74 -1.93
CD1 PTR B 4 7.66 13.61 -1.06
CD2 PTR B 4 5.40 14.37 -1.49
CE1 PTR B 4 7.59 14.12 0.23
CE2 PTR B 4 5.33 14.89 -0.20
CZ PTR B 4 6.43 14.77 0.67
OH PTR B 4 6.35 15.32 2.04
P PTR B 4 6.85 16.70 2.03
O1P PTR B 4 6.50 17.36 3.31
O2P PTR B 4 6.24 17.44 0.91
O3P PTR B 4 8.33 16.70 1.88
H PTR B 4 8.91 11.57 -3.40
HA PTR B 4 6.02 11.26 -2.58
HB2 PTR B 4 5.76 13.46 -3.89
HB3 PTR B 4 7.52 13.58 -3.83
HD1 PTR B 4 8.56 13.11 -1.40
HD2 PTR B 4 4.55 14.47 -2.15
HE1 PTR B 4 8.43 14.03 0.89
HE2 PTR B 4 4.43 15.38 0.14
N SER B 5 5.40 11.55 -5.30
CA SER B 5 5.01 11.05 -6.65
C SER B 5 4.68 12.26 -7.54
N PRO B 6 4.67 12.07 -8.85
CA PRO B 6 4.35 13.17 -9.78
C PRO B 6 2.93 13.68 -9.50
N LEU B 7 2.09 12.85 -8.94
CA LEU B 7 0.69 13.28 -8.65
C LEU B 7 0.71 14.65 -7.97
N HIS B 8 0.12 15.63 -8.59
CA HIS B 8 0.10 16.99 -7.97
C HIS B 8 -0.61 16.93 -6.61
N LEU A 1 -15.12 -7.84 -8.89
CA LEU A 1 -13.70 -8.07 -9.28
C LEU A 1 -12.81 -7.88 -8.06
N LYS A 2 -13.25 -8.34 -6.92
CA LYS A 2 -12.43 -8.19 -5.69
C LYS A 2 -11.23 -9.14 -5.77
N THR A 3 -10.96 -9.66 -6.94
CA THR A 3 -9.80 -10.60 -7.09
C THR A 3 -9.25 -10.51 -8.51
N TYR A 4 -9.01 -9.33 -8.98
CA TYR A 4 -8.46 -9.16 -10.36
C TYR A 4 -6.96 -9.44 -10.33
N GLY A 5 -6.30 -9.33 -11.44
CA GLY A 5 -4.83 -9.60 -11.46
C GLY A 5 -4.10 -8.56 -10.59
N VAL A 6 -4.30 -8.63 -9.30
CA VAL A 6 -3.64 -7.66 -8.37
C VAL A 6 -2.50 -8.37 -7.63
N SER A 7 -1.39 -7.70 -7.45
CA SER A 7 -0.24 -8.35 -6.74
C SER A 7 -0.43 -8.20 -5.23
N PHE A 8 -0.56 -9.29 -4.54
CA PHE A 8 -0.74 -9.25 -3.06
C PHE A 8 0.62 -9.48 -2.38
N PHE A 9 1.07 -8.55 -1.59
CA PHE A 9 2.38 -8.71 -0.88
C PHE A 9 2.11 -9.09 0.58
N LEU A 10 2.82 -10.05 1.10
CA LEU A 10 2.59 -10.44 2.51
C LEU A 10 3.31 -9.46 3.43
N VAL A 11 2.56 -8.81 4.28
CA VAL A 11 3.15 -7.84 5.24
C VAL A 11 2.62 -8.18 6.62
N LYS A 12 3.33 -7.84 7.66
CA LYS A 12 2.87 -8.16 9.03
C LYS A 12 2.43 -6.87 9.72
N GLU A 13 1.56 -6.99 10.68
CA GLU A 13 1.05 -5.80 11.41
C GLU A 13 1.24 -6.01 12.91
N LYS A 14 1.22 -4.95 13.67
CA LYS A 14 1.41 -5.06 15.15
C LYS A 14 0.06 -4.88 15.83
N MET A 15 -0.45 -5.91 16.44
CA MET A 15 -1.76 -5.80 17.13
C MET A 15 -1.60 -4.92 18.38
N LYS A 16 -2.66 -4.25 18.77
CA LYS A 16 -2.67 -3.31 19.95
C LYS A 16 -1.30 -3.19 20.62
N GLY A 17 -0.85 -4.24 21.27
CA GLY A 17 0.48 -4.19 21.94
C GLY A 17 1.10 -5.59 21.94
N LYS A 18 0.40 -6.58 21.46
CA LYS A 18 1.00 -7.95 21.45
C LYS A 18 2.39 -7.88 20.82
N ASN A 19 3.39 -8.35 21.51
CA ASN A 19 4.74 -8.34 20.92
C ASN A 19 4.67 -9.21 19.67
N LYS A 20 3.55 -9.86 19.51
CA LYS A 20 3.33 -10.74 18.34
C LYS A 20 3.21 -9.89 17.07
N LEU A 21 2.90 -10.54 15.98
CA LEU A 21 2.72 -9.82 14.68
C LEU A 21 1.52 -10.44 13.98
N VAL A 22 0.90 -9.74 13.06
CA VAL A 22 -0.28 -10.31 12.35
C VAL A 22 -0.02 -10.28 10.82
N PRO A 23 0.13 -11.42 10.17
CA PRO A 23 0.34 -11.45 8.70
C PRO A 23 -0.82 -10.76 7.98
N ARG A 24 -0.55 -10.16 6.87
CA ARG A 24 -1.62 -9.47 6.09
C ARG A 24 -1.23 -9.44 4.62
N LEU A 25 -2.17 -9.51 3.72
CA LEU A 25 -1.85 -9.47 2.27
C LEU A 25 -2.19 -8.06 1.78
N LEU A 26 -1.36 -7.48 0.93
CA LEU A 26 -1.61 -6.09 0.44
C LEU A 26 -1.66 -6.05 -1.09
N GLY A 27 -2.83 -5.85 -1.64
CA GLY A 27 -3.00 -5.80 -3.12
C GLY A 27 -2.67 -4.41 -3.65
N ILE A 28 -1.86 -4.36 -4.67
CA ILE A 28 -1.49 -3.05 -5.30
C ILE A 28 -1.83 -3.15 -6.80
N THR A 29 -2.82 -2.42 -7.24
CA THR A 29 -3.24 -2.47 -8.68
C THR A 29 -2.72 -1.23 -9.41
N LYS A 30 -2.85 -1.21 -10.71
CA LYS A 30 -2.37 -0.04 -11.50
C LYS A 30 -3.37 1.11 -11.35
N GLU A 31 -4.54 0.83 -10.84
CA GLU A 31 -5.58 1.88 -10.68
C GLU A 31 -6.08 1.94 -9.24
N CYS A 32 -5.57 1.11 -8.36
CA CYS A 32 -6.05 1.18 -6.95
C CYS A 32 -5.23 0.24 -6.06
N VAL A 33 -5.30 0.45 -4.77
CA VAL A 33 -4.58 -0.42 -3.79
C VAL A 33 -5.66 -1.00 -2.87
N MET A 34 -5.46 -2.20 -2.37
CA MET A 34 -6.54 -2.80 -1.50
C MET A 34 -5.94 -3.57 -0.34
N ARG A 35 -6.68 -3.63 0.74
CA ARG A 35 -6.18 -4.39 1.93
C ARG A 35 -6.72 -5.81 1.83
N VAL A 36 -5.89 -6.77 2.09
CA VAL A 36 -6.33 -8.19 2.01
C VAL A 36 -5.79 -8.95 3.22
N ASP A 37 -6.65 -9.56 3.97
CA ASP A 37 -6.18 -10.31 5.16
C ASP A 37 -5.45 -11.56 4.71
N GLU A 38 -4.47 -11.97 5.45
CA GLU A 38 -3.72 -13.20 5.10
C GLU A 38 -4.40 -14.37 5.76
N LYS A 39 -5.08 -14.06 6.82
CA LYS A 39 -5.83 -15.09 7.58
C LYS A 39 -6.99 -15.59 6.76
N THR A 40 -7.80 -14.70 6.26
CA THR A 40 -8.99 -15.10 5.44
C THR A 40 -8.70 -14.90 3.95
N LYS A 41 -7.55 -14.38 3.60
CA LYS A 41 -7.26 -14.18 2.15
C LYS A 41 -8.43 -13.42 1.51
N GLU A 42 -9.15 -12.66 2.30
CA GLU A 42 -10.32 -11.89 1.77
C GLU A 42 -9.94 -10.41 1.62
N VAL A 43 -10.71 -9.66 0.88
CA VAL A 43 -10.40 -8.21 0.69
C VAL A 43 -11.01 -7.41 1.84
N ILE A 44 -10.21 -6.65 2.54
CA ILE A 44 -10.74 -5.85 3.69
C ILE A 44 -10.93 -4.39 3.26
N GLN A 45 -10.20 -3.91 2.29
CA GLN A 45 -10.38 -2.48 1.88
C GLN A 45 -9.96 -2.28 0.41
N GLU A 46 -10.34 -1.17 -0.13
CA GLU A 46 -10.00 -0.81 -1.55
C GLU A 46 -9.63 0.68 -1.58
N TRP A 47 -8.64 1.06 -2.36
CA TRP A 47 -8.24 2.50 -2.41
C TRP A 47 -7.91 2.90 -3.84
N SER A 48 -8.04 4.16 -4.15
CA SER A 48 -7.71 4.63 -5.53
C SER A 48 -6.22 4.97 -5.57
N LEU A 49 -5.57 4.64 -6.65
CA LEU A 49 -4.10 4.93 -6.74
C LEU A 49 -3.87 6.45 -6.76
N THR A 50 -4.83 7.20 -7.21
CA THR A 50 -4.67 8.68 -7.26
C THR A 50 -4.90 9.26 -5.87
N ASN A 51 -5.27 8.45 -4.91
CA ASN A 51 -5.52 8.97 -3.54
C ASN A 51 -4.22 8.94 -2.73
N ILE A 52 -3.34 8.02 -3.03
CA ILE A 52 -2.06 7.96 -2.27
C ILE A 52 -1.36 9.31 -2.34
N LYS A 53 -1.18 9.95 -1.21
CA LYS A 53 -0.49 11.28 -1.21
C LYS A 53 1.02 11.09 -1.11
N ARG A 54 1.46 10.29 -0.17
CA ARG A 54 2.92 10.06 -0.01
C ARG A 54 3.16 8.68 0.62
N TRP A 55 4.39 8.28 0.75
CA TRP A 55 4.68 6.96 1.37
C TRP A 55 6.11 6.95 1.91
N ALA A 56 6.45 5.94 2.64
CA ALA A 56 7.84 5.84 3.18
C ALA A 56 8.20 4.35 3.27
N ALA A 57 9.10 3.91 2.43
CA ALA A 57 9.49 2.46 2.44
C ALA A 57 10.77 2.27 3.23
N SER A 58 10.68 1.67 4.39
CA SER A 58 11.89 1.42 5.22
C SER A 58 12.37 -0.01 4.95
N PRO A 59 13.62 -0.28 5.25
CA PRO A 59 14.19 -1.63 5.03
C PRO A 59 13.41 -2.68 5.83
N LYS A 60 12.35 -2.30 6.51
CA LYS A 60 11.58 -3.29 7.31
C LYS A 60 10.08 -2.96 7.34
N SER A 61 9.70 -1.78 6.92
CA SER A 61 8.25 -1.43 6.96
C SER A 61 7.85 -0.53 5.78
N PHE A 62 6.58 -0.47 5.49
CA PHE A 62 6.05 0.37 4.37
C PHE A 62 4.91 1.23 4.90
N THR A 63 4.83 2.47 4.48
CA THR A 63 3.72 3.36 4.98
C THR A 63 3.15 4.18 3.83
N LEU A 64 1.87 4.41 3.85
CA LEU A 64 1.21 5.20 2.77
C LEU A 64 0.22 6.18 3.39
N ASP A 65 -0.05 7.27 2.71
CA ASP A 65 -1.02 8.29 3.25
C ASP A 65 -2.05 8.61 2.18
N PHE A 66 -3.31 8.48 2.50
CA PHE A 66 -4.37 8.78 1.52
C PHE A 66 -4.68 10.28 1.59
N GLY A 67 -3.97 10.98 2.41
CA GLY A 67 -4.21 12.45 2.55
C GLY A 67 -5.30 12.68 3.60
N ASP A 68 -5.97 11.63 4.02
CA ASP A 68 -7.04 11.78 5.04
C ASP A 68 -6.41 11.69 6.45
N TYR A 69 -5.76 12.74 6.88
CA TYR A 69 -5.15 12.71 8.25
C TYR A 69 -6.16 12.18 9.25
N GLN A 70 -7.39 12.57 9.10
CA GLN A 70 -8.46 12.09 10.03
C GLN A 70 -8.45 10.55 10.06
N ASP A 71 -8.55 9.92 8.92
CA ASP A 71 -8.56 8.43 8.89
C ASP A 71 -7.24 7.92 9.47
N GLY A 72 -6.18 8.65 9.26
CA GLY A 72 -4.85 8.22 9.79
C GLY A 72 -4.05 7.52 8.69
N TYR A 73 -2.77 7.35 8.90
CA TYR A 73 -1.93 6.68 7.87
C TYR A 73 -2.05 5.16 8.01
N TYR A 74 -1.44 4.44 7.11
CA TYR A 74 -1.49 2.94 7.15
C TYR A 74 -0.07 2.41 7.01
N SER A 75 0.48 1.88 8.07
CA SER A 75 1.87 1.33 8.04
C SER A 75 1.89 -0.13 8.46
N VAL A 76 2.79 -0.90 7.92
CA VAL A 76 2.89 -2.34 8.27
C VAL A 76 4.35 -2.79 8.10
N GLN A 77 4.66 -3.99 8.53
CA GLN A 77 6.05 -4.48 8.39
C GLN A 77 6.31 -4.95 6.96
N THR A 78 7.47 -4.67 6.45
CA THR A 78 7.81 -5.10 5.06
C THR A 78 9.32 -5.29 4.96
N THR A 79 9.77 -6.50 4.84
CA THR A 79 11.23 -6.75 4.73
C THR A 79 11.73 -6.12 3.42
N GLU A 80 10.83 -5.83 2.53
CA GLU A 80 11.23 -5.23 1.23
C GLU A 80 10.15 -4.24 0.78
N GLY A 81 9.71 -3.39 1.67
CA GLY A 81 8.67 -2.39 1.31
C GLY A 81 9.18 -1.53 0.15
N GLU A 82 10.41 -1.71 -0.23
CA GLU A 82 10.97 -0.92 -1.36
C GLU A 82 10.25 -1.32 -2.65
N GLN A 83 10.30 -2.58 -2.97
CA GLN A 83 9.63 -3.05 -4.22
C GLN A 83 8.19 -2.57 -4.20
N ILE A 84 7.54 -2.70 -3.09
CA ILE A 84 6.13 -2.24 -2.99
C ILE A 84 6.08 -0.78 -3.43
N ALA A 85 7.12 -0.05 -3.14
CA ALA A 85 7.16 1.38 -3.55
C ALA A 85 7.64 1.48 -5.00
N GLN A 86 8.45 0.55 -5.42
CA GLN A 86 8.95 0.58 -6.82
C GLN A 86 7.85 0.09 -7.75
N LEU A 87 7.09 -0.87 -7.29
CA LEU A 87 5.98 -1.41 -8.12
C LEU A 87 4.90 -0.33 -8.20
N ILE A 88 4.67 0.34 -7.11
CA ILE A 88 3.64 1.41 -7.09
C ILE A 88 4.23 2.68 -7.72
N ALA A 89 5.42 3.05 -7.35
CA ALA A 89 6.04 4.27 -7.94
C ALA A 89 6.08 4.09 -9.46
N GLY A 90 5.94 2.88 -9.92
CA GLY A 90 5.98 2.62 -11.39
C GLY A 90 4.59 2.75 -12.01
N TYR A 91 3.54 2.45 -11.27
CA TYR A 91 2.18 2.58 -11.86
C TYR A 91 1.77 4.05 -11.86
N ILE A 92 2.30 4.83 -10.96
CA ILE A 92 1.94 6.27 -10.90
C ILE A 92 2.51 7.01 -12.11
N ASP A 93 3.56 6.51 -12.68
CA ASP A 93 4.17 7.18 -13.87
C ASP A 93 3.45 6.74 -15.14
N ILE A 94 2.80 5.60 -15.09
CA ILE A 94 2.10 5.09 -16.31
C ILE A 94 0.68 5.64 -16.39
N ILE A 95 0.08 5.97 -15.29
CA ILE A 95 -1.30 6.52 -15.32
C ILE A 95 -1.24 8.02 -15.60
N LEU A 96 -0.26 8.67 -15.05
CA LEU A 96 -0.13 10.13 -15.27
C LEU A 96 0.36 10.38 -16.70
N LYS A 97 0.99 9.41 -17.30
CA LYS A 97 1.48 9.57 -18.69
C LYS A 97 0.28 9.57 -19.64
N LYS A 98 -0.46 8.50 -19.65
CA LYS A 98 -1.64 8.44 -20.55
C LYS A 98 -2.55 9.63 -20.28
N LYS A 99 -2.61 10.07 -19.05
CA LYS A 99 -3.47 11.24 -18.71
C LYS A 99 -2.84 12.51 -19.29
N LYS A 100 -1.55 12.55 -19.40
CA LYS A 100 -0.87 13.76 -19.95
C LYS A 100 -1.28 14.98 -19.13
N SER B 1 13.34 11.77 5.78
CA SER B 1 13.40 11.80 4.29
C SER B 1 12.17 11.12 3.70
N TRP B 2 11.09 11.84 3.58
CA TRP B 2 9.85 11.24 3.01
C TRP B 2 9.95 11.21 1.49
N VAL B 3 8.89 10.80 0.83
CA VAL B 3 8.88 10.75 -0.65
C VAL B 3 7.45 11.02 -1.11
N PTR B 4 7.28 11.89 -2.09
CA PTR B 4 5.91 12.24 -2.58
C PTR B 4 5.76 11.80 -4.04
O PTR B 4 6.72 11.46 -4.71
CB PTR B 4 5.72 13.77 -2.49
CG PTR B 4 5.40 14.15 -1.06
CD1 PTR B 4 6.35 13.93 -0.05
CD2 PTR B 4 4.18 14.73 -0.75
CE1 PTR B 4 6.07 14.29 1.27
CE2 PTR B 4 3.88 15.10 0.57
CZ PTR B 4 4.83 14.88 1.59
OH PTR B 4 4.52 15.26 2.98
P PTR B 4 5.10 16.60 3.25
O1P PTR B 4 4.99 16.90 4.69
O2P PTR B 4 4.36 17.62 2.47
O3P PTR B 4 6.53 16.61 2.85
H PTR B 4 8.07 12.31 -2.49
HA PTR B 4 5.15 11.75 -1.98
HB2 PTR B 4 4.91 14.07 -3.14
HB3 PTR B 4 6.63 14.25 -2.80
HD1 PTR B 4 7.31 13.48 -0.28
HD2 PTR B 4 3.45 14.91 -1.53
HE1 PTR B 4 6.79 14.13 2.06
HE2 PTR B 4 2.93 15.55 0.82
N SER B 5 4.54 11.81 -4.54
CA SER B 5 4.28 11.40 -5.94
C SER B 5 3.84 12.64 -6.75
N PRO B 6 4.07 12.64 -8.05
CA PRO B 6 3.67 13.78 -8.90
C PRO B 6 2.16 14.02 -8.77
N LEU B 7 1.42 13.00 -8.39
CA LEU B 7 -0.05 13.16 -8.23
C LEU B 7 -0.35 14.42 -7.42
N HIS B 8 -1.06 15.36 -7.98
CA HIS B 8 -1.38 16.61 -7.24
C HIS B 8 -2.25 16.26 -6.02
N LEU A 1 -14.50 -13.67 -7.91
CA LEU A 1 -13.06 -13.68 -8.32
C LEU A 1 -12.44 -12.32 -7.99
N LYS A 2 -12.51 -11.91 -6.75
CA LYS A 2 -11.92 -10.60 -6.37
C LYS A 2 -10.43 -10.61 -6.67
N THR A 3 -9.92 -11.71 -7.18
CA THR A 3 -8.47 -11.79 -7.49
C THR A 3 -8.22 -11.14 -8.85
N TYR A 4 -8.83 -11.67 -9.87
CA TYR A 4 -8.65 -11.10 -11.23
C TYR A 4 -7.17 -11.16 -11.63
N GLY A 5 -6.39 -10.26 -11.12
CA GLY A 5 -4.95 -10.24 -11.47
C GLY A 5 -4.25 -9.13 -10.68
N VAL A 6 -4.10 -9.31 -9.39
CA VAL A 6 -3.45 -8.28 -8.53
C VAL A 6 -2.33 -8.92 -7.72
N SER A 7 -1.23 -8.24 -7.56
CA SER A 7 -0.09 -8.82 -6.78
C SER A 7 -0.32 -8.59 -5.29
N PHE A 8 -0.53 -9.65 -4.55
CA PHE A 8 -0.76 -9.53 -3.08
C PHE A 8 0.57 -9.68 -2.33
N PHE A 9 0.93 -8.70 -1.53
CA PHE A 9 2.21 -8.77 -0.78
C PHE A 9 1.92 -9.15 0.69
N LEU A 10 2.60 -10.13 1.22
CA LEU A 10 2.36 -10.51 2.64
C LEU A 10 3.05 -9.51 3.54
N VAL A 11 2.30 -8.83 4.35
CA VAL A 11 2.88 -7.82 5.28
C VAL A 11 2.30 -8.09 6.67
N LYS A 12 3.02 -7.73 7.69
CA LYS A 12 2.50 -7.96 9.08
C LYS A 12 2.09 -6.61 9.67
N GLU A 13 1.08 -6.62 10.48
CA GLU A 13 0.58 -5.36 11.11
C GLU A 13 0.62 -5.48 12.62
N LYS A 14 0.60 -4.36 13.30
CA LYS A 14 0.63 -4.38 14.78
C LYS A 14 -0.78 -4.10 15.31
N MET A 15 -1.36 -5.06 15.97
CA MET A 15 -2.74 -4.86 16.51
C MET A 15 -2.68 -3.84 17.66
N LYS A 16 -3.76 -3.11 17.85
CA LYS A 16 -3.85 -2.04 18.93
C LYS A 16 -2.50 -1.78 19.61
N GLY A 17 -2.09 -2.68 20.46
CA GLY A 17 -0.79 -2.51 21.16
C GLY A 17 -0.15 -3.88 21.37
N LYS A 18 -0.82 -4.94 21.00
CA LYS A 18 -0.21 -6.29 21.19
C LYS A 18 1.21 -6.28 20.63
N ASN A 19 2.18 -6.65 21.41
CA ASN A 19 3.56 -6.70 20.88
C ASN A 19 3.55 -7.71 19.75
N LYS A 20 2.45 -8.39 19.60
CA LYS A 20 2.28 -9.40 18.54
C LYS A 20 2.26 -8.72 17.18
N LEU A 21 2.01 -9.49 16.16
CA LEU A 21 1.94 -8.96 14.77
C LEU A 21 0.79 -9.68 14.07
N VAL A 22 0.25 -9.10 13.02
CA VAL A 22 -0.88 -9.78 12.29
C VAL A 22 -0.56 -9.83 10.78
N PRO A 23 -0.37 -11.02 10.20
CA PRO A 23 -0.11 -11.14 8.75
C PRO A 23 -1.24 -10.49 7.95
N ARG A 24 -0.92 -9.94 6.81
CA ARG A 24 -1.97 -9.28 5.97
C ARG A 24 -1.54 -9.32 4.51
N LEU A 25 -2.48 -9.44 3.61
CA LEU A 25 -2.14 -9.46 2.16
C LEU A 25 -2.50 -8.09 1.57
N LEU A 26 -1.67 -7.58 0.69
CA LEU A 26 -1.95 -6.22 0.10
C LEU A 26 -1.89 -6.28 -1.42
N GLY A 27 -3.02 -6.17 -2.05
CA GLY A 27 -3.09 -6.21 -3.54
C GLY A 27 -2.78 -4.83 -4.13
N ILE A 28 -1.84 -4.76 -5.03
CA ILE A 28 -1.49 -3.44 -5.67
C ILE A 28 -2.08 -3.40 -7.07
N THR A 29 -3.06 -2.57 -7.30
CA THR A 29 -3.69 -2.48 -8.66
C THR A 29 -3.27 -1.15 -9.29
N LYS A 30 -3.44 -1.02 -10.58
CA LYS A 30 -3.06 0.24 -11.26
C LYS A 30 -4.08 1.32 -10.93
N GLU A 31 -5.25 0.92 -10.51
CA GLU A 31 -6.32 1.91 -10.17
C GLU A 31 -6.42 2.10 -8.66
N CYS A 32 -5.91 1.18 -7.88
CA CYS A 32 -6.02 1.35 -6.40
C CYS A 32 -5.23 0.27 -5.67
N VAL A 33 -5.04 0.45 -4.39
CA VAL A 33 -4.32 -0.58 -3.57
C VAL A 33 -5.40 -1.39 -2.87
N MET A 34 -5.31 -2.70 -2.86
CA MET A 34 -6.39 -3.51 -2.20
C MET A 34 -5.96 -3.99 -0.83
N ARG A 35 -6.85 -3.92 0.13
CA ARG A 35 -6.51 -4.43 1.49
C ARG A 35 -7.00 -5.87 1.53
N VAL A 36 -6.11 -6.81 1.74
CA VAL A 36 -6.52 -8.24 1.74
C VAL A 36 -6.02 -8.94 3.00
N ASP A 37 -6.91 -9.59 3.70
CA ASP A 37 -6.50 -10.30 4.94
C ASP A 37 -5.70 -11.54 4.53
N GLU A 38 -4.77 -11.94 5.34
CA GLU A 38 -3.95 -13.15 5.01
C GLU A 38 -4.67 -14.35 5.59
N LYS A 39 -5.52 -14.09 6.52
CA LYS A 39 -6.29 -15.16 7.18
C LYS A 39 -7.40 -15.64 6.26
N THR A 40 -8.19 -14.73 5.76
CA THR A 40 -9.32 -15.11 4.86
C THR A 40 -8.95 -14.84 3.40
N LYS A 41 -7.77 -14.32 3.14
CA LYS A 41 -7.39 -14.05 1.73
C LYS A 41 -8.53 -13.30 1.03
N GLU A 42 -9.36 -12.62 1.79
CA GLU A 42 -10.50 -11.86 1.17
C GLU A 42 -10.13 -10.38 1.09
N VAL A 43 -10.84 -9.63 0.28
CA VAL A 43 -10.54 -8.17 0.16
C VAL A 43 -11.26 -7.43 1.29
N ILE A 44 -10.52 -6.69 2.07
CA ILE A 44 -11.14 -5.94 3.21
C ILE A 44 -11.41 -4.49 2.79
N GLN A 45 -10.61 -3.94 1.92
CA GLN A 45 -10.84 -2.53 1.51
C GLN A 45 -9.93 -2.16 0.33
N GLU A 46 -10.21 -1.06 -0.31
CA GLU A 46 -9.39 -0.59 -1.47
C GLU A 46 -9.07 0.90 -1.30
N TRP A 47 -8.06 1.38 -1.98
CA TRP A 47 -7.68 2.83 -1.86
C TRP A 47 -7.30 3.37 -3.25
N SER A 48 -7.68 4.59 -3.53
CA SER A 48 -7.33 5.17 -4.86
C SER A 48 -5.83 5.47 -4.92
N LEU A 49 -5.18 5.11 -5.99
CA LEU A 49 -3.72 5.38 -6.10
C LEU A 49 -3.51 6.90 -6.06
N THR A 50 -4.53 7.66 -6.35
CA THR A 50 -4.40 9.14 -6.33
C THR A 50 -4.58 9.64 -4.90
N ASN A 51 -5.00 8.78 -4.00
CA ASN A 51 -5.19 9.21 -2.59
C ASN A 51 -3.86 9.14 -1.85
N ILE A 52 -2.94 8.34 -2.32
CA ILE A 52 -1.63 8.24 -1.64
C ILE A 52 -0.88 9.57 -1.74
N LYS A 53 -0.63 10.21 -0.63
CA LYS A 53 0.08 11.52 -0.66
C LYS A 53 1.59 11.28 -0.69
N ARG A 54 2.09 10.44 0.18
CA ARG A 54 3.56 10.15 0.19
C ARG A 54 3.80 8.75 0.73
N TRP A 55 5.03 8.33 0.76
CA TRP A 55 5.34 6.99 1.32
C TRP A 55 6.81 6.93 1.73
N ALA A 56 7.20 5.90 2.43
CA ALA A 56 8.62 5.78 2.85
C ALA A 56 8.96 4.30 2.91
N ALA A 57 9.90 3.85 2.11
CA ALA A 57 10.26 2.40 2.12
C ALA A 57 11.52 2.17 2.95
N SER A 58 11.43 1.28 3.92
CA SER A 58 12.61 0.97 4.78
C SER A 58 12.94 -0.53 4.60
N PRO A 59 14.18 -0.91 4.83
CA PRO A 59 14.57 -2.34 4.68
C PRO A 59 13.79 -3.23 5.65
N LYS A 60 12.69 -2.76 6.20
CA LYS A 60 11.92 -3.61 7.17
C LYS A 60 10.42 -3.34 7.04
N SER A 61 10.03 -2.11 6.80
CA SER A 61 8.57 -1.80 6.71
C SER A 61 8.28 -0.77 5.61
N PHE A 62 7.04 -0.69 5.20
CA PHE A 62 6.61 0.27 4.15
C PHE A 62 5.58 1.21 4.76
N THR A 63 5.62 2.49 4.41
CA THR A 63 4.63 3.46 4.99
C THR A 63 3.98 4.23 3.85
N LEU A 64 2.69 4.48 3.95
CA LEU A 64 1.99 5.27 2.88
C LEU A 64 1.01 6.23 3.54
N ASP A 65 0.81 7.37 2.93
CA ASP A 65 -0.09 8.41 3.51
C ASP A 65 -1.27 8.67 2.57
N PHE A 66 -2.47 8.53 3.06
CA PHE A 66 -3.66 8.79 2.20
C PHE A 66 -4.05 10.26 2.35
N GLY A 67 -3.33 10.99 3.15
CA GLY A 67 -3.64 12.43 3.36
C GLY A 67 -4.73 12.56 4.43
N ASP A 68 -5.25 11.45 4.89
CA ASP A 68 -6.32 11.49 5.92
C ASP A 68 -5.68 11.69 7.30
N TYR A 69 -5.29 12.89 7.64
CA TYR A 69 -4.66 13.14 8.96
C TYR A 69 -5.50 12.46 10.04
N GLN A 70 -6.79 12.45 9.89
CA GLN A 70 -7.68 11.82 10.90
C GLN A 70 -7.30 10.34 11.05
N ASP A 71 -7.38 9.58 9.99
CA ASP A 71 -7.03 8.14 10.08
C ASP A 71 -5.57 8.00 10.45
N GLY A 72 -4.73 8.89 9.99
CA GLY A 72 -3.28 8.82 10.31
C GLY A 72 -2.55 8.07 9.20
N TYR A 73 -1.27 7.85 9.37
CA TYR A 73 -0.50 7.14 8.32
C TYR A 73 -0.81 5.65 8.36
N TYR A 74 -0.33 4.91 7.40
CA TYR A 74 -0.56 3.44 7.35
C TYR A 74 0.78 2.75 7.09
N SER A 75 1.32 2.10 8.08
CA SER A 75 2.63 1.41 7.92
C SER A 75 2.54 -0.04 8.39
N VAL A 76 3.25 -0.91 7.73
CA VAL A 76 3.24 -2.35 8.12
C VAL A 76 4.63 -2.94 7.84
N GLN A 77 4.88 -4.15 8.26
CA GLN A 77 6.22 -4.74 8.01
C GLN A 77 6.31 -5.23 6.56
N THR A 78 7.42 -5.01 5.92
CA THR A 78 7.59 -5.45 4.52
C THR A 78 9.06 -5.74 4.25
N THR A 79 9.39 -6.98 4.03
CA THR A 79 10.81 -7.32 3.75
C THR A 79 11.21 -6.68 2.43
N GLU A 80 10.25 -6.33 1.62
CA GLU A 80 10.54 -5.69 0.30
C GLU A 80 9.76 -4.38 0.19
N GLY A 81 9.64 -3.66 1.27
CA GLY A 81 8.90 -2.37 1.22
C GLY A 81 9.43 -1.53 0.05
N GLU A 82 10.55 -1.90 -0.48
CA GLU A 82 11.14 -1.14 -1.62
C GLU A 82 10.38 -1.50 -2.90
N GLN A 83 10.37 -2.75 -3.24
CA GLN A 83 9.64 -3.18 -4.47
C GLN A 83 8.21 -2.67 -4.38
N ILE A 84 7.60 -2.85 -3.25
CA ILE A 84 6.21 -2.35 -3.08
C ILE A 84 6.21 -0.86 -3.40
N ALA A 85 7.32 -0.21 -3.17
CA ALA A 85 7.42 1.24 -3.47
C ALA A 85 7.76 1.42 -4.95
N GLN A 86 8.45 0.47 -5.51
CA GLN A 86 8.81 0.58 -6.95
C GLN A 86 7.59 0.17 -7.77
N LEU A 87 6.87 -0.80 -7.30
CA LEU A 87 5.65 -1.24 -8.02
C LEU A 87 4.61 -0.14 -7.88
N ILE A 88 4.52 0.42 -6.71
CA ILE A 88 3.56 1.52 -6.47
C ILE A 88 4.03 2.75 -7.26
N ALA A 89 5.28 3.10 -7.11
CA ALA A 89 5.82 4.27 -7.85
C ALA A 89 5.71 4.00 -9.35
N GLY A 90 5.53 2.76 -9.71
CA GLY A 90 5.43 2.41 -11.15
C GLY A 90 3.99 2.51 -11.63
N TYR A 91 3.03 2.33 -10.76
CA TYR A 91 1.60 2.43 -11.21
C TYR A 91 1.18 3.90 -11.23
N ILE A 92 1.92 4.75 -10.59
CA ILE A 92 1.54 6.19 -10.54
C ILE A 92 2.01 6.89 -11.82
N ASP A 93 3.05 6.41 -12.43
CA ASP A 93 3.56 7.06 -13.68
C ASP A 93 2.78 6.51 -14.89
N ILE A 94 2.14 5.39 -14.74
CA ILE A 94 1.39 4.79 -15.87
C ILE A 94 -0.03 5.36 -15.94
N ILE A 95 -0.56 5.77 -14.82
CA ILE A 95 -1.94 6.34 -14.81
C ILE A 95 -1.89 7.81 -15.19
N LEU A 96 -0.85 8.47 -14.78
CA LEU A 96 -0.73 9.93 -15.08
C LEU A 96 -0.36 10.15 -16.55
N LYS A 97 0.42 9.29 -17.13
CA LYS A 97 0.80 9.49 -18.56
C LYS A 97 -0.45 9.46 -19.43
N LYS A 98 -1.45 8.70 -19.03
CA LYS A 98 -2.70 8.66 -19.85
C LYS A 98 -3.33 10.04 -19.89
N LYS A 99 -3.23 10.77 -18.81
CA LYS A 99 -3.82 12.14 -18.77
C LYS A 99 -2.84 13.13 -19.41
N LYS A 100 -1.66 12.69 -19.73
CA LYS A 100 -0.65 13.60 -20.37
C LYS A 100 -0.36 14.76 -19.41
N SER B 1 14.66 11.34 3.76
CA SER B 1 13.60 11.94 4.64
C SER B 1 12.23 11.40 4.20
N TRP B 2 11.89 11.59 2.95
CA TRP B 2 10.57 11.11 2.46
C TRP B 2 10.60 11.02 0.94
N VAL B 3 9.49 10.70 0.34
CA VAL B 3 9.41 10.60 -1.14
C VAL B 3 7.96 10.86 -1.56
N PTR B 4 7.75 11.59 -2.63
CA PTR B 4 6.36 11.90 -3.09
C PTR B 4 6.16 11.40 -4.51
O PTR B 4 6.93 10.59 -5.01
CB PTR B 4 6.16 13.43 -3.06
CG PTR B 4 5.99 13.89 -1.63
CD1 PTR B 4 7.06 13.81 -0.73
CD2 PTR B 4 4.77 14.43 -1.20
CE1 PTR B 4 6.91 14.24 0.60
CE2 PTR B 4 4.62 14.87 0.12
CZ PTR B 4 5.69 14.77 1.02
OH PTR B 4 5.53 15.23 2.42
P PTR B 4 6.01 16.62 2.52
O1P PTR B 4 7.49 16.66 2.38
O2P PTR B 4 5.64 17.18 3.84
O3P PTR B 4 5.40 17.46 1.46
H PTR B 4 8.52 11.95 -3.12
HA PTR B 4 5.63 11.44 -2.43
HB2 PTR B 4 5.28 13.69 -3.63
HB3 PTR B 4 7.02 13.91 -3.49
HD1 PTR B 4 8.01 13.40 -1.05
HD2 PTR B 4 3.95 14.50 -1.89
HE1 PTR B 4 7.74 14.17 1.28
HE2 PTR B 4 3.67 15.27 0.45
N SER B 5 5.14 11.86 -5.18
CA SER B 5 4.86 11.41 -6.59
C SER B 5 4.40 12.63 -7.40
N PRO B 6 4.42 12.51 -8.72
CA PRO B 6 3.99 13.62 -9.59
C PRO B 6 2.52 13.96 -9.30
N LEU B 7 1.80 13.07 -8.66
CA LEU B 7 0.36 13.35 -8.35
C LEU B 7 0.24 14.74 -7.71
N HIS B 8 1.34 15.32 -7.32
CA HIS B 8 1.28 16.67 -6.70
C HIS B 8 0.17 16.71 -5.64
N LEU A 1 -13.16 -13.86 -6.83
CA LEU A 1 -11.91 -13.37 -7.48
C LEU A 1 -11.80 -11.85 -7.29
N LYS A 2 -12.08 -11.39 -6.10
CA LYS A 2 -11.98 -9.93 -5.83
C LYS A 2 -10.51 -9.51 -5.83
N THR A 3 -9.64 -10.37 -6.32
CA THR A 3 -8.19 -10.02 -6.35
C THR A 3 -7.56 -10.61 -7.62
N TYR A 4 -8.16 -10.38 -8.74
CA TYR A 4 -7.61 -10.92 -10.02
C TYR A 4 -6.70 -9.87 -10.67
N GLY A 5 -5.49 -10.24 -10.98
CA GLY A 5 -4.56 -9.25 -11.62
C GLY A 5 -3.98 -8.32 -10.56
N VAL A 6 -4.54 -8.31 -9.39
CA VAL A 6 -4.02 -7.42 -8.31
C VAL A 6 -2.90 -8.14 -7.56
N SER A 7 -1.79 -7.49 -7.35
CA SER A 7 -0.66 -8.14 -6.64
C SER A 7 -0.86 -8.02 -5.13
N PHE A 8 -1.10 -9.12 -4.48
CA PHE A 8 -1.30 -9.11 -3.00
C PHE A 8 0.03 -9.33 -2.29
N PHE A 9 0.45 -8.39 -1.48
CA PHE A 9 1.76 -8.53 -0.74
C PHE A 9 1.47 -8.94 0.71
N LEU A 10 2.17 -9.92 1.21
CA LEU A 10 1.93 -10.36 2.62
C LEU A 10 2.68 -9.43 3.57
N VAL A 11 1.96 -8.59 4.25
CA VAL A 11 2.57 -7.65 5.23
C VAL A 11 2.00 -7.97 6.60
N LYS A 12 2.73 -7.71 7.65
CA LYS A 12 2.20 -8.02 9.02
C LYS A 12 1.87 -6.71 9.71
N GLU A 13 0.99 -6.77 10.68
CA GLU A 13 0.59 -5.53 11.42
C GLU A 13 0.76 -5.80 12.92
N LYS A 14 0.84 -4.75 13.70
CA LYS A 14 1.01 -4.92 15.17
C LYS A 14 -0.30 -4.54 15.86
N MET A 15 -0.98 -5.52 16.40
CA MET A 15 -2.26 -5.24 17.09
C MET A 15 -1.96 -4.48 18.39
N LYS A 16 -2.91 -3.66 18.83
CA LYS A 16 -2.75 -2.82 20.07
C LYS A 16 -1.37 -2.95 20.71
N GLY A 17 -1.10 -4.08 21.33
CA GLY A 17 0.23 -4.26 21.97
C GLY A 17 0.60 -5.74 21.95
N LYS A 18 -0.20 -6.57 21.35
CA LYS A 18 0.13 -8.03 21.31
C LYS A 18 1.58 -8.21 20.89
N ASN A 19 2.35 -8.91 21.67
CA ASN A 19 3.76 -9.16 21.26
C ASN A 19 3.71 -9.92 19.94
N LYS A 20 2.52 -10.30 19.55
CA LYS A 20 2.32 -11.05 18.29
C LYS A 20 2.26 -10.08 17.11
N LEU A 21 1.97 -10.60 15.95
CA LEU A 21 1.85 -9.78 14.71
C LEU A 21 0.61 -10.28 13.96
N VAL A 22 0.03 -9.48 13.11
CA VAL A 22 -1.18 -9.94 12.36
C VAL A 22 -0.87 -9.94 10.84
N PRO A 23 -0.80 -11.10 10.20
CA PRO A 23 -0.54 -11.16 8.74
C PRO A 23 -1.64 -10.39 7.99
N ARG A 24 -1.29 -9.82 6.86
CA ARG A 24 -2.30 -9.05 6.08
C ARG A 24 -1.88 -9.06 4.60
N LEU A 25 -2.82 -9.16 3.71
CA LEU A 25 -2.48 -9.16 2.25
C LEU A 25 -2.75 -7.75 1.72
N LEU A 26 -1.91 -7.25 0.86
CA LEU A 26 -2.09 -5.85 0.33
C LEU A 26 -2.15 -5.87 -1.20
N GLY A 27 -3.32 -5.65 -1.74
CA GLY A 27 -3.50 -5.65 -3.22
C GLY A 27 -3.20 -4.27 -3.81
N ILE A 28 -2.37 -4.22 -4.81
CA ILE A 28 -2.02 -2.92 -5.48
C ILE A 28 -2.57 -2.94 -6.90
N THR A 29 -3.52 -2.09 -7.20
CA THR A 29 -4.11 -2.07 -8.58
C THR A 29 -3.41 -0.99 -9.40
N LYS A 30 -3.68 -0.95 -10.68
CA LYS A 30 -3.05 0.08 -11.55
C LYS A 30 -3.81 1.40 -11.41
N GLU A 31 -4.80 1.41 -10.57
CA GLU A 31 -5.60 2.67 -10.39
C GLU A 31 -6.06 2.77 -8.94
N CYS A 32 -5.63 1.89 -8.08
CA CYS A 32 -6.07 1.97 -6.67
C CYS A 32 -5.33 0.95 -5.80
N VAL A 33 -5.32 1.18 -4.51
CA VAL A 33 -4.67 0.24 -3.54
C VAL A 33 -5.78 -0.32 -2.65
N MET A 34 -5.68 -1.55 -2.22
CA MET A 34 -6.78 -2.11 -1.37
C MET A 34 -6.22 -2.94 -0.22
N ARG A 35 -6.96 -3.00 0.85
CA ARG A 35 -6.50 -3.82 2.01
C ARG A 35 -7.09 -5.21 1.85
N VAL A 36 -6.29 -6.22 2.01
CA VAL A 36 -6.78 -7.62 1.86
C VAL A 36 -6.36 -8.42 3.09
N ASP A 37 -7.30 -8.95 3.81
CA ASP A 37 -6.95 -9.73 5.03
C ASP A 37 -6.27 -11.02 4.61
N GLU A 38 -5.35 -11.49 5.40
CA GLU A 38 -4.65 -12.77 5.08
C GLU A 38 -5.45 -13.89 5.70
N LYS A 39 -6.24 -13.52 6.66
CA LYS A 39 -7.10 -14.49 7.36
C LYS A 39 -8.26 -14.89 6.46
N THR A 40 -8.99 -13.93 5.96
CA THR A 40 -10.15 -14.23 5.07
C THR A 40 -9.76 -14.05 3.60
N LYS A 41 -8.54 -13.64 3.32
CA LYS A 41 -8.14 -13.48 1.91
C LYS A 41 -9.20 -12.64 1.17
N GLU A 42 -9.91 -11.80 1.88
CA GLU A 42 -10.98 -10.96 1.25
C GLU A 42 -10.50 -9.50 1.20
N VAL A 43 -11.13 -8.69 0.40
CA VAL A 43 -10.74 -7.25 0.30
C VAL A 43 -11.40 -6.48 1.44
N ILE A 44 -10.62 -5.78 2.23
CA ILE A 44 -11.19 -5.01 3.37
C ILE A 44 -11.26 -3.52 3.04
N GLN A 45 -10.43 -3.03 2.15
CA GLN A 45 -10.49 -1.58 1.81
C GLN A 45 -10.04 -1.32 0.36
N GLU A 46 -10.33 -0.14 -0.13
CA GLU A 46 -9.97 0.26 -1.52
C GLU A 46 -9.55 1.74 -1.49
N TRP A 47 -8.50 2.08 -2.21
CA TRP A 47 -8.03 3.51 -2.22
C TRP A 47 -7.63 3.90 -3.64
N SER A 48 -7.69 5.16 -3.96
CA SER A 48 -7.29 5.60 -5.33
C SER A 48 -5.79 5.89 -5.33
N LEU A 49 -5.11 5.58 -6.40
CA LEU A 49 -3.64 5.84 -6.45
C LEU A 49 -3.40 7.35 -6.41
N THR A 50 -4.37 8.13 -6.79
CA THR A 50 -4.19 9.61 -6.78
C THR A 50 -4.39 10.13 -5.35
N ASN A 51 -4.74 9.27 -4.43
CA ASN A 51 -4.96 9.71 -3.03
C ASN A 51 -3.66 9.60 -2.23
N ILE A 52 -2.73 8.81 -2.71
CA ILE A 52 -1.43 8.66 -1.97
C ILE A 52 -0.55 9.88 -2.22
N LYS A 53 -0.09 10.50 -1.16
CA LYS A 53 0.79 11.70 -1.34
C LYS A 53 2.25 11.24 -1.39
N ARG A 54 2.68 10.47 -0.43
CA ARG A 54 4.08 9.98 -0.42
C ARG A 54 4.16 8.69 0.39
N TRP A 55 5.23 7.95 0.23
CA TRP A 55 5.39 6.66 0.96
C TRP A 55 6.83 6.51 1.43
N ALA A 56 7.11 5.52 2.22
CA ALA A 56 8.50 5.29 2.71
C ALA A 56 8.72 3.79 2.86
N ALA A 57 9.63 3.23 2.10
CA ALA A 57 9.88 1.76 2.19
C ALA A 57 11.10 1.50 3.05
N SER A 58 10.90 0.91 4.20
CA SER A 58 12.04 0.61 5.11
C SER A 58 12.51 -0.83 4.82
N PRO A 59 13.75 -1.13 5.14
CA PRO A 59 14.30 -2.48 4.90
C PRO A 59 13.46 -3.53 5.65
N LYS A 60 12.43 -3.11 6.34
CA LYS A 60 11.59 -4.08 7.10
C LYS A 60 10.12 -3.67 7.08
N SER A 61 9.84 -2.42 6.84
CA SER A 61 8.41 -1.95 6.84
C SER A 61 8.09 -1.13 5.59
N PHE A 62 6.82 -0.81 5.43
CA PHE A 62 6.34 -0.02 4.26
C PHE A 62 5.33 1.00 4.78
N THR A 63 5.33 2.22 4.26
CA THR A 63 4.36 3.25 4.78
C THR A 63 3.79 4.10 3.64
N LEU A 64 2.52 4.42 3.74
CA LEU A 64 1.86 5.28 2.70
C LEU A 64 1.27 6.51 3.39
N ASP A 65 1.00 7.54 2.64
CA ASP A 65 0.40 8.78 3.21
C ASP A 65 -0.76 9.24 2.33
N PHE A 66 -1.88 9.57 2.92
CA PHE A 66 -3.06 10.03 2.13
C PHE A 66 -3.17 11.55 2.27
N GLY A 67 -2.28 12.14 3.01
CA GLY A 67 -2.32 13.61 3.20
C GLY A 67 -3.46 13.97 4.16
N ASP A 68 -4.27 12.99 4.52
CA ASP A 68 -5.39 13.26 5.45
C ASP A 68 -4.96 12.98 6.88
N TYR A 69 -4.53 14.00 7.59
CA TYR A 69 -4.10 13.80 9.00
C TYR A 69 -5.13 12.96 9.74
N GLN A 70 -6.39 13.29 9.61
CA GLN A 70 -7.44 12.52 10.30
C GLN A 70 -7.25 11.02 10.04
N ASP A 71 -7.18 10.65 8.80
CA ASP A 71 -6.98 9.20 8.49
C ASP A 71 -5.64 8.75 9.04
N GLY A 72 -4.67 9.62 9.01
CA GLY A 72 -3.33 9.26 9.53
C GLY A 72 -2.57 8.44 8.49
N TYR A 73 -1.33 8.16 8.74
CA TYR A 73 -0.53 7.37 7.76
C TYR A 73 -0.90 5.88 7.87
N TYR A 74 -0.38 5.08 6.98
CA TYR A 74 -0.67 3.61 7.01
C TYR A 74 0.66 2.88 6.90
N SER A 75 1.10 2.28 7.97
CA SER A 75 2.41 1.56 7.97
C SER A 75 2.25 0.13 8.47
N VAL A 76 3.04 -0.76 7.92
CA VAL A 76 2.97 -2.21 8.33
C VAL A 76 4.35 -2.84 8.11
N GLN A 77 4.55 -4.04 8.58
CA GLN A 77 5.87 -4.70 8.40
C GLN A 77 5.97 -5.27 6.98
N THR A 78 7.10 -5.08 6.35
CA THR A 78 7.29 -5.61 4.96
C THR A 78 8.76 -5.98 4.78
N THR A 79 9.02 -7.17 4.34
CA THR A 79 10.42 -7.59 4.12
C THR A 79 10.98 -6.84 2.91
N GLU A 80 10.12 -6.49 1.98
CA GLU A 80 10.56 -5.77 0.77
C GLU A 80 10.29 -4.28 0.93
N GLY A 81 9.04 -3.91 0.89
CA GLY A 81 8.68 -2.47 1.03
C GLY A 81 9.17 -1.71 -0.19
N GLU A 82 10.35 -2.00 -0.65
CA GLU A 82 10.91 -1.30 -1.84
C GLU A 82 10.07 -1.68 -3.06
N GLN A 83 10.00 -2.94 -3.34
CA GLN A 83 9.21 -3.40 -4.53
C GLN A 83 7.83 -2.76 -4.47
N ILE A 84 7.21 -2.84 -3.33
CA ILE A 84 5.87 -2.23 -3.20
C ILE A 84 5.98 -0.75 -3.58
N ALA A 85 7.14 -0.18 -3.39
CA ALA A 85 7.34 1.24 -3.75
C ALA A 85 7.68 1.33 -5.24
N GLN A 86 8.31 0.31 -5.77
CA GLN A 86 8.66 0.32 -7.21
C GLN A 86 7.42 -0.07 -8.00
N LEU A 87 6.66 -0.98 -7.47
CA LEU A 87 5.42 -1.42 -8.15
C LEU A 87 4.44 -0.25 -8.08
N ILE A 88 4.39 0.38 -6.96
CA ILE A 88 3.48 1.55 -6.79
C ILE A 88 3.99 2.69 -7.66
N ALA A 89 5.24 3.03 -7.51
CA ALA A 89 5.82 4.14 -8.31
C ALA A 89 5.70 3.77 -9.79
N GLY A 90 5.46 2.52 -10.08
CA GLY A 90 5.35 2.09 -11.50
C GLY A 90 3.92 2.30 -12.02
N TYR A 91 2.92 2.21 -11.16
CA TYR A 91 1.52 2.40 -11.64
C TYR A 91 1.18 3.88 -11.66
N ILE A 92 1.91 4.68 -10.94
CA ILE A 92 1.61 6.13 -10.91
C ILE A 92 2.09 6.81 -12.20
N ASP A 93 3.08 6.25 -12.83
CA ASP A 93 3.62 6.86 -14.09
C ASP A 93 2.78 6.39 -15.29
N ILE A 94 2.06 5.32 -15.14
CA ILE A 94 1.23 4.81 -16.27
C ILE A 94 -0.13 5.50 -16.29
N ILE A 95 -0.60 5.95 -15.16
CA ILE A 95 -1.93 6.63 -15.11
C ILE A 95 -1.77 8.11 -15.47
N LEU A 96 -0.62 8.65 -15.21
CA LEU A 96 -0.39 10.10 -15.48
C LEU A 96 0.01 10.32 -16.95
N LYS A 97 0.72 9.40 -17.54
CA LYS A 97 1.15 9.60 -18.95
C LYS A 97 -0.07 9.49 -19.89
N LYS A 98 -1.03 8.69 -19.53
CA LYS A 98 -2.22 8.55 -20.41
C LYS A 98 -3.05 9.83 -20.37
N LYS A 99 -3.23 10.40 -19.20
CA LYS A 99 -4.03 11.64 -19.09
C LYS A 99 -3.19 12.83 -19.56
N LYS A 100 -1.89 12.71 -19.51
CA LYS A 100 -1.02 13.84 -19.96
C LYS A 100 0.40 13.33 -20.15
N SER B 1 15.47 9.71 3.13
CA SER B 1 14.48 10.19 4.13
C SER B 1 13.07 9.76 3.71
N TRP B 2 12.63 10.15 2.56
CA TRP B 2 11.27 9.76 2.10
C TRP B 2 11.24 9.75 0.55
N VAL B 3 10.07 9.64 0.00
CA VAL B 3 9.92 9.62 -1.48
C VAL B 3 8.53 10.14 -1.83
N PTR B 4 8.41 10.88 -2.91
CA PTR B 4 7.07 11.45 -3.29
C PTR B 4 6.66 10.91 -4.66
O PTR B 4 7.21 9.95 -5.16
CB PTR B 4 7.20 12.97 -3.38
CG PTR B 4 7.31 13.57 -1.99
CD1 PTR B 4 8.44 13.31 -1.20
CD2 PTR B 4 6.30 14.40 -1.50
CE1 PTR B 4 8.55 13.87 0.07
CE2 PTR B 4 6.41 14.97 -0.22
CZ PTR B 4 7.53 14.70 0.57
OH PTR B 4 7.65 15.31 1.91
P PTR B 4 7.31 14.30 2.95
O1P PTR B 4 5.86 14.02 2.90
O2P PTR B 4 7.66 14.83 4.28
O3P PTR B 4 8.08 13.06 2.69
H PTR B 4 9.20 11.07 -3.45
HA PTR B 4 6.33 11.19 -2.56
HB2 PTR B 4 6.32 13.38 -3.88
HB3 PTR B 4 8.08 13.23 -3.95
HD1 PTR B 4 9.23 12.67 -1.57
HD2 PTR B 4 5.42 14.60 -2.10
HE1 PTR B 4 9.41 13.67 0.68
HE2 PTR B 4 5.62 15.61 0.16
N SER B 5 5.67 11.52 -5.27
CA SER B 5 5.18 11.06 -6.60
C SER B 5 4.84 12.29 -7.45
N PRO B 6 4.82 12.15 -8.77
CA PRO B 6 4.48 13.28 -9.65
C PRO B 6 3.05 13.77 -9.35
N LEU B 7 2.21 12.90 -8.84
CA LEU B 7 0.81 13.30 -8.54
C LEU B 7 0.81 14.63 -7.77
N HIS B 8 1.96 15.05 -7.28
CA HIS B 8 2.02 16.33 -6.53
C HIS B 8 0.89 16.39 -5.50
N LEU A 1 -15.24 -12.74 -7.58
CA LEU A 1 -13.78 -12.99 -7.52
C LEU A 1 -13.03 -11.66 -7.51
N LYS A 2 -13.24 -10.86 -6.50
CA LYS A 2 -12.55 -9.55 -6.43
C LYS A 2 -11.03 -9.77 -6.38
N THR A 3 -10.59 -11.00 -6.45
CA THR A 3 -9.13 -11.30 -6.39
C THR A 3 -8.58 -11.39 -7.82
N TYR A 4 -9.12 -10.60 -8.70
CA TYR A 4 -8.65 -10.63 -10.11
C TYR A 4 -7.12 -10.47 -10.13
N GLY A 5 -6.54 -10.46 -11.29
CA GLY A 5 -5.05 -10.32 -11.38
C GLY A 5 -4.60 -9.10 -10.55
N VAL A 6 -4.31 -9.33 -9.30
CA VAL A 6 -3.86 -8.20 -8.40
C VAL A 6 -2.56 -8.61 -7.72
N SER A 7 -1.62 -7.71 -7.60
CA SER A 7 -0.32 -8.06 -6.95
C SER A 7 -0.46 -7.95 -5.44
N PHE A 8 -0.66 -9.06 -4.78
CA PHE A 8 -0.80 -9.06 -3.30
C PHE A 8 0.58 -9.16 -2.65
N PHE A 9 0.79 -8.49 -1.54
CA PHE A 9 2.10 -8.53 -0.84
C PHE A 9 1.88 -8.94 0.62
N LEU A 10 2.68 -9.84 1.13
CA LEU A 10 2.50 -10.28 2.54
C LEU A 10 3.09 -9.22 3.47
N VAL A 11 2.23 -8.48 4.12
CA VAL A 11 2.68 -7.44 5.09
C VAL A 11 2.13 -7.83 6.45
N LYS A 12 2.85 -7.58 7.50
CA LYS A 12 2.36 -7.95 8.87
C LYS A 12 1.95 -6.69 9.60
N GLU A 13 0.86 -6.76 10.31
CA GLU A 13 0.36 -5.56 11.06
C GLU A 13 0.69 -5.77 12.54
N LYS A 14 0.70 -4.72 13.30
CA LYS A 14 1.01 -4.82 14.75
C LYS A 14 -0.30 -4.74 15.54
N MET A 15 -0.58 -5.77 16.29
CA MET A 15 -1.82 -5.80 17.10
C MET A 15 -1.74 -4.77 18.23
N LYS A 16 -2.87 -4.28 18.67
CA LYS A 16 -2.96 -3.25 19.76
C LYS A 16 -1.67 -3.20 20.61
N GLY A 17 -1.44 -4.21 21.41
CA GLY A 17 -0.22 -4.23 22.27
C GLY A 17 0.44 -5.61 22.20
N LYS A 18 -0.23 -6.57 21.63
CA LYS A 18 0.41 -7.93 21.55
C LYS A 18 1.75 -7.80 20.84
N ASN A 19 2.80 -8.24 21.46
CA ASN A 19 4.12 -8.18 20.79
C ASN A 19 4.01 -9.00 19.51
N LYS A 20 2.90 -9.66 19.37
CA LYS A 20 2.66 -10.50 18.17
C LYS A 20 2.52 -9.62 16.92
N LEU A 21 2.22 -10.24 15.81
CA LEU A 21 2.02 -9.50 14.52
C LEU A 21 0.83 -10.13 13.80
N VAL A 22 0.22 -9.41 12.89
CA VAL A 22 -0.96 -9.99 12.15
C VAL A 22 -0.67 -9.98 10.63
N PRO A 23 -0.55 -11.14 10.00
CA PRO A 23 -0.32 -11.20 8.53
C PRO A 23 -1.43 -10.49 7.77
N ARG A 24 -1.10 -9.91 6.65
CA ARG A 24 -2.14 -9.21 5.83
C ARG A 24 -1.66 -9.17 4.38
N LEU A 25 -2.57 -9.23 3.44
CA LEU A 25 -2.17 -9.19 2.00
C LEU A 25 -2.49 -7.79 1.47
N LEU A 26 -1.64 -7.25 0.63
CA LEU A 26 -1.86 -5.86 0.10
C LEU A 26 -1.85 -5.88 -1.43
N GLY A 27 -3.00 -5.71 -2.02
CA GLY A 27 -3.12 -5.71 -3.51
C GLY A 27 -2.85 -4.33 -4.09
N ILE A 28 -1.98 -4.26 -5.06
CA ILE A 28 -1.65 -2.95 -5.72
C ILE A 28 -2.18 -3.00 -7.16
N THR A 29 -3.17 -2.22 -7.48
CA THR A 29 -3.73 -2.24 -8.86
C THR A 29 -3.00 -1.21 -9.73
N LYS A 30 -3.37 -1.10 -10.97
CA LYS A 30 -2.71 -0.13 -11.88
C LYS A 30 -3.27 1.27 -11.63
N GLU A 31 -4.34 1.36 -10.88
CA GLU A 31 -4.96 2.70 -10.60
C GLU A 31 -5.54 2.72 -9.19
N CYS A 32 -5.25 1.74 -8.38
CA CYS A 32 -5.81 1.74 -7.01
C CYS A 32 -5.07 0.74 -6.12
N VAL A 33 -5.18 0.91 -4.82
CA VAL A 33 -4.53 -0.02 -3.85
C VAL A 33 -5.65 -0.61 -2.99
N MET A 34 -5.57 -1.87 -2.61
CA MET A 34 -6.69 -2.46 -1.80
C MET A 34 -6.16 -3.24 -0.61
N ARG A 35 -6.96 -3.32 0.42
CA ARG A 35 -6.54 -4.07 1.62
C ARG A 35 -7.03 -5.51 1.47
N VAL A 36 -6.17 -6.46 1.70
CA VAL A 36 -6.57 -7.89 1.54
C VAL A 36 -6.11 -8.70 2.75
N ASP A 37 -7.03 -9.40 3.37
CA ASP A 37 -6.65 -10.22 4.57
C ASP A 37 -5.87 -11.45 4.11
N GLU A 38 -4.96 -11.89 4.91
CA GLU A 38 -4.15 -13.09 4.55
C GLU A 38 -4.88 -14.32 5.06
N LYS A 39 -5.70 -14.08 6.04
CA LYS A 39 -6.48 -15.17 6.65
C LYS A 39 -7.57 -15.61 5.69
N THR A 40 -8.34 -14.67 5.20
CA THR A 40 -9.45 -15.01 4.26
C THR A 40 -9.06 -14.69 2.82
N LYS A 41 -7.89 -14.13 2.60
CA LYS A 41 -7.50 -13.81 1.19
C LYS A 41 -8.62 -12.99 0.54
N GLU A 42 -9.43 -12.34 1.33
CA GLU A 42 -10.56 -11.53 0.77
C GLU A 42 -10.13 -10.05 0.71
N VAL A 43 -10.84 -9.25 -0.03
CA VAL A 43 -10.50 -7.80 -0.13
C VAL A 43 -11.21 -7.04 0.98
N ILE A 44 -10.47 -6.33 1.80
CA ILE A 44 -11.10 -5.57 2.91
C ILE A 44 -11.34 -4.12 2.50
N GLN A 45 -10.57 -3.59 1.59
CA GLN A 45 -10.79 -2.18 1.17
C GLN A 45 -10.17 -1.89 -0.20
N GLU A 46 -10.56 -0.78 -0.77
CA GLU A 46 -10.05 -0.34 -2.10
C GLU A 46 -9.61 1.13 -2.00
N TRP A 47 -8.55 1.50 -2.65
CA TRP A 47 -8.06 2.92 -2.58
C TRP A 47 -7.59 3.36 -3.97
N SER A 48 -7.61 4.64 -4.23
CA SER A 48 -7.15 5.14 -5.57
C SER A 48 -5.64 5.37 -5.52
N LEU A 49 -4.98 5.32 -6.65
CA LEU A 49 -3.51 5.55 -6.66
C LEU A 49 -3.25 7.06 -6.67
N THR A 50 -4.23 7.84 -7.02
CA THR A 50 -4.04 9.32 -7.06
C THR A 50 -4.33 9.91 -5.68
N ASN A 51 -4.86 9.13 -4.77
CA ASN A 51 -5.18 9.66 -3.41
C ASN A 51 -3.94 9.56 -2.51
N ILE A 52 -3.01 8.73 -2.86
CA ILE A 52 -1.78 8.60 -2.02
C ILE A 52 -0.97 9.90 -2.08
N LYS A 53 -0.62 10.45 -0.94
CA LYS A 53 0.17 11.72 -0.94
C LYS A 53 1.66 11.40 -0.88
N ARG A 54 2.08 10.58 0.06
CA ARG A 54 3.52 10.26 0.17
C ARG A 54 3.69 8.89 0.82
N TRP A 55 4.91 8.44 0.94
CA TRP A 55 5.15 7.11 1.59
C TRP A 55 6.58 7.05 2.09
N ALA A 56 6.90 6.02 2.83
CA ALA A 56 8.29 5.87 3.36
C ALA A 56 8.60 4.38 3.42
N ALA A 57 9.55 3.93 2.63
CA ALA A 57 9.89 2.47 2.61
C ALA A 57 11.12 2.21 3.49
N SER A 58 10.95 1.43 4.52
CA SER A 58 12.11 1.10 5.41
C SER A 58 12.61 -0.30 5.02
N PRO A 59 13.83 -0.62 5.40
CA PRO A 59 14.40 -1.94 5.07
C PRO A 59 13.54 -3.06 5.66
N LYS A 60 12.42 -2.74 6.27
CA LYS A 60 11.57 -3.81 6.87
C LYS A 60 10.09 -3.42 6.85
N SER A 61 9.79 -2.14 6.84
CA SER A 61 8.35 -1.70 6.87
C SER A 61 8.05 -0.74 5.71
N PHE A 62 6.78 -0.42 5.55
CA PHE A 62 6.35 0.51 4.46
C PHE A 62 5.21 1.39 5.01
N THR A 63 5.18 2.65 4.66
CA THR A 63 4.11 3.55 5.16
C THR A 63 3.54 4.39 4.02
N LEU A 64 2.26 4.68 4.06
CA LEU A 64 1.64 5.52 2.98
C LEU A 64 0.71 6.54 3.65
N ASP A 65 0.44 7.63 2.97
CA ASP A 65 -0.44 8.69 3.56
C ASP A 65 -1.52 9.09 2.56
N PHE A 66 -2.75 9.08 2.98
CA PHE A 66 -3.87 9.46 2.07
C PHE A 66 -4.13 10.96 2.21
N GLY A 67 -3.45 11.59 3.13
CA GLY A 67 -3.65 13.04 3.34
C GLY A 67 -4.91 13.26 4.19
N ASP A 68 -5.61 12.20 4.50
CA ASP A 68 -6.84 12.32 5.32
C ASP A 68 -6.46 12.32 6.81
N TYR A 69 -6.23 13.48 7.36
CA TYR A 69 -5.84 13.58 8.81
C TYR A 69 -6.73 12.65 9.65
N GLN A 70 -8.00 12.63 9.37
CA GLN A 70 -8.92 11.75 10.15
C GLN A 70 -8.48 10.29 10.04
N ASP A 71 -8.30 9.80 8.85
CA ASP A 71 -7.89 8.38 8.70
C ASP A 71 -6.49 8.18 9.28
N GLY A 72 -5.62 9.13 9.08
CA GLY A 72 -4.24 9.01 9.62
C GLY A 72 -3.37 8.23 8.62
N TYR A 73 -2.15 7.94 8.98
CA TYR A 73 -1.26 7.19 8.07
C TYR A 73 -1.52 5.68 8.19
N TYR A 74 -1.00 4.91 7.28
CA TYR A 74 -1.18 3.43 7.30
C TYR A 74 0.17 2.78 7.08
N SER A 75 0.71 2.18 8.12
CA SER A 75 2.04 1.52 8.01
C SER A 75 1.96 0.07 8.49
N VAL A 76 2.75 -0.78 7.88
CA VAL A 76 2.75 -2.23 8.27
C VAL A 76 4.15 -2.79 8.05
N GLN A 77 4.40 -3.98 8.51
CA GLN A 77 5.76 -4.58 8.31
C GLN A 77 5.89 -5.11 6.88
N THR A 78 6.99 -4.86 6.24
CA THR A 78 7.19 -5.35 4.85
C THR A 78 8.67 -5.60 4.60
N THR A 79 9.05 -6.83 4.43
CA THR A 79 10.48 -7.13 4.16
C THR A 79 10.84 -6.53 2.80
N GLU A 80 9.85 -6.34 1.96
CA GLU A 80 10.07 -5.77 0.61
C GLU A 80 9.39 -4.40 0.51
N GLY A 81 9.33 -3.69 1.59
CA GLY A 81 8.68 -2.34 1.56
C GLY A 81 9.24 -1.53 0.39
N GLU A 82 10.36 -1.96 -0.13
CA GLU A 82 10.97 -1.24 -1.27
C GLU A 82 10.21 -1.58 -2.56
N GLN A 83 10.14 -2.83 -2.88
CA GLN A 83 9.40 -3.24 -4.10
C GLN A 83 8.02 -2.64 -4.06
N ILE A 84 7.36 -2.77 -2.95
CA ILE A 84 6.01 -2.18 -2.80
C ILE A 84 6.12 -0.69 -3.13
N ALA A 85 7.25 -0.12 -2.85
CA ALA A 85 7.45 1.32 -3.15
C ALA A 85 7.89 1.48 -4.61
N GLN A 86 8.56 0.50 -5.14
CA GLN A 86 9.00 0.56 -6.56
C GLN A 86 7.82 0.19 -7.44
N LEU A 87 7.05 -0.76 -7.01
CA LEU A 87 5.86 -1.17 -7.80
C LEU A 87 4.87 -0.01 -7.74
N ILE A 88 4.74 0.58 -6.59
CA ILE A 88 3.82 1.72 -6.42
C ILE A 88 4.37 2.89 -7.24
N ALA A 89 5.56 3.31 -6.94
CA ALA A 89 6.18 4.43 -7.70
C ALA A 89 6.17 4.07 -9.18
N GLY A 90 5.97 2.82 -9.48
CA GLY A 90 5.95 2.37 -10.90
C GLY A 90 4.57 2.57 -11.51
N TYR A 91 3.51 2.30 -10.78
CA TYR A 91 2.16 2.48 -11.36
C TYR A 91 1.82 3.97 -11.42
N ILE A 92 2.30 4.73 -10.48
CA ILE A 92 2.00 6.18 -10.46
C ILE A 92 2.64 6.86 -11.67
N ASP A 93 3.70 6.30 -12.19
CA ASP A 93 4.37 6.90 -13.37
C ASP A 93 3.69 6.45 -14.65
N ILE A 94 2.98 5.35 -14.60
CA ILE A 94 2.30 4.84 -15.83
C ILE A 94 0.93 5.49 -16.00
N ILE A 95 0.35 5.95 -14.92
CA ILE A 95 -0.99 6.59 -15.03
C ILE A 95 -0.82 8.06 -15.41
N LEU A 96 0.26 8.65 -14.98
CA LEU A 96 0.50 10.09 -15.28
C LEU A 96 0.96 10.26 -16.74
N LYS A 97 1.62 9.28 -17.29
CA LYS A 97 2.09 9.43 -18.71
C LYS A 97 0.93 9.19 -19.67
N LYS A 98 -0.03 8.37 -19.31
CA LYS A 98 -1.16 8.11 -20.24
C LYS A 98 -2.01 9.37 -20.38
N LYS A 99 -2.43 9.95 -19.28
CA LYS A 99 -3.26 11.18 -19.36
C LYS A 99 -2.35 12.41 -19.47
N LYS A 100 -1.08 12.24 -19.23
CA LYS A 100 -0.13 13.40 -19.32
C LYS A 100 -0.72 14.59 -18.56
N SER B 1 13.97 11.34 5.22
CA SER B 1 13.79 12.36 4.16
C SER B 1 12.42 12.15 3.48
N TRP B 2 11.72 11.12 3.85
CA TRP B 2 10.39 10.86 3.23
C TRP B 2 10.52 10.90 1.70
N VAL B 3 9.42 10.71 1.03
CA VAL B 3 9.43 10.74 -0.46
C VAL B 3 8.02 11.09 -0.93
N PTR B 4 7.90 11.95 -1.92
CA PTR B 4 6.55 12.36 -2.42
C PTR B 4 6.32 11.79 -3.82
O PTR B 4 7.24 11.36 -4.48
CB PTR B 4 6.48 13.90 -2.47
CG PTR B 4 6.21 14.45 -1.08
CD1 PTR B 4 7.11 14.20 -0.04
CD2 PTR B 4 5.05 15.20 -0.84
CE1 PTR B 4 6.86 14.70 1.24
CE2 PTR B 4 4.81 15.72 0.43
CZ PTR B 4 5.71 15.47 1.47
OH PTR B 4 5.44 16.00 2.83
P PTR B 4 6.10 17.32 2.96
O1P PTR B 4 6.06 17.75 4.38
O2P PTR B 4 5.42 18.31 2.12
O3P PTR B 4 7.52 17.21 2.53
H PTR B 4 8.71 12.33 -2.33
HA PTR B 4 5.77 11.99 -1.76
HB2 PTR B 4 5.69 14.20 -3.14
HB3 PTR B 4 7.42 14.28 -2.83
HD1 PTR B 4 8.00 13.60 -0.22
HD2 PTR B 4 4.36 15.40 -1.64
HE1 PTR B 4 7.55 14.51 2.05
HE2 PTR B 4 3.92 16.30 0.62
N SER B 5 5.09 11.78 -4.26
CA SER B 5 4.76 11.24 -5.60
C SER B 5 4.71 12.39 -6.62
N PRO B 6 5.03 12.14 -7.88
CA PRO B 6 4.97 13.20 -8.90
C PRO B 6 3.54 13.75 -8.97
N LEU B 7 2.58 13.01 -8.48
CA LEU B 7 1.16 13.48 -8.51
C LEU B 7 1.10 14.90 -7.95
N HIS B 8 1.22 15.90 -8.80
CA HIS B 8 1.17 17.30 -8.31
C HIS B 8 -0.29 17.72 -8.14
N LEU A 1 -13.68 -13.36 -8.47
CA LEU A 1 -13.46 -11.92 -8.77
C LEU A 1 -12.69 -11.28 -7.63
N LYS A 2 -12.64 -9.98 -7.58
CA LYS A 2 -11.90 -9.28 -6.49
C LYS A 2 -10.53 -9.93 -6.31
N THR A 3 -10.09 -10.70 -7.28
CA THR A 3 -8.76 -11.36 -7.16
C THR A 3 -8.18 -11.59 -8.55
N TYR A 4 -8.16 -10.58 -9.37
CA TYR A 4 -7.58 -10.73 -10.73
C TYR A 4 -6.05 -10.62 -10.64
N GLY A 5 -5.39 -10.47 -11.74
CA GLY A 5 -3.90 -10.35 -11.70
C GLY A 5 -3.52 -9.19 -10.79
N VAL A 6 -3.43 -9.44 -9.51
CA VAL A 6 -3.08 -8.37 -8.52
C VAL A 6 -1.85 -8.79 -7.74
N SER A 7 -0.94 -7.88 -7.48
CA SER A 7 0.28 -8.24 -6.72
C SER A 7 0.03 -8.12 -5.22
N PHE A 8 -0.20 -9.22 -4.57
CA PHE A 8 -0.46 -9.21 -3.11
C PHE A 8 0.89 -9.28 -2.36
N PHE A 9 1.19 -8.31 -1.55
CA PHE A 9 2.49 -8.31 -0.80
C PHE A 9 2.22 -8.74 0.65
N LEU A 10 3.04 -9.62 1.17
CA LEU A 10 2.83 -10.07 2.57
C LEU A 10 3.44 -9.04 3.53
N VAL A 11 2.60 -8.30 4.19
CA VAL A 11 3.08 -7.28 5.17
C VAL A 11 2.57 -7.68 6.55
N LYS A 12 3.31 -7.42 7.59
CA LYS A 12 2.85 -7.81 8.96
C LYS A 12 2.43 -6.56 9.73
N GLU A 13 1.56 -6.73 10.68
CA GLU A 13 1.08 -5.59 11.52
C GLU A 13 1.26 -5.97 12.98
N LYS A 14 1.35 -5.01 13.86
CA LYS A 14 1.54 -5.30 15.31
C LYS A 14 0.24 -5.04 16.07
N MET A 15 -0.46 -6.05 16.47
CA MET A 15 -1.72 -5.82 17.22
C MET A 15 -1.37 -5.31 18.62
N LYS A 16 -2.26 -4.55 19.18
CA LYS A 16 -2.04 -3.97 20.54
C LYS A 16 -1.70 -5.08 21.57
N GLY A 17 -2.72 -5.57 22.25
CA GLY A 17 -2.51 -6.61 23.30
C GLY A 17 -1.42 -7.61 22.91
N LYS A 18 -1.22 -7.86 21.65
CA LYS A 18 -0.17 -8.86 21.25
C LYS A 18 1.11 -8.15 20.80
N ASN A 19 2.19 -8.48 21.42
CA ASN A 19 3.48 -7.89 20.98
C ASN A 19 3.85 -8.64 19.71
N LYS A 20 3.03 -9.62 19.41
CA LYS A 20 3.24 -10.46 18.20
C LYS A 20 2.99 -9.62 16.94
N LEU A 21 2.98 -10.27 15.82
CA LEU A 21 2.75 -9.57 14.51
C LEU A 21 1.56 -10.24 13.83
N VAL A 22 0.90 -9.53 12.94
CA VAL A 22 -0.27 -10.13 12.21
C VAL A 22 -0.01 -10.06 10.68
N PRO A 23 0.19 -11.19 10.03
CA PRO A 23 0.42 -11.19 8.56
C PRO A 23 -0.76 -10.54 7.83
N ARG A 24 -0.50 -9.92 6.72
CA ARG A 24 -1.58 -9.28 5.92
C ARG A 24 -1.15 -9.22 4.46
N LEU A 25 -2.07 -9.41 3.55
CA LEU A 25 -1.71 -9.35 2.10
C LEU A 25 -2.16 -7.99 1.55
N LEU A 26 -1.38 -7.40 0.69
CA LEU A 26 -1.73 -6.04 0.13
C LEU A 26 -1.69 -6.08 -1.41
N GLY A 27 -2.83 -6.03 -2.01
CA GLY A 27 -2.92 -6.05 -3.51
C GLY A 27 -2.78 -4.63 -4.07
N ILE A 28 -1.87 -4.44 -4.99
CA ILE A 28 -1.67 -3.10 -5.61
C ILE A 28 -2.21 -3.13 -7.04
N THR A 29 -3.28 -2.41 -7.30
CA THR A 29 -3.85 -2.40 -8.68
C THR A 29 -3.31 -1.18 -9.43
N LYS A 30 -3.68 -1.04 -10.68
CA LYS A 30 -3.19 0.12 -11.47
C LYS A 30 -4.05 1.34 -11.17
N GLU A 31 -4.98 1.22 -10.26
CA GLU A 31 -5.87 2.37 -9.94
C GLU A 31 -6.22 2.38 -8.45
N CYS A 32 -5.66 1.49 -7.67
CA CYS A 32 -6.01 1.50 -6.22
C CYS A 32 -5.13 0.50 -5.45
N VAL A 33 -5.20 0.56 -4.14
CA VAL A 33 -4.43 -0.38 -3.27
C VAL A 33 -5.46 -1.24 -2.55
N MET A 34 -5.36 -2.54 -2.62
CA MET A 34 -6.40 -3.40 -1.97
C MET A 34 -5.90 -3.97 -0.65
N ARG A 35 -6.76 -4.03 0.33
CA ARG A 35 -6.35 -4.63 1.63
C ARG A 35 -6.75 -6.09 1.56
N VAL A 36 -5.84 -6.99 1.84
CA VAL A 36 -6.18 -8.43 1.75
C VAL A 36 -5.64 -9.17 2.96
N ASP A 37 -6.48 -9.90 3.64
CA ASP A 37 -6.03 -10.66 4.84
C ASP A 37 -5.17 -11.83 4.37
N GLU A 38 -4.22 -12.23 5.16
CA GLU A 38 -3.35 -13.38 4.77
C GLU A 38 -4.01 -14.66 5.27
N LYS A 39 -4.82 -14.50 6.26
CA LYS A 39 -5.54 -15.64 6.85
C LYS A 39 -6.66 -16.09 5.93
N THR A 40 -7.48 -15.16 5.50
CA THR A 40 -8.62 -15.51 4.61
C THR A 40 -8.27 -15.18 3.15
N LYS A 41 -7.14 -14.57 2.90
CA LYS A 41 -6.79 -14.23 1.48
C LYS A 41 -7.97 -13.51 0.84
N GLU A 42 -8.82 -12.91 1.64
CA GLU A 42 -10.01 -12.17 1.09
C GLU A 42 -9.71 -10.67 1.09
N VAL A 43 -10.46 -9.91 0.35
CA VAL A 43 -10.23 -8.43 0.31
C VAL A 43 -10.97 -7.77 1.47
N ILE A 44 -10.28 -6.98 2.26
CA ILE A 44 -10.94 -6.31 3.43
C ILE A 44 -11.21 -4.84 3.10
N GLN A 45 -10.46 -4.24 2.22
CA GLN A 45 -10.70 -2.80 1.90
C GLN A 45 -9.89 -2.39 0.68
N GLU A 46 -10.22 -1.25 0.11
CA GLU A 46 -9.50 -0.73 -1.09
C GLU A 46 -9.32 0.78 -0.99
N TRP A 47 -8.35 1.31 -1.70
CA TRP A 47 -8.08 2.78 -1.68
C TRP A 47 -7.75 3.26 -3.09
N SER A 48 -8.01 4.49 -3.40
CA SER A 48 -7.69 5.01 -4.77
C SER A 48 -6.21 5.39 -4.83
N LEU A 49 -5.57 5.12 -5.94
CA LEU A 49 -4.12 5.46 -6.08
C LEU A 49 -3.96 6.99 -6.02
N THR A 50 -4.88 7.70 -6.61
CA THR A 50 -4.78 9.18 -6.61
C THR A 50 -4.97 9.71 -5.18
N ASN A 51 -5.26 8.84 -4.25
CA ASN A 51 -5.46 9.28 -2.84
C ASN A 51 -4.12 9.27 -2.09
N ILE A 52 -3.22 8.43 -2.50
CA ILE A 52 -1.90 8.36 -1.80
C ILE A 52 -1.15 9.69 -1.95
N LYS A 53 -0.83 10.32 -0.85
CA LYS A 53 -0.09 11.62 -0.90
C LYS A 53 1.41 11.34 -0.95
N ARG A 54 1.90 10.53 -0.05
CA ARG A 54 3.35 10.21 -0.03
C ARG A 54 3.55 8.82 0.58
N TRP A 55 4.76 8.35 0.62
CA TRP A 55 5.05 7.03 1.24
C TRP A 55 6.52 6.96 1.64
N ALA A 56 6.90 5.95 2.35
CA ALA A 56 8.33 5.81 2.76
C ALA A 56 8.68 4.33 2.82
N ALA A 57 9.71 3.92 2.12
CA ALA A 57 10.11 2.49 2.11
C ALA A 57 11.28 2.27 3.08
N SER A 58 11.03 1.60 4.17
CA SER A 58 12.13 1.33 5.15
C SER A 58 12.72 -0.05 4.83
N PRO A 59 13.90 -0.32 5.34
CA PRO A 59 14.56 -1.61 5.10
C PRO A 59 13.68 -2.76 5.62
N LYS A 60 12.61 -2.45 6.31
CA LYS A 60 11.74 -3.54 6.86
C LYS A 60 10.30 -3.07 6.99
N SER A 61 10.04 -1.80 6.83
CA SER A 61 8.64 -1.28 6.98
C SER A 61 8.21 -0.44 5.78
N PHE A 62 6.92 -0.24 5.63
CA PHE A 62 6.38 0.57 4.50
C PHE A 62 5.32 1.52 5.05
N THR A 63 5.25 2.73 4.56
CA THR A 63 4.24 3.71 5.09
C THR A 63 3.60 4.46 3.93
N LEU A 64 2.33 4.76 4.04
CA LEU A 64 1.62 5.52 2.95
C LEU A 64 0.80 6.62 3.62
N ASP A 65 0.55 7.70 2.93
CA ASP A 65 -0.23 8.83 3.50
C ASP A 65 -1.34 9.24 2.53
N PHE A 66 -2.54 9.38 3.01
CA PHE A 66 -3.67 9.78 2.13
C PHE A 66 -3.88 11.28 2.26
N GLY A 67 -3.09 11.92 3.08
CA GLY A 67 -3.22 13.39 3.28
C GLY A 67 -4.21 13.65 4.41
N ASP A 68 -4.97 12.65 4.79
CA ASP A 68 -5.96 12.84 5.89
C ASP A 68 -5.25 12.70 7.24
N TYR A 69 -4.47 13.67 7.61
CA TYR A 69 -3.76 13.62 8.91
C TYR A 69 -4.72 13.17 10.01
N GLN A 70 -5.93 13.64 9.96
CA GLN A 70 -6.93 13.24 10.99
C GLN A 70 -7.06 11.72 11.02
N ASP A 71 -7.23 11.11 9.87
CA ASP A 71 -7.37 9.63 9.84
C ASP A 71 -6.07 9.00 10.34
N GLY A 72 -4.96 9.63 10.07
CA GLY A 72 -3.64 9.08 10.51
C GLY A 72 -2.99 8.32 9.37
N TYR A 73 -1.70 8.14 9.42
CA TYR A 73 -1.00 7.40 8.33
C TYR A 73 -1.27 5.90 8.49
N TYR A 74 -0.86 5.13 7.52
CA TYR A 74 -1.07 3.66 7.57
C TYR A 74 0.25 2.97 7.23
N SER A 75 0.90 2.39 8.20
CA SER A 75 2.21 1.71 7.95
C SER A 75 2.18 0.28 8.49
N VAL A 76 3.00 -0.56 7.93
CA VAL A 76 3.06 -1.99 8.38
C VAL A 76 4.47 -2.53 8.14
N GLN A 77 4.74 -3.72 8.60
CA GLN A 77 6.10 -4.29 8.39
C GLN A 77 6.22 -4.83 6.96
N THR A 78 7.32 -4.57 6.32
CA THR A 78 7.53 -5.05 4.92
C THR A 78 9.01 -5.37 4.72
N THR A 79 9.30 -6.59 4.40
CA THR A 79 10.73 -6.96 4.16
C THR A 79 11.24 -6.19 2.96
N GLU A 80 10.37 -5.85 2.06
CA GLU A 80 10.77 -5.10 0.84
C GLU A 80 10.49 -3.62 1.04
N GLY A 81 9.25 -3.24 1.03
CA GLY A 81 8.90 -1.80 1.22
C GLY A 81 9.35 -1.02 -0.02
N GLU A 82 10.45 -1.38 -0.60
CA GLU A 82 10.94 -0.65 -1.81
C GLU A 82 10.11 -1.08 -3.01
N GLN A 83 10.09 -2.34 -3.29
CA GLN A 83 9.29 -2.85 -4.44
C GLN A 83 7.89 -2.28 -4.34
N ILE A 84 7.29 -2.42 -3.19
CA ILE A 84 5.93 -1.88 -2.99
C ILE A 84 5.94 -0.41 -3.38
N ALA A 85 7.05 0.24 -3.16
CA ALA A 85 7.15 1.69 -3.52
C ALA A 85 7.55 1.81 -5.00
N GLN A 86 8.20 0.82 -5.54
CA GLN A 86 8.62 0.88 -6.96
C GLN A 86 7.45 0.45 -7.85
N LEU A 87 6.70 -0.51 -7.40
CA LEU A 87 5.55 -0.97 -8.20
C LEU A 87 4.47 0.10 -8.13
N ILE A 88 4.29 0.65 -6.97
CA ILE A 88 3.27 1.72 -6.81
C ILE A 88 3.75 2.96 -7.55
N ALA A 89 4.96 3.38 -7.30
CA ALA A 89 5.50 4.58 -7.99
C ALA A 89 5.46 4.33 -9.50
N GLY A 90 5.32 3.10 -9.89
CA GLY A 90 5.29 2.77 -11.35
C GLY A 90 3.85 2.84 -11.88
N TYR A 91 2.87 2.57 -11.06
CA TYR A 91 1.46 2.62 -11.56
C TYR A 91 1.00 4.08 -11.63
N ILE A 92 1.57 4.92 -10.81
CA ILE A 92 1.15 6.35 -10.80
C ILE A 92 1.57 7.03 -12.12
N ASP A 93 2.58 6.51 -12.76
CA ASP A 93 3.04 7.12 -14.04
C ASP A 93 2.21 6.58 -15.21
N ILE A 94 1.58 5.47 -15.03
CA ILE A 94 0.77 4.87 -16.13
C ILE A 94 -0.64 5.45 -16.12
N ILE A 95 -1.11 5.90 -14.98
CA ILE A 95 -2.48 6.48 -14.93
C ILE A 95 -2.43 7.93 -15.38
N LEU A 96 -1.36 8.60 -15.08
CA LEU A 96 -1.23 10.02 -15.47
C LEU A 96 -0.81 10.11 -16.94
N LYS A 97 -0.21 9.08 -17.46
CA LYS A 97 0.21 9.10 -18.89
C LYS A 97 -1.02 9.11 -19.79
N LYS A 98 -2.04 8.40 -19.42
CA LYS A 98 -3.27 8.38 -20.26
C LYS A 98 -3.92 9.76 -20.25
N LYS A 99 -4.08 10.34 -19.10
CA LYS A 99 -4.70 11.70 -19.02
C LYS A 99 -3.86 12.70 -19.81
N LYS A 100 -2.56 12.62 -19.68
CA LYS A 100 -1.68 13.57 -20.42
C LYS A 100 -2.03 15.01 -20.00
N SER B 1 14.42 11.13 3.36
CA SER B 1 13.57 10.79 4.53
C SER B 1 12.12 10.61 4.07
N TRP B 2 11.86 10.81 2.81
CA TRP B 2 10.46 10.66 2.31
C TRP B 2 10.47 10.60 0.77
N VAL B 3 9.32 10.46 0.18
CA VAL B 3 9.21 10.40 -1.30
C VAL B 3 7.78 10.75 -1.69
N PTR B 4 7.60 11.49 -2.77
CA PTR B 4 6.22 11.90 -3.19
C PTR B 4 5.95 11.47 -4.63
O PTR B 4 6.67 10.69 -5.21
CB PTR B 4 6.11 13.43 -3.09
CG PTR B 4 6.06 13.86 -1.64
CD1 PTR B 4 7.21 13.72 -0.84
CD2 PTR B 4 4.89 14.39 -1.11
CE1 PTR B 4 7.17 14.13 0.50
CE2 PTR B 4 4.86 14.80 0.24
CZ PTR B 4 6.00 14.66 1.04
OH PTR B 4 5.96 15.09 2.45
P PTR B 4 6.55 16.45 2.56
O1P PTR B 4 7.78 16.51 1.74
O2P PTR B 4 6.88 16.74 3.98
O3P PTR B 4 5.58 17.45 2.07
H PTR B 4 8.37 11.78 -3.29
HA PTR B 4 5.47 11.45 -2.54
HB2 PTR B 4 5.20 13.75 -3.59
HB3 PTR B 4 6.96 13.88 -3.57
HD1 PTR B 4 8.11 13.29 -1.25
HD2 PTR B 4 4.01 14.50 -1.71
HE1 PTR B 4 8.04 14.02 1.12
HE2 PTR B 4 3.95 15.21 0.66
N SER B 5 4.92 12.01 -5.23
CA SER B 5 4.57 11.67 -6.64
C SER B 5 3.80 12.87 -7.24
N PRO B 6 3.66 12.90 -8.55
CA PRO B 6 2.94 14.00 -9.20
C PRO B 6 1.49 14.03 -8.69
N LEU B 7 0.60 13.29 -9.32
CA LEU B 7 -0.82 13.26 -8.87
C LEU B 7 -1.28 14.67 -8.46
N HIS B 8 -1.55 15.52 -9.42
CA HIS B 8 -2.00 16.89 -9.09
C HIS B 8 -3.48 16.86 -8.70
N LEU A 1 -12.11 -13.99 -8.66
CA LEU A 1 -12.64 -12.60 -8.71
C LEU A 1 -11.93 -11.74 -7.68
N LYS A 2 -12.23 -10.47 -7.63
CA LYS A 2 -11.55 -9.58 -6.64
C LYS A 2 -10.05 -9.85 -6.67
N THR A 3 -9.58 -10.47 -7.73
CA THR A 3 -8.12 -10.77 -7.84
C THR A 3 -7.70 -10.70 -9.31
N TYR A 4 -8.08 -9.66 -9.99
CA TYR A 4 -7.72 -9.53 -11.43
C TYR A 4 -6.21 -9.30 -11.57
N GLY A 5 -5.45 -10.36 -11.60
CA GLY A 5 -3.97 -10.23 -11.74
C GLY A 5 -3.45 -9.11 -10.83
N VAL A 6 -3.35 -9.38 -9.55
CA VAL A 6 -2.85 -8.35 -8.58
C VAL A 6 -1.71 -8.94 -7.75
N SER A 7 -0.68 -8.17 -7.49
CA SER A 7 0.47 -8.69 -6.68
C SER A 7 0.22 -8.47 -5.19
N PHE A 8 0.09 -9.54 -4.46
CA PHE A 8 -0.15 -9.45 -2.99
C PHE A 8 1.21 -9.35 -2.28
N PHE A 9 1.23 -8.90 -1.06
CA PHE A 9 2.52 -8.78 -0.31
C PHE A 9 2.27 -9.16 1.15
N LEU A 10 3.06 -10.05 1.69
CA LEU A 10 2.86 -10.45 3.11
C LEU A 10 3.41 -9.34 4.01
N VAL A 11 2.54 -8.54 4.55
CA VAL A 11 2.97 -7.46 5.47
C VAL A 11 2.37 -7.75 6.83
N LYS A 12 3.03 -7.40 7.88
CA LYS A 12 2.49 -7.68 9.25
C LYS A 12 2.02 -6.36 9.85
N GLU A 13 0.98 -6.40 10.63
CA GLU A 13 0.43 -5.18 11.26
C GLU A 13 0.50 -5.32 12.77
N LYS A 14 0.43 -4.23 13.48
CA LYS A 14 0.50 -4.27 14.98
C LYS A 14 -0.88 -3.90 15.54
N MET A 15 -1.62 -4.88 15.98
CA MET A 15 -2.97 -4.60 16.55
C MET A 15 -2.83 -3.86 17.88
N LYS A 16 -3.82 -3.08 18.23
CA LYS A 16 -3.80 -2.27 19.50
C LYS A 16 -2.84 -2.87 20.55
N GLY A 17 -3.32 -3.73 21.41
CA GLY A 17 -2.43 -4.34 22.44
C GLY A 17 -1.87 -5.66 21.93
N LYS A 18 -1.71 -5.78 20.65
CA LYS A 18 -1.16 -7.05 20.08
C LYS A 18 0.01 -7.57 20.90
N ASN A 19 -0.01 -8.83 21.21
CA ASN A 19 1.12 -9.46 21.92
C ASN A 19 1.94 -10.11 20.81
N LYS A 20 1.32 -10.17 19.66
CA LYS A 20 1.95 -10.77 18.45
C LYS A 20 1.80 -9.78 17.28
N LEU A 21 2.16 -10.19 16.11
CA LEU A 21 2.01 -9.33 14.90
C LEU A 21 0.84 -9.90 14.10
N VAL A 22 0.21 -9.10 13.26
CA VAL A 22 -0.95 -9.64 12.48
C VAL A 22 -0.58 -9.70 10.97
N PRO A 23 -0.44 -10.90 10.41
CA PRO A 23 -0.13 -11.05 8.97
C PRO A 23 -1.22 -10.40 8.11
N ARG A 24 -0.86 -9.88 6.98
CA ARG A 24 -1.87 -9.24 6.08
C ARG A 24 -1.36 -9.29 4.64
N LEU A 25 -2.26 -9.42 3.69
CA LEU A 25 -1.85 -9.46 2.26
C LEU A 25 -2.23 -8.11 1.64
N LEU A 26 -1.40 -7.57 0.78
CA LEU A 26 -1.70 -6.23 0.17
C LEU A 26 -1.57 -6.30 -1.35
N GLY A 27 -2.69 -6.23 -2.02
CA GLY A 27 -2.71 -6.29 -3.51
C GLY A 27 -2.46 -4.91 -4.09
N ILE A 28 -1.51 -4.78 -4.98
CA ILE A 28 -1.22 -3.45 -5.60
C ILE A 28 -1.81 -3.40 -7.00
N THR A 29 -2.82 -2.60 -7.21
CA THR A 29 -3.45 -2.49 -8.56
C THR A 29 -2.94 -1.21 -9.23
N LYS A 30 -3.13 -1.09 -10.51
CA LYS A 30 -2.65 0.14 -11.21
C LYS A 30 -3.54 1.33 -10.83
N GLU A 31 -4.77 1.07 -10.48
CA GLU A 31 -5.70 2.18 -10.11
C GLU A 31 -5.91 2.25 -8.59
N CYS A 32 -5.42 1.30 -7.85
CA CYS A 32 -5.64 1.36 -6.38
C CYS A 32 -4.86 0.25 -5.66
N VAL A 33 -4.75 0.39 -4.36
CA VAL A 33 -4.05 -0.65 -3.54
C VAL A 33 -5.13 -1.48 -2.86
N MET A 34 -5.04 -2.79 -2.87
CA MET A 34 -6.13 -3.61 -2.24
C MET A 34 -5.71 -4.12 -0.86
N ARG A 35 -6.60 -4.06 0.09
CA ARG A 35 -6.26 -4.59 1.44
C ARG A 35 -6.73 -6.03 1.47
N VAL A 36 -5.81 -6.96 1.61
CA VAL A 36 -6.20 -8.40 1.59
C VAL A 36 -5.75 -9.08 2.88
N ASP A 37 -6.66 -9.74 3.54
CA ASP A 37 -6.30 -10.44 4.80
C ASP A 37 -5.49 -11.67 4.45
N GLU A 38 -4.59 -12.06 5.30
CA GLU A 38 -3.76 -13.27 5.03
C GLU A 38 -4.49 -14.48 5.58
N LYS A 39 -5.33 -14.21 6.53
CA LYS A 39 -6.13 -15.27 7.16
C LYS A 39 -7.19 -15.77 6.19
N THR A 40 -7.96 -14.88 5.63
CA THR A 40 -9.04 -15.28 4.68
C THR A 40 -8.58 -15.05 3.24
N LYS A 41 -7.41 -14.48 3.03
CA LYS A 41 -6.95 -14.26 1.63
C LYS A 41 -8.05 -13.53 0.86
N GLU A 42 -8.91 -12.81 1.54
CA GLU A 42 -10.02 -12.08 0.84
C GLU A 42 -9.70 -10.58 0.82
N VAL A 43 -10.37 -9.83 -0.01
CA VAL A 43 -10.13 -8.37 -0.08
C VAL A 43 -10.91 -7.68 1.04
N ILE A 44 -10.24 -6.92 1.87
CA ILE A 44 -10.93 -6.23 2.99
C ILE A 44 -11.20 -4.77 2.62
N GLN A 45 -10.38 -4.17 1.80
CA GLN A 45 -10.62 -2.75 1.42
C GLN A 45 -9.68 -2.34 0.28
N GLU A 46 -9.96 -1.23 -0.33
CA GLU A 46 -9.12 -0.73 -1.46
C GLU A 46 -8.83 0.76 -1.27
N TRP A 47 -7.83 1.27 -1.94
CA TRP A 47 -7.46 2.71 -1.82
C TRP A 47 -7.13 3.28 -3.19
N SER A 48 -7.46 4.51 -3.44
CA SER A 48 -7.16 5.10 -4.77
C SER A 48 -5.67 5.46 -4.86
N LEU A 49 -5.02 5.09 -5.92
CA LEU A 49 -3.58 5.42 -6.08
C LEU A 49 -3.43 6.94 -6.18
N THR A 50 -4.44 7.61 -6.65
CA THR A 50 -4.37 9.08 -6.78
C THR A 50 -4.53 9.73 -5.41
N ASN A 51 -4.85 8.97 -4.41
CA ASN A 51 -5.03 9.53 -3.04
C ASN A 51 -3.70 9.48 -2.29
N ILE A 52 -2.81 8.62 -2.69
CA ILE A 52 -1.50 8.53 -1.99
C ILE A 52 -0.69 9.80 -2.23
N LYS A 53 -0.34 10.50 -1.18
CA LYS A 53 0.44 11.77 -1.33
C LYS A 53 1.94 11.46 -1.24
N ARG A 54 2.33 10.65 -0.28
CA ARG A 54 3.78 10.31 -0.12
C ARG A 54 3.91 8.92 0.50
N TRP A 55 5.12 8.43 0.61
CA TRP A 55 5.34 7.11 1.26
C TRP A 55 6.78 7.03 1.73
N ALA A 56 7.09 6.02 2.48
CA ALA A 56 8.48 5.85 2.97
C ALA A 56 8.76 4.36 3.12
N ALA A 57 9.66 3.82 2.34
CA ALA A 57 9.96 2.36 2.42
C ALA A 57 11.20 2.12 3.28
N SER A 58 11.01 1.61 4.46
CA SER A 58 12.17 1.34 5.35
C SER A 58 12.72 -0.06 5.01
N PRO A 59 13.93 -0.35 5.41
CA PRO A 59 14.54 -1.66 5.14
C PRO A 59 13.72 -2.76 5.81
N LYS A 60 12.61 -2.42 6.42
CA LYS A 60 11.79 -3.46 7.11
C LYS A 60 10.32 -3.06 7.17
N SER A 61 10.01 -1.80 6.94
CA SER A 61 8.58 -1.35 7.00
C SER A 61 8.21 -0.48 5.81
N PHE A 62 6.94 -0.22 5.66
CA PHE A 62 6.43 0.63 4.53
C PHE A 62 5.38 1.59 5.09
N THR A 63 5.36 2.83 4.65
CA THR A 63 4.36 3.81 5.17
C THR A 63 3.76 4.62 4.01
N LEU A 64 2.50 4.98 4.12
CA LEU A 64 1.85 5.79 3.04
C LEU A 64 0.87 6.77 3.68
N ASP A 65 0.62 7.87 3.02
CA ASP A 65 -0.31 8.90 3.57
C ASP A 65 -1.34 9.29 2.51
N PHE A 66 -2.59 9.28 2.86
CA PHE A 66 -3.64 9.65 1.87
C PHE A 66 -3.91 11.15 2.00
N GLY A 67 -3.17 11.80 2.85
CA GLY A 67 -3.37 13.26 3.05
C GLY A 67 -4.61 13.49 3.89
N ASP A 68 -5.35 12.44 4.17
CA ASP A 68 -6.58 12.58 5.00
C ASP A 68 -6.22 12.48 6.48
N TYR A 69 -5.98 13.60 7.12
CA TYR A 69 -5.63 13.58 8.56
C TYR A 69 -6.60 12.66 9.31
N GLN A 70 -7.87 12.79 9.05
CA GLN A 70 -8.86 11.93 9.74
C GLN A 70 -8.47 10.46 9.61
N ASP A 71 -8.23 10.01 8.41
CA ASP A 71 -7.84 8.58 8.22
C ASP A 71 -6.53 8.31 8.96
N GLY A 72 -5.64 9.27 8.98
CA GLY A 72 -4.35 9.08 9.68
C GLY A 72 -3.38 8.34 8.76
N TYR A 73 -2.16 8.15 9.19
CA TYR A 73 -1.17 7.44 8.32
C TYR A 73 -1.44 5.94 8.35
N TYR A 74 -0.95 5.23 7.38
CA TYR A 74 -1.14 3.75 7.30
C TYR A 74 0.19 3.10 7.01
N SER A 75 0.77 2.44 7.98
CA SER A 75 2.10 1.77 7.76
C SER A 75 2.07 0.36 8.33
N VAL A 76 2.85 -0.51 7.77
CA VAL A 76 2.91 -1.92 8.26
C VAL A 76 4.34 -2.45 8.10
N GLN A 77 4.62 -3.61 8.63
CA GLN A 77 5.99 -4.16 8.50
C GLN A 77 6.16 -4.75 7.10
N THR A 78 7.29 -4.52 6.49
CA THR A 78 7.54 -5.08 5.13
C THR A 78 9.03 -5.34 4.95
N THR A 79 9.39 -6.56 4.71
CA THR A 79 10.82 -6.89 4.52
C THR A 79 11.31 -6.24 3.23
N GLU A 80 10.39 -5.94 2.33
CA GLU A 80 10.77 -5.31 1.02
C GLU A 80 9.90 -4.10 0.76
N GLY A 81 9.66 -3.30 1.78
CA GLY A 81 8.81 -2.09 1.58
C GLY A 81 9.34 -1.31 0.37
N GLU A 82 10.52 -1.61 -0.07
CA GLU A 82 11.10 -0.89 -1.25
C GLU A 82 10.38 -1.36 -2.52
N GLN A 83 10.43 -2.63 -2.78
CA GLN A 83 9.75 -3.16 -4.00
C GLN A 83 8.31 -2.66 -3.99
N ILE A 84 7.69 -2.73 -2.86
CA ILE A 84 6.29 -2.24 -2.76
C ILE A 84 6.27 -0.78 -3.19
N ALA A 85 7.33 -0.07 -2.93
CA ALA A 85 7.40 1.36 -3.33
C ALA A 85 7.86 1.45 -4.79
N GLN A 86 8.53 0.44 -5.26
CA GLN A 86 8.99 0.45 -6.68
C GLN A 86 7.85 0.00 -7.58
N LEU A 87 7.11 -0.96 -7.12
CA LEU A 87 5.96 -1.45 -7.94
C LEU A 87 4.89 -0.36 -7.94
N ILE A 88 4.71 0.26 -6.81
CA ILE A 88 3.72 1.35 -6.71
C ILE A 88 4.25 2.57 -7.47
N ALA A 89 5.47 2.94 -7.20
CA ALA A 89 6.06 4.11 -7.91
C ALA A 89 6.02 3.86 -9.41
N GLY A 90 5.84 2.63 -9.80
CA GLY A 90 5.80 2.30 -11.26
C GLY A 90 4.36 2.36 -11.77
N TYR A 91 3.39 2.17 -10.92
CA TYR A 91 1.98 2.22 -11.39
C TYR A 91 1.51 3.68 -11.44
N ILE A 92 2.07 4.51 -10.62
CA ILE A 92 1.65 5.94 -10.60
C ILE A 92 2.05 6.62 -11.91
N ASP A 93 3.04 6.10 -12.58
CA ASP A 93 3.47 6.72 -13.87
C ASP A 93 2.61 6.19 -15.02
N ILE A 94 1.97 5.08 -14.83
CA ILE A 94 1.13 4.49 -15.91
C ILE A 94 -0.29 5.09 -15.87
N ILE A 95 -0.71 5.57 -14.73
CA ILE A 95 -2.07 6.16 -14.63
C ILE A 95 -2.02 7.61 -15.07
N LEU A 96 -0.91 8.24 -14.86
CA LEU A 96 -0.77 9.68 -15.23
C LEU A 96 -0.51 9.83 -16.74
N LYS A 97 0.09 8.86 -17.36
CA LYS A 97 0.36 8.98 -18.82
C LYS A 97 -0.95 8.81 -19.60
N LYS A 98 -1.72 7.81 -19.27
CA LYS A 98 -3.00 7.59 -19.99
C LYS A 98 -3.84 8.88 -19.95
N LYS A 99 -3.71 9.64 -18.90
CA LYS A 99 -4.48 10.90 -18.80
C LYS A 99 -4.09 11.85 -19.94
N LYS A 100 -2.86 11.79 -20.38
CA LYS A 100 -2.41 12.69 -21.49
C LYS A 100 -1.31 11.98 -22.29
N SER B 1 14.04 13.61 4.12
CA SER B 1 14.06 13.40 2.64
C SER B 1 12.72 12.81 2.18
N TRP B 2 12.33 11.71 2.75
CA TRP B 2 11.03 11.09 2.35
C TRP B 2 10.99 10.94 0.82
N VAL B 3 9.86 10.54 0.30
CA VAL B 3 9.71 10.38 -1.19
C VAL B 3 8.26 10.70 -1.55
N PTR B 4 8.06 11.39 -2.64
CA PTR B 4 6.67 11.77 -3.07
C PTR B 4 6.37 11.20 -4.45
O PTR B 4 7.09 10.36 -4.96
CB PTR B 4 6.55 13.29 -3.11
CG PTR B 4 6.49 13.84 -1.70
CD1 PTR B 4 7.61 13.74 -0.85
CD2 PTR B 4 5.32 14.47 -1.24
CE1 PTR B 4 7.56 14.25 0.45
CE2 PTR B 4 5.27 14.98 0.06
CZ PTR B 4 6.39 14.87 0.90
OH PTR B 4 6.33 15.42 2.28
P PTR B 4 6.64 16.86 2.24
O1P PTR B 4 8.10 17.05 2.06
O2P PTR B 4 6.21 17.49 3.51
O3P PTR B 4 5.92 17.49 1.10
H PTR B 4 8.82 11.68 -3.18
HA PTR B 4 5.94 11.37 -2.37
HB2 PTR B 4 5.66 13.58 -3.64
HB3 PTR B 4 7.41 13.70 -3.62
HD1 PTR B 4 8.51 13.26 -1.21
HD2 PTR B 4 4.47 14.55 -1.88
HE1 PTR B 4 8.41 14.17 1.09
HE2 PTR B 4 4.38 15.46 0.42
N SER B 5 5.33 11.67 -5.08
CA SER B 5 4.97 11.18 -6.45
C SER B 5 4.49 12.38 -7.28
N PRO B 6 4.45 12.22 -8.59
CA PRO B 6 3.99 13.32 -9.48
C PRO B 6 2.54 13.69 -9.13
N LEU B 7 1.78 12.76 -8.60
CA LEU B 7 0.38 13.06 -8.25
C LEU B 7 0.31 14.38 -7.49
N HIS B 8 -0.81 15.06 -7.55
CA HIS B 8 -0.92 16.36 -6.82
C HIS B 8 -0.69 16.13 -5.33
N LEU A 1 -12.61 -14.30 -6.95
CA LEU A 1 -11.21 -13.86 -7.21
C LEU A 1 -11.17 -12.33 -7.31
N LYS A 2 -11.50 -11.66 -6.24
CA LYS A 2 -11.48 -10.19 -6.26
C LYS A 2 -10.04 -9.70 -6.47
N THR A 3 -9.12 -10.63 -6.63
CA THR A 3 -7.69 -10.27 -6.85
C THR A 3 -7.29 -10.72 -8.25
N TYR A 4 -8.15 -10.50 -9.20
CA TYR A 4 -7.85 -10.93 -10.60
C TYR A 4 -6.50 -10.37 -11.05
N GLY A 5 -5.51 -11.22 -11.14
CA GLY A 5 -4.15 -10.76 -11.58
C GLY A 5 -3.73 -9.52 -10.79
N VAL A 6 -3.53 -9.66 -9.51
CA VAL A 6 -3.10 -8.51 -8.66
C VAL A 6 -1.87 -8.92 -7.84
N SER A 7 -0.91 -8.06 -7.69
CA SER A 7 0.32 -8.41 -6.92
C SER A 7 0.06 -8.23 -5.42
N PHE A 8 -0.21 -9.31 -4.75
CA PHE A 8 -0.46 -9.24 -3.27
C PHE A 8 0.89 -9.30 -2.54
N PHE A 9 0.99 -8.63 -1.41
CA PHE A 9 2.27 -8.64 -0.64
C PHE A 9 1.96 -9.04 0.81
N LEU A 10 2.67 -9.99 1.34
CA LEU A 10 2.42 -10.40 2.75
C LEU A 10 3.04 -9.38 3.69
N VAL A 11 2.22 -8.53 4.25
CA VAL A 11 2.71 -7.51 5.21
C VAL A 11 2.12 -7.85 6.57
N LYS A 12 2.83 -7.59 7.63
CA LYS A 12 2.31 -7.92 8.99
C LYS A 12 1.91 -6.64 9.70
N GLU A 13 0.78 -6.66 10.34
CA GLU A 13 0.30 -5.46 11.09
C GLU A 13 0.43 -5.75 12.58
N LYS A 14 0.44 -4.74 13.40
CA LYS A 14 0.59 -4.95 14.87
C LYS A 14 -0.71 -4.53 15.57
N MET A 15 -1.54 -5.46 15.94
CA MET A 15 -2.80 -5.09 16.63
C MET A 15 -2.47 -4.59 18.03
N LYS A 16 -3.31 -3.75 18.53
CA LYS A 16 -3.12 -3.17 19.90
C LYS A 16 -3.07 -4.28 20.96
N GLY A 17 -4.20 -4.67 21.48
CA GLY A 17 -4.27 -5.71 22.54
C GLY A 17 -3.22 -6.80 22.32
N LYS A 18 -2.85 -7.05 21.09
CA LYS A 18 -1.83 -8.13 20.83
C LYS A 18 -0.46 -7.51 20.59
N ASN A 19 0.51 -7.92 21.35
CA ASN A 19 1.89 -7.42 21.12
C ASN A 19 2.39 -8.22 19.92
N LYS A 20 1.56 -9.10 19.46
CA LYS A 20 1.88 -9.97 18.30
C LYS A 20 1.69 -9.19 17.00
N LEU A 21 1.79 -9.88 15.90
CA LEU A 21 1.63 -9.26 14.56
C LEU A 21 0.47 -9.94 13.83
N VAL A 22 -0.11 -9.30 12.86
CA VAL A 22 -1.26 -9.91 12.10
C VAL A 22 -0.92 -9.92 10.59
N PRO A 23 -0.78 -11.09 9.98
CA PRO A 23 -0.48 -11.16 8.53
C PRO A 23 -1.57 -10.45 7.72
N ARG A 24 -1.19 -9.88 6.60
CA ARG A 24 -2.18 -9.17 5.74
C ARG A 24 -1.66 -9.18 4.30
N LEU A 25 -2.54 -9.27 3.33
CA LEU A 25 -2.08 -9.27 1.90
C LEU A 25 -2.44 -7.90 1.30
N LEU A 26 -1.58 -7.35 0.46
CA LEU A 26 -1.84 -6.00 -0.13
C LEU A 26 -1.70 -6.06 -1.66
N GLY A 27 -2.80 -5.96 -2.35
CA GLY A 27 -2.78 -5.98 -3.84
C GLY A 27 -2.53 -4.58 -4.39
N ILE A 28 -1.52 -4.43 -5.21
CA ILE A 28 -1.22 -3.09 -5.81
C ILE A 28 -1.79 -3.06 -7.23
N THR A 29 -2.80 -2.27 -7.45
CA THR A 29 -3.40 -2.19 -8.82
C THR A 29 -2.85 -0.95 -9.53
N LYS A 30 -3.02 -0.86 -10.81
CA LYS A 30 -2.50 0.31 -11.55
C LYS A 30 -3.37 1.54 -11.24
N GLU A 31 -4.55 1.32 -10.72
CA GLU A 31 -5.48 2.44 -10.39
C GLU A 31 -5.67 2.55 -8.88
N CYS A 32 -5.26 1.57 -8.12
CA CYS A 32 -5.48 1.67 -6.64
C CYS A 32 -4.80 0.49 -5.92
N VAL A 33 -4.66 0.61 -4.62
CA VAL A 33 -4.06 -0.48 -3.80
C VAL A 33 -5.20 -1.14 -3.03
N MET A 34 -5.33 -2.45 -3.07
CA MET A 34 -6.47 -3.11 -2.34
C MET A 34 -6.00 -3.74 -1.04
N ARG A 35 -6.81 -3.65 -0.02
CA ARG A 35 -6.43 -4.28 1.28
C ARG A 35 -7.00 -5.68 1.28
N VAL A 36 -6.20 -6.68 1.52
CA VAL A 36 -6.71 -8.08 1.51
C VAL A 36 -6.25 -8.81 2.77
N ASP A 37 -7.19 -9.32 3.51
CA ASP A 37 -6.84 -10.06 4.76
C ASP A 37 -6.13 -11.35 4.37
N GLU A 38 -5.24 -11.81 5.19
CA GLU A 38 -4.51 -13.06 4.89
C GLU A 38 -5.32 -14.20 5.47
N LYS A 39 -6.19 -13.85 6.36
CA LYS A 39 -7.06 -14.85 7.02
C LYS A 39 -8.21 -15.22 6.07
N THR A 40 -8.89 -14.23 5.57
CA THR A 40 -10.04 -14.51 4.65
C THR A 40 -9.60 -14.34 3.19
N LYS A 41 -8.39 -13.89 2.96
CA LYS A 41 -7.93 -13.74 1.55
C LYS A 41 -8.97 -12.91 0.77
N GLU A 42 -9.79 -12.15 1.47
CA GLU A 42 -10.83 -11.32 0.79
C GLU A 42 -10.40 -9.85 0.80
N VAL A 43 -11.00 -9.04 -0.02
CA VAL A 43 -10.63 -7.59 -0.06
C VAL A 43 -11.36 -6.86 1.07
N ILE A 44 -10.65 -6.05 1.81
CA ILE A 44 -11.29 -5.30 2.95
C ILE A 44 -11.35 -3.80 2.61
N GLN A 45 -10.45 -3.30 1.81
CA GLN A 45 -10.49 -1.85 1.49
C GLN A 45 -9.65 -1.54 0.25
N GLU A 46 -9.83 -0.38 -0.30
CA GLU A 46 -9.08 0.05 -1.52
C GLU A 46 -8.72 1.53 -1.41
N TRP A 47 -7.71 1.96 -2.14
CA TRP A 47 -7.29 3.39 -2.09
C TRP A 47 -6.95 3.87 -3.50
N SER A 48 -7.23 5.11 -3.81
CA SER A 48 -6.90 5.64 -5.16
C SER A 48 -5.41 6.00 -5.20
N LEU A 49 -4.71 5.56 -6.20
CA LEU A 49 -3.26 5.87 -6.28
C LEU A 49 -3.08 7.39 -6.19
N THR A 50 -4.04 8.14 -6.66
CA THR A 50 -3.93 9.62 -6.60
C THR A 50 -4.14 10.09 -5.16
N ASN A 51 -4.45 9.17 -4.28
CA ASN A 51 -4.67 9.56 -2.85
C ASN A 51 -3.34 9.49 -2.09
N ILE A 52 -2.52 8.53 -2.42
CA ILE A 52 -1.21 8.41 -1.71
C ILE A 52 -0.38 9.68 -1.92
N LYS A 53 -0.20 10.46 -0.89
CA LYS A 53 0.61 11.70 -1.02
C LYS A 53 2.09 11.34 -1.00
N ARG A 54 2.49 10.49 -0.10
CA ARG A 54 3.93 10.09 -0.03
C ARG A 54 4.02 8.70 0.61
N TRP A 55 5.22 8.19 0.74
CA TRP A 55 5.40 6.87 1.39
C TRP A 55 6.82 6.77 1.93
N ALA A 56 7.11 5.77 2.70
CA ALA A 56 8.47 5.61 3.25
C ALA A 56 8.76 4.11 3.39
N ALA A 57 9.68 3.60 2.62
CA ALA A 57 9.99 2.13 2.68
C ALA A 57 11.21 1.87 3.54
N SER A 58 11.16 0.85 4.36
CA SER A 58 12.31 0.49 5.23
C SER A 58 12.67 -0.98 4.95
N PRO A 59 13.86 -1.40 5.31
CA PRO A 59 14.30 -2.78 5.09
C PRO A 59 13.36 -3.76 5.80
N LYS A 60 12.33 -3.27 6.46
CA LYS A 60 11.42 -4.19 7.18
C LYS A 60 9.99 -3.65 7.24
N SER A 61 9.81 -2.38 7.00
CA SER A 61 8.42 -1.78 7.08
C SER A 61 8.09 -0.96 5.83
N PHE A 62 6.86 -0.54 5.74
CA PHE A 62 6.39 0.28 4.57
C PHE A 62 5.32 1.24 5.08
N THR A 63 5.30 2.47 4.61
CA THR A 63 4.29 3.46 5.11
C THR A 63 3.72 4.29 3.95
N LEU A 64 2.47 4.69 4.07
CA LEU A 64 1.82 5.53 3.00
C LEU A 64 1.17 6.75 3.63
N ASP A 65 0.85 7.73 2.83
CA ASP A 65 0.19 8.98 3.33
C ASP A 65 -0.99 9.31 2.42
N PHE A 66 -2.18 9.37 2.96
CA PHE A 66 -3.37 9.70 2.11
C PHE A 66 -3.76 11.16 2.34
N GLY A 67 -3.01 11.85 3.14
CA GLY A 67 -3.32 13.28 3.42
C GLY A 67 -4.60 13.37 4.25
N ASP A 68 -5.24 12.25 4.47
CA ASP A 68 -6.50 12.26 5.28
C ASP A 68 -6.14 12.19 6.77
N TYR A 69 -6.11 13.31 7.44
CA TYR A 69 -5.78 13.31 8.89
C TYR A 69 -6.54 12.20 9.60
N GLN A 70 -7.83 12.12 9.38
CA GLN A 70 -8.64 11.07 10.03
C GLN A 70 -7.98 9.70 9.84
N ASP A 71 -7.76 9.31 8.62
CA ASP A 71 -7.13 7.99 8.37
C ASP A 71 -5.68 8.02 8.84
N GLY A 72 -5.04 9.15 8.72
CA GLY A 72 -3.63 9.26 9.16
C GLY A 72 -2.75 8.39 8.27
N TYR A 73 -1.51 8.22 8.62
CA TYR A 73 -0.60 7.38 7.78
C TYR A 73 -0.99 5.92 7.93
N TYR A 74 -0.46 5.08 7.09
CA TYR A 74 -0.75 3.62 7.15
C TYR A 74 0.58 2.87 7.08
N SER A 75 1.01 2.33 8.19
CA SER A 75 2.31 1.60 8.24
C SER A 75 2.09 0.13 8.60
N VAL A 76 2.92 -0.73 8.06
CA VAL A 76 2.81 -2.19 8.36
C VAL A 76 4.20 -2.80 8.18
N GLN A 77 4.40 -4.01 8.65
CA GLN A 77 5.73 -4.65 8.50
C GLN A 77 5.87 -5.20 7.08
N THR A 78 6.99 -4.95 6.44
CA THR A 78 7.20 -5.45 5.05
C THR A 78 8.67 -5.79 4.85
N THR A 79 8.95 -7.00 4.46
CA THR A 79 10.37 -7.38 4.22
C THR A 79 10.82 -6.74 2.91
N GLU A 80 9.89 -6.35 2.08
CA GLU A 80 10.22 -5.72 0.78
C GLU A 80 9.48 -4.39 0.65
N GLY A 81 9.34 -3.67 1.71
CA GLY A 81 8.65 -2.36 1.65
C GLY A 81 9.25 -1.52 0.52
N GLU A 82 10.36 -1.95 0.00
CA GLU A 82 11.02 -1.18 -1.10
C GLU A 82 10.32 -1.52 -2.42
N GLN A 83 10.29 -2.76 -2.78
CA GLN A 83 9.63 -3.17 -4.05
C GLN A 83 8.22 -2.62 -4.05
N ILE A 84 7.52 -2.83 -2.97
CA ILE A 84 6.13 -2.30 -2.89
C ILE A 84 6.16 -0.82 -3.24
N ALA A 85 7.26 -0.18 -2.98
CA ALA A 85 7.39 1.27 -3.30
C ALA A 85 7.81 1.41 -4.77
N GLN A 86 8.55 0.46 -5.27
CA GLN A 86 9.00 0.53 -6.69
C GLN A 86 7.86 0.07 -7.59
N LEU A 87 7.10 -0.89 -7.14
CA LEU A 87 5.97 -1.39 -7.95
C LEU A 87 4.89 -0.31 -7.94
N ILE A 88 4.69 0.30 -6.82
CA ILE A 88 3.66 1.36 -6.71
C ILE A 88 4.20 2.63 -7.38
N ALA A 89 5.41 2.99 -7.09
CA ALA A 89 5.99 4.22 -7.71
C ALA A 89 5.99 4.05 -9.22
N GLY A 90 5.83 2.83 -9.68
CA GLY A 90 5.83 2.58 -11.16
C GLY A 90 4.42 2.74 -11.73
N TYR A 91 3.40 2.54 -10.93
CA TYR A 91 2.01 2.68 -11.46
C TYR A 91 1.59 4.15 -11.42
N ILE A 92 2.23 4.94 -10.60
CA ILE A 92 1.84 6.38 -10.50
C ILE A 92 2.25 7.11 -11.77
N ASP A 93 3.26 6.65 -12.45
CA ASP A 93 3.71 7.33 -13.70
C ASP A 93 2.88 6.86 -14.89
N ILE A 94 2.22 5.73 -14.75
CA ILE A 94 1.41 5.19 -15.88
C ILE A 94 -0.01 5.78 -15.84
N ILE A 95 -0.45 6.19 -14.69
CA ILE A 95 -1.82 6.78 -14.58
C ILE A 95 -1.75 8.25 -14.98
N LEU A 96 -0.67 8.89 -14.64
CA LEU A 96 -0.51 10.33 -14.97
C LEU A 96 -0.27 10.48 -16.48
N LYS A 97 0.20 9.45 -17.11
CA LYS A 97 0.48 9.52 -18.57
C LYS A 97 -0.81 9.37 -19.38
N LYS A 98 -1.61 8.39 -19.05
CA LYS A 98 -2.87 8.17 -19.80
C LYS A 98 -3.82 9.37 -19.62
N LYS A 99 -3.96 9.85 -18.41
CA LYS A 99 -4.88 11.00 -18.19
C LYS A 99 -4.18 12.30 -18.60
N LYS A 100 -2.93 12.24 -18.94
CA LYS A 100 -2.19 13.46 -19.34
C LYS A 100 -2.32 14.52 -18.24
N SER B 1 15.46 12.10 2.22
CA SER B 1 14.42 12.41 3.24
C SER B 1 13.04 12.07 2.70
N TRP B 2 12.41 11.06 3.25
CA TRP B 2 11.05 10.68 2.75
C TRP B 2 11.10 10.55 1.23
N VAL B 3 9.97 10.27 0.63
CA VAL B 3 9.90 10.14 -0.85
C VAL B 3 8.48 10.51 -1.29
N PTR B 4 8.36 11.29 -2.33
CA PTR B 4 7.01 11.72 -2.83
C PTR B 4 6.78 11.22 -4.25
O PTR B 4 7.59 10.52 -4.82
CB PTR B 4 6.95 13.26 -2.82
CG PTR B 4 6.77 13.76 -1.39
CD1 PTR B 4 7.78 13.56 -0.44
CD2 PTR B 4 5.60 14.43 -1.04
CE1 PTR B 4 7.62 14.02 0.86
CE2 PTR B 4 5.43 14.90 0.28
CZ PTR B 4 6.44 14.70 1.23
OH PTR B 4 6.27 15.19 2.61
P PTR B 4 6.63 16.62 2.65
O1P PTR B 4 6.43 17.15 4.02
O2P PTR B 4 5.78 17.39 1.71
O3P PTR B 4 8.06 16.78 2.27
H PTR B 4 9.17 11.60 -2.80
HA PTR B 4 6.24 11.34 -2.18
HB2 PTR B 4 6.12 13.59 -3.42
HB3 PTR B 4 7.88 13.64 -3.22
HD1 PTR B 4 8.68 13.04 -0.72
HD2 PTR B 4 4.82 14.59 -1.76
HE1 PTR B 4 8.40 13.86 1.59
HE2 PTR B 4 4.53 15.42 0.55
N SER B 5 5.67 11.59 -4.84
CA SER B 5 5.34 11.16 -6.23
C SER B 5 5.01 12.41 -7.07
N PRO B 6 5.00 12.28 -8.38
CA PRO B 6 4.68 13.42 -9.25
C PRO B 6 3.25 13.90 -8.97
N LEU B 7 2.41 13.05 -8.44
CA LEU B 7 1.01 13.46 -8.15
C LEU B 7 1.01 14.81 -7.44
N HIS B 8 -0.13 15.44 -7.34
CA HIS B 8 -0.20 16.76 -6.66
C HIS B 8 0.30 16.62 -5.23
#